data_2G3Y
# 
_entry.id   2G3Y 
# 
_audit_conform.dict_name       mmcif_pdbx.dic 
_audit_conform.dict_version    5.377 
_audit_conform.dict_location   http://mmcif.pdb.org/dictionaries/ascii/mmcif_pdbx.dic 
# 
loop_
_database_2.database_id 
_database_2.database_code 
_database_2.pdbx_database_accession 
_database_2.pdbx_DOI 
PDB   2G3Y         pdb_00002g3y 10.2210/pdb2g3y/pdb 
RCSB  RCSB036657   ?            ?                   
WWPDB D_1000036657 ?            ?                   
# 
loop_
_pdbx_database_related.db_name 
_pdbx_database_related.db_id 
_pdbx_database_related.details 
_pdbx_database_related.content_type 
PDB 2RAP 'The small G Protein RAP2A in complex with GTP'           unspecified 
PDB 1KAO 'Crystal structure of the small G protein RAP2A with GDP' unspecified 
# 
_pdbx_database_status.status_code                     REL 
_pdbx_database_status.entry_id                        2G3Y 
_pdbx_database_status.recvd_initial_deposition_date   2006-02-21 
_pdbx_database_status.deposit_site                    RCSB 
_pdbx_database_status.process_site                    RCSB 
_pdbx_database_status.status_code_sf                  REL 
_pdbx_database_status.status_code_mr                  ? 
_pdbx_database_status.SG_entry                        Y 
_pdbx_database_status.pdb_format_compatible           Y 
_pdbx_database_status.status_code_cs                  ? 
_pdbx_database_status.status_code_nmr_data            ? 
_pdbx_database_status.methods_development_category    ? 
# 
loop_
_audit_author.name 
_audit_author.pdbx_ordinal 
'Ugochukwu, E.'                        1  
'Soundararajan, M.'                    2  
'Elkins, J.'                           3  
'Gileadi, C.'                          4  
'Schoch, G.'                           5  
'Sobott, F.'                           6  
'Fedorov, O.'                          7  
'Bray, J.'                             8  
'Pantic, N.'                           9  
'Berridge, G.'                         10 
'Burgess, N.'                          11 
'Lee, W.H.'                            12 
'Turnbull, A.'                         13 
'Sundstrom, M.'                        14 
'Arrowsmith, C.'                       15 
'Weigelt, J.'                          16 
'Edwards, A.'                          17 
'von Delft, F.'                        18 
'Doyle, D.'                            19 
'Structural Genomics Consortium (SGC)' 20 
# 
_citation.id                        primary 
_citation.title                     'Crystal structure of the human small GTPase GEM' 
_citation.journal_abbrev            'To be Published' 
_citation.journal_volume            ? 
_citation.page_first                ? 
_citation.page_last                 ? 
_citation.year                      ? 
_citation.journal_id_ASTM           ? 
_citation.country                   ? 
_citation.journal_id_ISSN           ? 
_citation.journal_id_CSD            0353 
_citation.book_publisher            ? 
_citation.pdbx_database_id_PubMed   ? 
_citation.pdbx_database_id_DOI      ? 
# 
loop_
_citation_author.citation_id 
_citation_author.name 
_citation_author.ordinal 
_citation_author.identifier_ORCID 
primary 'Ugochukwu, E.'     1 ? 
primary 'Soundararajan, M.' 2 ? 
primary 'Elkins, J.'        3 ? 
primary 'Schoch, G.'        4 ? 
primary 'Gileadi, C.'       5 ? 
primary 'Doyle, D.'         6 ? 
# 
_cell.entry_id           2G3Y 
_cell.length_a           51.242 
_cell.length_b           51.242 
_cell.length_c           173.873 
_cell.angle_alpha        90.00 
_cell.angle_beta         90.00 
_cell.angle_gamma        90.00 
_cell.Z_PDB              8 
_cell.pdbx_unique_axis   ? 
_cell.length_a_esd       ? 
_cell.length_b_esd       ? 
_cell.length_c_esd       ? 
_cell.angle_alpha_esd    ? 
_cell.angle_beta_esd     ? 
_cell.angle_gamma_esd    ? 
# 
_symmetry.entry_id                         2G3Y 
_symmetry.space_group_name_H-M             'P 43 21 2' 
_symmetry.pdbx_full_space_group_name_H-M   ? 
_symmetry.cell_setting                     ? 
_symmetry.Int_Tables_number                96 
_symmetry.space_group_name_Hall            ? 
# 
loop_
_entity.id 
_entity.type 
_entity.src_method 
_entity.pdbx_description 
_entity.formula_weight 
_entity.pdbx_number_of_molecules 
_entity.pdbx_ec 
_entity.pdbx_mutation 
_entity.pdbx_fragment 
_entity.details 
1 polymer     man 'GTP-binding protein GEM'  23854.738 1  ? ? GEM ? 
2 non-polymer syn "GUANOSINE-5'-DIPHOSPHATE" 443.201   1  ? ? ?   ? 
3 water       nat water                      18.015    35 ? ? ?   ? 
# 
_entity_name_com.entity_id   1 
_entity_name_com.name        'GTP-binding mitogen-induced T-cell protein, RAS-like protein KIR' 
# 
_entity_poly.entity_id                      1 
_entity_poly.type                           'polypeptide(L)' 
_entity_poly.nstd_linkage                   no 
_entity_poly.nstd_monomer                   no 
_entity_poly.pdbx_seq_one_letter_code       
;MHHHHHHSSGVDLGTENLYFQSMSTDSVISSESGNTYYRVVLIGEQGVGKSTLANIFAGVHDSMDSDCEVLGEDTYERTL
MVDGESATIILLDMWENKGENEWLHDHCMQVGDAYLIVYSITDRASFEKASELRIQLRRARQTEDIPIILVGNKSDLVRC
REVSVSEGRACAVVFDCKFIETSAAVQHNVKELFEGIVRQVRLRRDSKEKN
;
_entity_poly.pdbx_seq_one_letter_code_can   
;MHHHHHHSSGVDLGTENLYFQSMSTDSVISSESGNTYYRVVLIGEQGVGKSTLANIFAGVHDSMDSDCEVLGEDTYERTL
MVDGESATIILLDMWENKGENEWLHDHCMQVGDAYLIVYSITDRASFEKASELRIQLRRARQTEDIPIILVGNKSDLVRC
REVSVSEGRACAVVFDCKFIETSAAVQHNVKELFEGIVRQVRLRRDSKEKN
;
_entity_poly.pdbx_strand_id                 A 
_entity_poly.pdbx_target_identifier         ? 
# 
loop_
_entity_poly_seq.entity_id 
_entity_poly_seq.num 
_entity_poly_seq.mon_id 
_entity_poly_seq.hetero 
1 1   MET n 
1 2   HIS n 
1 3   HIS n 
1 4   HIS n 
1 5   HIS n 
1 6   HIS n 
1 7   HIS n 
1 8   SER n 
1 9   SER n 
1 10  GLY n 
1 11  VAL n 
1 12  ASP n 
1 13  LEU n 
1 14  GLY n 
1 15  THR n 
1 16  GLU n 
1 17  ASN n 
1 18  LEU n 
1 19  TYR n 
1 20  PHE n 
1 21  GLN n 
1 22  SER n 
1 23  MET n 
1 24  SER n 
1 25  THR n 
1 26  ASP n 
1 27  SER n 
1 28  VAL n 
1 29  ILE n 
1 30  SER n 
1 31  SER n 
1 32  GLU n 
1 33  SER n 
1 34  GLY n 
1 35  ASN n 
1 36  THR n 
1 37  TYR n 
1 38  TYR n 
1 39  ARG n 
1 40  VAL n 
1 41  VAL n 
1 42  LEU n 
1 43  ILE n 
1 44  GLY n 
1 45  GLU n 
1 46  GLN n 
1 47  GLY n 
1 48  VAL n 
1 49  GLY n 
1 50  LYS n 
1 51  SER n 
1 52  THR n 
1 53  LEU n 
1 54  ALA n 
1 55  ASN n 
1 56  ILE n 
1 57  PHE n 
1 58  ALA n 
1 59  GLY n 
1 60  VAL n 
1 61  HIS n 
1 62  ASP n 
1 63  SER n 
1 64  MET n 
1 65  ASP n 
1 66  SER n 
1 67  ASP n 
1 68  CYS n 
1 69  GLU n 
1 70  VAL n 
1 71  LEU n 
1 72  GLY n 
1 73  GLU n 
1 74  ASP n 
1 75  THR n 
1 76  TYR n 
1 77  GLU n 
1 78  ARG n 
1 79  THR n 
1 80  LEU n 
1 81  MET n 
1 82  VAL n 
1 83  ASP n 
1 84  GLY n 
1 85  GLU n 
1 86  SER n 
1 87  ALA n 
1 88  THR n 
1 89  ILE n 
1 90  ILE n 
1 91  LEU n 
1 92  LEU n 
1 93  ASP n 
1 94  MET n 
1 95  TRP n 
1 96  GLU n 
1 97  ASN n 
1 98  LYS n 
1 99  GLY n 
1 100 GLU n 
1 101 ASN n 
1 102 GLU n 
1 103 TRP n 
1 104 LEU n 
1 105 HIS n 
1 106 ASP n 
1 107 HIS n 
1 108 CYS n 
1 109 MET n 
1 110 GLN n 
1 111 VAL n 
1 112 GLY n 
1 113 ASP n 
1 114 ALA n 
1 115 TYR n 
1 116 LEU n 
1 117 ILE n 
1 118 VAL n 
1 119 TYR n 
1 120 SER n 
1 121 ILE n 
1 122 THR n 
1 123 ASP n 
1 124 ARG n 
1 125 ALA n 
1 126 SER n 
1 127 PHE n 
1 128 GLU n 
1 129 LYS n 
1 130 ALA n 
1 131 SER n 
1 132 GLU n 
1 133 LEU n 
1 134 ARG n 
1 135 ILE n 
1 136 GLN n 
1 137 LEU n 
1 138 ARG n 
1 139 ARG n 
1 140 ALA n 
1 141 ARG n 
1 142 GLN n 
1 143 THR n 
1 144 GLU n 
1 145 ASP n 
1 146 ILE n 
1 147 PRO n 
1 148 ILE n 
1 149 ILE n 
1 150 LEU n 
1 151 VAL n 
1 152 GLY n 
1 153 ASN n 
1 154 LYS n 
1 155 SER n 
1 156 ASP n 
1 157 LEU n 
1 158 VAL n 
1 159 ARG n 
1 160 CYS n 
1 161 ARG n 
1 162 GLU n 
1 163 VAL n 
1 164 SER n 
1 165 VAL n 
1 166 SER n 
1 167 GLU n 
1 168 GLY n 
1 169 ARG n 
1 170 ALA n 
1 171 CYS n 
1 172 ALA n 
1 173 VAL n 
1 174 VAL n 
1 175 PHE n 
1 176 ASP n 
1 177 CYS n 
1 178 LYS n 
1 179 PHE n 
1 180 ILE n 
1 181 GLU n 
1 182 THR n 
1 183 SER n 
1 184 ALA n 
1 185 ALA n 
1 186 VAL n 
1 187 GLN n 
1 188 HIS n 
1 189 ASN n 
1 190 VAL n 
1 191 LYS n 
1 192 GLU n 
1 193 LEU n 
1 194 PHE n 
1 195 GLU n 
1 196 GLY n 
1 197 ILE n 
1 198 VAL n 
1 199 ARG n 
1 200 GLN n 
1 201 VAL n 
1 202 ARG n 
1 203 LEU n 
1 204 ARG n 
1 205 ARG n 
1 206 ASP n 
1 207 SER n 
1 208 LYS n 
1 209 GLU n 
1 210 LYS n 
1 211 ASN n 
# 
_entity_src_gen.entity_id                          1 
_entity_src_gen.pdbx_src_id                        1 
_entity_src_gen.pdbx_alt_source_flag               sample 
_entity_src_gen.pdbx_seq_type                      ? 
_entity_src_gen.pdbx_beg_seq_num                   ? 
_entity_src_gen.pdbx_end_seq_num                   ? 
_entity_src_gen.gene_src_common_name               human 
_entity_src_gen.gene_src_genus                     Homo 
_entity_src_gen.pdbx_gene_src_gene                 'GEM, KIR' 
_entity_src_gen.gene_src_species                   ? 
_entity_src_gen.gene_src_strain                    ? 
_entity_src_gen.gene_src_tissue                    ? 
_entity_src_gen.gene_src_tissue_fraction           ? 
_entity_src_gen.gene_src_details                   ? 
_entity_src_gen.pdbx_gene_src_fragment             ? 
_entity_src_gen.pdbx_gene_src_scientific_name      'Homo sapiens' 
_entity_src_gen.pdbx_gene_src_ncbi_taxonomy_id     9606 
_entity_src_gen.pdbx_gene_src_variant              ? 
_entity_src_gen.pdbx_gene_src_cell_line            ? 
_entity_src_gen.pdbx_gene_src_atcc                 ? 
_entity_src_gen.pdbx_gene_src_organ                ? 
_entity_src_gen.pdbx_gene_src_organelle            ? 
_entity_src_gen.pdbx_gene_src_cell                 ? 
_entity_src_gen.pdbx_gene_src_cellular_location    ? 
_entity_src_gen.host_org_common_name               ? 
_entity_src_gen.pdbx_host_org_scientific_name      'Escherichia coli' 
_entity_src_gen.pdbx_host_org_ncbi_taxonomy_id     562 
_entity_src_gen.host_org_genus                     Escherichia 
_entity_src_gen.pdbx_host_org_gene                 ? 
_entity_src_gen.pdbx_host_org_organ                ? 
_entity_src_gen.host_org_species                   ? 
_entity_src_gen.pdbx_host_org_tissue               ? 
_entity_src_gen.pdbx_host_org_tissue_fraction      ? 
_entity_src_gen.pdbx_host_org_strain               'BL21 (DE3)-R3' 
_entity_src_gen.pdbx_host_org_variant              ? 
_entity_src_gen.pdbx_host_org_cell_line            ? 
_entity_src_gen.pdbx_host_org_atcc                 ? 
_entity_src_gen.pdbx_host_org_culture_collection   ? 
_entity_src_gen.pdbx_host_org_cell                 ? 
_entity_src_gen.pdbx_host_org_organelle            ? 
_entity_src_gen.pdbx_host_org_cellular_location    ? 
_entity_src_gen.pdbx_host_org_vector_type          plasmid 
_entity_src_gen.pdbx_host_org_vector               ? 
_entity_src_gen.host_org_details                   ? 
_entity_src_gen.expression_system_id               ? 
_entity_src_gen.plasmid_name                       pNIC28-Bsa4 
_entity_src_gen.plasmid_details                    ? 
_entity_src_gen.pdbx_description                   ? 
# 
_struct_ref.id                         1 
_struct_ref.db_name                    UNP 
_struct_ref.db_code                    GEM_HUMAN 
_struct_ref.pdbx_db_accession          P55040 
_struct_ref.entity_id                  1 
_struct_ref.pdbx_seq_one_letter_code   
;STDSVISSESGNTYYRVVLIGEQGVGKSTLANIFAGVHDSMDSDCEVLGEDTYERTLMVDGESATIILLDMWENKGENEW
LHDHCMQVGDAYLIVYSITDRASFEKASELRIQLRRARQTEDIPIILVGNKSDLVRCREVSVSEGRACAVVFDCKFIETS
AAVQHNVKELFEGIVRQVRLRRDSKEKN
;
_struct_ref.pdbx_align_begin           62 
_struct_ref.pdbx_db_isoform            ? 
# 
_struct_ref_seq.align_id                      1 
_struct_ref_seq.ref_id                        1 
_struct_ref_seq.pdbx_PDB_id_code              2G3Y 
_struct_ref_seq.pdbx_strand_id                A 
_struct_ref_seq.seq_align_beg                 24 
_struct_ref_seq.pdbx_seq_align_beg_ins_code   ? 
_struct_ref_seq.seq_align_end                 211 
_struct_ref_seq.pdbx_seq_align_end_ins_code   ? 
_struct_ref_seq.pdbx_db_accession             P55040 
_struct_ref_seq.db_align_beg                  62 
_struct_ref_seq.pdbx_db_align_beg_ins_code    ? 
_struct_ref_seq.db_align_end                  249 
_struct_ref_seq.pdbx_db_align_end_ins_code    ? 
_struct_ref_seq.pdbx_auth_seq_align_beg       62 
_struct_ref_seq.pdbx_auth_seq_align_end       249 
# 
loop_
_struct_ref_seq_dif.align_id 
_struct_ref_seq_dif.pdbx_pdb_id_code 
_struct_ref_seq_dif.mon_id 
_struct_ref_seq_dif.pdbx_pdb_strand_id 
_struct_ref_seq_dif.seq_num 
_struct_ref_seq_dif.pdbx_pdb_ins_code 
_struct_ref_seq_dif.pdbx_seq_db_name 
_struct_ref_seq_dif.pdbx_seq_db_accession_code 
_struct_ref_seq_dif.db_mon_id 
_struct_ref_seq_dif.pdbx_seq_db_seq_num 
_struct_ref_seq_dif.details 
_struct_ref_seq_dif.pdbx_auth_seq_num 
_struct_ref_seq_dif.pdbx_ordinal 
1 2G3Y MET A 1  ? UNP P55040 ? ? 'cloning artifact' -22 1  
1 2G3Y HIS A 2  ? UNP P55040 ? ? 'expression tag'   -21 2  
1 2G3Y HIS A 3  ? UNP P55040 ? ? 'expression tag'   -20 3  
1 2G3Y HIS A 4  ? UNP P55040 ? ? 'expression tag'   -19 4  
1 2G3Y HIS A 5  ? UNP P55040 ? ? 'expression tag'   -18 5  
1 2G3Y HIS A 6  ? UNP P55040 ? ? 'expression tag'   -17 6  
1 2G3Y HIS A 7  ? UNP P55040 ? ? 'expression tag'   -16 7  
1 2G3Y SER A 8  ? UNP P55040 ? ? 'cloning artifact' -15 8  
1 2G3Y SER A 9  ? UNP P55040 ? ? 'cloning artifact' -14 9  
1 2G3Y GLY A 10 ? UNP P55040 ? ? 'cloning artifact' -13 10 
1 2G3Y VAL A 11 ? UNP P55040 ? ? 'cloning artifact' -12 11 
1 2G3Y ASP A 12 ? UNP P55040 ? ? 'cloning artifact' -11 12 
1 2G3Y LEU A 13 ? UNP P55040 ? ? 'cloning artifact' -10 13 
1 2G3Y GLY A 14 ? UNP P55040 ? ? 'cloning artifact' -9  14 
1 2G3Y THR A 15 ? UNP P55040 ? ? 'cloning artifact' -8  15 
1 2G3Y GLU A 16 ? UNP P55040 ? ? 'cloning artifact' -7  16 
1 2G3Y ASN A 17 ? UNP P55040 ? ? 'cloning artifact' -6  17 
1 2G3Y LEU A 18 ? UNP P55040 ? ? 'cloning artifact' -5  18 
1 2G3Y TYR A 19 ? UNP P55040 ? ? 'cloning artifact' -4  19 
1 2G3Y PHE A 20 ? UNP P55040 ? ? 'cloning artifact' -3  20 
1 2G3Y GLN A 21 ? UNP P55040 ? ? 'cloning artifact' -2  21 
1 2G3Y SER A 22 ? UNP P55040 ? ? 'cloning artifact' -1  22 
1 2G3Y MET A 23 ? UNP P55040 ? ? 'cloning artifact' 0   23 
# 
loop_
_chem_comp.id 
_chem_comp.type 
_chem_comp.mon_nstd_flag 
_chem_comp.name 
_chem_comp.pdbx_synonyms 
_chem_comp.formula 
_chem_comp.formula_weight 
ALA 'L-peptide linking' y ALANINE                    ? 'C3 H7 N O2'        89.093  
ARG 'L-peptide linking' y ARGININE                   ? 'C6 H15 N4 O2 1'    175.209 
ASN 'L-peptide linking' y ASPARAGINE                 ? 'C4 H8 N2 O3'       132.118 
ASP 'L-peptide linking' y 'ASPARTIC ACID'            ? 'C4 H7 N O4'        133.103 
CYS 'L-peptide linking' y CYSTEINE                   ? 'C3 H7 N O2 S'      121.158 
GDP 'RNA linking'       n "GUANOSINE-5'-DIPHOSPHATE" ? 'C10 H15 N5 O11 P2' 443.201 
GLN 'L-peptide linking' y GLUTAMINE                  ? 'C5 H10 N2 O3'      146.144 
GLU 'L-peptide linking' y 'GLUTAMIC ACID'            ? 'C5 H9 N O4'        147.129 
GLY 'peptide linking'   y GLYCINE                    ? 'C2 H5 N O2'        75.067  
HIS 'L-peptide linking' y HISTIDINE                  ? 'C6 H10 N3 O2 1'    156.162 
HOH non-polymer         . WATER                      ? 'H2 O'              18.015  
ILE 'L-peptide linking' y ISOLEUCINE                 ? 'C6 H13 N O2'       131.173 
LEU 'L-peptide linking' y LEUCINE                    ? 'C6 H13 N O2'       131.173 
LYS 'L-peptide linking' y LYSINE                     ? 'C6 H15 N2 O2 1'    147.195 
MET 'L-peptide linking' y METHIONINE                 ? 'C5 H11 N O2 S'     149.211 
PHE 'L-peptide linking' y PHENYLALANINE              ? 'C9 H11 N O2'       165.189 
PRO 'L-peptide linking' y PROLINE                    ? 'C5 H9 N O2'        115.130 
SER 'L-peptide linking' y SERINE                     ? 'C3 H7 N O3'        105.093 
THR 'L-peptide linking' y THREONINE                  ? 'C4 H9 N O3'        119.119 
TRP 'L-peptide linking' y TRYPTOPHAN                 ? 'C11 H12 N2 O2'     204.225 
TYR 'L-peptide linking' y TYROSINE                   ? 'C9 H11 N O3'       181.189 
VAL 'L-peptide linking' y VALINE                     ? 'C5 H11 N O2'       117.146 
# 
_exptl.entry_id          2G3Y 
_exptl.method            'X-RAY DIFFRACTION' 
_exptl.crystals_number   1 
# 
_exptl_crystal.id                    1 
_exptl_crystal.density_meas          ? 
_exptl_crystal.density_Matthews      2.39 
_exptl_crystal.density_percent_sol   48.58 
_exptl_crystal.description           ? 
_exptl_crystal.F_000                 ? 
_exptl_crystal.preparation           ? 
# 
_exptl_crystal_grow.crystal_id      1 
_exptl_crystal_grow.method          'VAPOR DIFFUSION, SITTING DROP' 
_exptl_crystal_grow.temp            293 
_exptl_crystal_grow.temp_details    ? 
_exptl_crystal_grow.pH              5 
_exptl_crystal_grow.pdbx_details    'PEG3350, Ammonium citrate, VAPOR DIFFUSION, SITTING DROP, temperature 293K' 
_exptl_crystal_grow.pdbx_pH_range   . 
# 
_diffrn.id                     1 
_diffrn.ambient_temp           100 
_diffrn.ambient_temp_details   ? 
_diffrn.crystal_id             1 
# 
_diffrn_detector.diffrn_id              1 
_diffrn_detector.detector               CCD 
_diffrn_detector.type                   'ADSC QUANTUM 210' 
_diffrn_detector.pdbx_collection_date   2006-01-24 
_diffrn_detector.details                ? 
# 
_diffrn_radiation.diffrn_id                        1 
_diffrn_radiation.wavelength_id                    1 
_diffrn_radiation.pdbx_monochromatic_or_laue_m_l   M 
_diffrn_radiation.monochromator                    ? 
_diffrn_radiation.pdbx_diffrn_protocol             'SINGLE WAVELENGTH' 
_diffrn_radiation.pdbx_scattering_type             x-ray 
# 
_diffrn_radiation_wavelength.id           1 
_diffrn_radiation_wavelength.wavelength   1.0 
_diffrn_radiation_wavelength.wt           1.0 
# 
_diffrn_source.diffrn_id                   1 
_diffrn_source.source                      SYNCHROTRON 
_diffrn_source.type                        'ALS BEAMLINE 8.2.1' 
_diffrn_source.pdbx_synchrotron_site       ALS 
_diffrn_source.pdbx_synchrotron_beamline   8.2.1 
_diffrn_source.pdbx_wavelength             ? 
_diffrn_source.pdbx_wavelength_list        1.0 
# 
_reflns.entry_id                     2G3Y 
_reflns.observed_criterion_sigma_I   0 
_reflns.observed_criterion_sigma_F   0 
_reflns.d_resolution_low             50 
_reflns.d_resolution_high            2.25 
_reflns.number_obs                   11803 
_reflns.number_all                   ? 
_reflns.percent_possible_obs         100 
_reflns.pdbx_Rmerge_I_obs            ? 
_reflns.pdbx_Rsym_value              ? 
_reflns.pdbx_netI_over_sigmaI        ? 
_reflns.B_iso_Wilson_estimate        ? 
_reflns.pdbx_redundancy              ? 
_reflns.R_free_details               ? 
_reflns.limit_h_max                  ? 
_reflns.limit_h_min                  ? 
_reflns.limit_k_max                  ? 
_reflns.limit_k_min                  ? 
_reflns.limit_l_max                  ? 
_reflns.limit_l_min                  ? 
_reflns.observed_criterion_F_max     ? 
_reflns.observed_criterion_F_min     ? 
_reflns.pdbx_chi_squared             ? 
_reflns.pdbx_scaling_rejects         ? 
_reflns.pdbx_ordinal                 1 
_reflns.pdbx_diffrn_id               1 
# 
_reflns_shell.d_res_high             2.25 
_reflns_shell.d_res_low              2.37 
_reflns_shell.percent_possible_all   100 
_reflns_shell.Rmerge_I_obs           ? 
_reflns_shell.pdbx_Rsym_value        ? 
_reflns_shell.meanI_over_sigI_obs    ? 
_reflns_shell.pdbx_redundancy        ? 
_reflns_shell.percent_possible_obs   ? 
_reflns_shell.number_unique_all      ? 
_reflns_shell.number_measured_all    ? 
_reflns_shell.number_measured_obs    ? 
_reflns_shell.number_unique_obs      ? 
_reflns_shell.pdbx_chi_squared       ? 
_reflns_shell.pdbx_ordinal           1 
_reflns_shell.pdbx_diffrn_id         1 
# 
_refine.entry_id                                 2G3Y 
_refine.ls_number_reflns_obs                     9339 
_refine.ls_number_reflns_all                     9339 
_refine.pdbx_ls_sigma_I                          ? 
_refine.pdbx_ls_sigma_F                          0 
_refine.pdbx_data_cutoff_high_absF               ? 
_refine.pdbx_data_cutoff_low_absF                ? 
_refine.pdbx_data_cutoff_high_rms_absF           ? 
_refine.ls_d_res_low                             50.00 
_refine.ls_d_res_high                            2.40 
_refine.ls_percent_reflns_obs                    99.96 
_refine.ls_R_factor_obs                          0.22039 
_refine.ls_R_factor_all                          0.22039 
_refine.ls_R_factor_R_work                       0.21803 
_refine.ls_R_factor_R_free                       0.26925 
_refine.ls_R_factor_R_free_error                 ? 
_refine.ls_R_factor_R_free_error_details         ? 
_refine.ls_percent_reflns_R_free                 4.7 
_refine.ls_number_reflns_R_free                  463 
_refine.ls_number_parameters                     ? 
_refine.ls_number_restraints                     ? 
_refine.occupancy_min                            ? 
_refine.occupancy_max                            ? 
_refine.correlation_coeff_Fo_to_Fc               0.940 
_refine.correlation_coeff_Fo_to_Fc_free          0.909 
_refine.B_iso_mean                               42.890 
_refine.aniso_B[1][1]                            0.90 
_refine.aniso_B[2][2]                            0.90 
_refine.aniso_B[3][3]                            -1.80 
_refine.aniso_B[1][2]                            0.00 
_refine.aniso_B[1][3]                            0.00 
_refine.aniso_B[2][3]                            0.00 
_refine.solvent_model_details                    MASK 
_refine.solvent_model_param_ksol                 ? 
_refine.solvent_model_param_bsol                 ? 
_refine.pdbx_solvent_vdw_probe_radii             1.40 
_refine.pdbx_solvent_ion_probe_radii             0.80 
_refine.pdbx_solvent_shrinkage_radii             0.80 
_refine.pdbx_ls_cross_valid_method               THROUGHOUT 
_refine.details                                  'HYDROGENS HAVE BEEN ADDED IN THE RIDING POSITIONS' 
_refine.pdbx_starting_model                      '2RAP, 1KAO' 
_refine.pdbx_method_to_determine_struct          'MOLECULAR REPLACEMENT' 
_refine.pdbx_isotropic_thermal_model             ? 
_refine.pdbx_stereochemistry_target_values       'MAXIMUM LIKELIHOOD' 
_refine.pdbx_stereochem_target_val_spec_case     ? 
_refine.pdbx_R_Free_selection_details            RANDOM 
_refine.pdbx_overall_ESU_R                       0.320 
_refine.pdbx_overall_ESU_R_Free                  0.252 
_refine.overall_SU_ML                            0.195 
_refine.overall_SU_B                             15.649 
_refine.ls_redundancy_reflns_obs                 ? 
_refine.B_iso_min                                ? 
_refine.B_iso_max                                ? 
_refine.overall_SU_R_Cruickshank_DPI             ? 
_refine.overall_SU_R_free                        ? 
_refine.ls_wR_factor_R_free                      ? 
_refine.ls_wR_factor_R_work                      ? 
_refine.overall_FOM_free_R_set                   ? 
_refine.overall_FOM_work_R_set                   ? 
_refine.pdbx_refine_id                           'X-RAY DIFFRACTION' 
_refine.pdbx_TLS_residual_ADP_flag               'LIKELY RESIDUAL' 
_refine.pdbx_diffrn_id                           1 
_refine.pdbx_overall_phase_error                 ? 
_refine.pdbx_overall_SU_R_free_Cruickshank_DPI   ? 
_refine.pdbx_overall_SU_R_Blow_DPI               ? 
_refine.pdbx_overall_SU_R_free_Blow_DPI          ? 
# 
_refine_hist.pdbx_refine_id                   'X-RAY DIFFRACTION' 
_refine_hist.cycle_id                         LAST 
_refine_hist.pdbx_number_atoms_protein        1306 
_refine_hist.pdbx_number_atoms_nucleic_acid   0 
_refine_hist.pdbx_number_atoms_ligand         28 
_refine_hist.number_atoms_solvent             35 
_refine_hist.number_atoms_total               1369 
_refine_hist.d_res_high                       2.40 
_refine_hist.d_res_low                        50.00 
# 
loop_
_refine_ls_restr.type 
_refine_ls_restr.dev_ideal 
_refine_ls_restr.dev_ideal_target 
_refine_ls_restr.weight 
_refine_ls_restr.number 
_refine_ls_restr.pdbx_refine_id 
_refine_ls_restr.pdbx_restraint_function 
r_bond_refined_d         0.011  0.021  ? 1366 'X-RAY DIFFRACTION' ? 
r_bond_other_d           0.002  0.020  ? 889  'X-RAY DIFFRACTION' ? 
r_angle_refined_deg      1.318  1.968  ? 1856 'X-RAY DIFFRACTION' ? 
r_angle_other_deg        0.897  3.000  ? 2156 'X-RAY DIFFRACTION' ? 
r_dihedral_angle_1_deg   6.365  5.000  ? 171  'X-RAY DIFFRACTION' ? 
r_dihedral_angle_2_deg   35.430 23.846 ? 65   'X-RAY DIFFRACTION' ? 
r_dihedral_angle_3_deg   15.415 15.000 ? 228  'X-RAY DIFFRACTION' ? 
r_dihedral_angle_4_deg   19.152 15.000 ? 12   'X-RAY DIFFRACTION' ? 
r_chiral_restr           0.070  0.200  ? 213  'X-RAY DIFFRACTION' ? 
r_gen_planes_refined     0.004  0.020  ? 1532 'X-RAY DIFFRACTION' ? 
r_gen_planes_other       0.001  0.020  ? 286  'X-RAY DIFFRACTION' ? 
r_nbd_refined            0.186  0.200  ? 272  'X-RAY DIFFRACTION' ? 
r_nbd_other              0.192  0.200  ? 947  'X-RAY DIFFRACTION' ? 
r_nbtor_refined          0.169  0.200  ? 664  'X-RAY DIFFRACTION' ? 
r_nbtor_other            0.085  0.200  ? 758  'X-RAY DIFFRACTION' ? 
r_xyhbond_nbd_refined    0.168  0.200  ? 46   'X-RAY DIFFRACTION' ? 
r_symmetry_vdw_refined   0.161  0.200  ? 12   'X-RAY DIFFRACTION' ? 
r_symmetry_vdw_other     0.197  0.200  ? 36   'X-RAY DIFFRACTION' ? 
r_symmetry_hbond_refined 0.070  0.200  ? 4    'X-RAY DIFFRACTION' ? 
r_mcbond_it              0.530  1.500  ? 859  'X-RAY DIFFRACTION' ? 
r_mcbond_other           0.090  1.500  ? 350  'X-RAY DIFFRACTION' ? 
r_mcangle_it             0.938  2.000  ? 1349 'X-RAY DIFFRACTION' ? 
r_scbond_it              1.373  3.000  ? 578  'X-RAY DIFFRACTION' ? 
r_scangle_it             2.109  4.500  ? 506  'X-RAY DIFFRACTION' ? 
# 
_refine_ls_shell.pdbx_total_number_of_bins_used   20 
_refine_ls_shell.d_res_high                       2.400 
_refine_ls_shell.d_res_low                        2.462 
_refine_ls_shell.number_reflns_R_work             663 
_refine_ls_shell.R_factor_R_work                  0.299 
_refine_ls_shell.percent_reflns_obs               100.00 
_refine_ls_shell.R_factor_R_free                  0.419 
_refine_ls_shell.R_factor_R_free_error            ? 
_refine_ls_shell.percent_reflns_R_free            ? 
_refine_ls_shell.number_reflns_R_free             34 
_refine_ls_shell.number_reflns_all                ? 
_refine_ls_shell.R_factor_all                     ? 
_refine_ls_shell.number_reflns_obs                ? 
_refine_ls_shell.redundancy_reflns_obs            ? 
_refine_ls_shell.pdbx_refine_id                   'X-RAY DIFFRACTION' 
# 
_struct.entry_id                  2G3Y 
_struct.title                     'Crystal structure of the human small GTPase GEM' 
_struct.pdbx_model_details        ? 
_struct.pdbx_CASP_flag            ? 
_struct.pdbx_model_type_details   ? 
# 
_struct_keywords.entry_id        2G3Y 
_struct_keywords.pdbx_keywords   'SIGNALING PROTEIN' 
_struct_keywords.text            
'GEM, small GTPase, GDP, inactive state, RGK family, Structural Genomics, Structural Genomics Consortium, SGC, SIGNALING PROTEIN' 
# 
loop_
_struct_asym.id 
_struct_asym.pdbx_blank_PDB_chainid_flag 
_struct_asym.pdbx_modified 
_struct_asym.entity_id 
_struct_asym.details 
A N N 1 ? 
B N N 2 ? 
C N N 3 ? 
# 
_struct_biol.id   1 
# 
loop_
_struct_conf.conf_type_id 
_struct_conf.id 
_struct_conf.pdbx_PDB_helix_id 
_struct_conf.beg_label_comp_id 
_struct_conf.beg_label_asym_id 
_struct_conf.beg_label_seq_id 
_struct_conf.pdbx_beg_PDB_ins_code 
_struct_conf.end_label_comp_id 
_struct_conf.end_label_asym_id 
_struct_conf.end_label_seq_id 
_struct_conf.pdbx_end_PDB_ins_code 
_struct_conf.beg_auth_comp_id 
_struct_conf.beg_auth_asym_id 
_struct_conf.beg_auth_seq_id 
_struct_conf.end_auth_comp_id 
_struct_conf.end_auth_asym_id 
_struct_conf.end_auth_seq_id 
_struct_conf.pdbx_PDB_helix_class 
_struct_conf.details 
_struct_conf.pdbx_PDB_helix_length 
HELX_P HELX_P1 1 GLY A 49  ? GLY A 59  ? GLY A 87  GLY A 97  1 ? 11 
HELX_P HELX_P2 2 LYS A 98  ? HIS A 107 ? LYS A 136 HIS A 145 1 ? 10 
HELX_P HELX_P3 3 ASP A 123 ? ARG A 139 ? ASP A 161 ARG A 177 1 ? 17 
HELX_P HELX_P4 4 ALA A 140 ? GLU A 144 ? ALA A 178 GLU A 182 5 ? 5  
HELX_P HELX_P5 5 LEU A 157 ? ARG A 161 ? LEU A 195 ARG A 199 5 ? 5  
HELX_P HELX_P6 6 SER A 164 ? ASP A 176 ? SER A 202 ASP A 214 1 ? 13 
HELX_P HELX_P7 7 ASN A 189 ? ARG A 205 ? ASN A 227 ARG A 243 1 ? 17 
# 
_struct_conf_type.id          HELX_P 
_struct_conf_type.criteria    ? 
_struct_conf_type.reference   ? 
# 
_struct_sheet.id               A 
_struct_sheet.type             ? 
_struct_sheet.number_strands   6 
_struct_sheet.details          ? 
# 
loop_
_struct_sheet_order.sheet_id 
_struct_sheet_order.range_id_1 
_struct_sheet_order.range_id_2 
_struct_sheet_order.offset 
_struct_sheet_order.sense 
A 1 2 ? anti-parallel 
A 2 3 ? parallel      
A 3 4 ? parallel      
A 4 5 ? parallel      
A 5 6 ? parallel      
# 
loop_
_struct_sheet_range.sheet_id 
_struct_sheet_range.id 
_struct_sheet_range.beg_label_comp_id 
_struct_sheet_range.beg_label_asym_id 
_struct_sheet_range.beg_label_seq_id 
_struct_sheet_range.pdbx_beg_PDB_ins_code 
_struct_sheet_range.end_label_comp_id 
_struct_sheet_range.end_label_asym_id 
_struct_sheet_range.end_label_seq_id 
_struct_sheet_range.pdbx_end_PDB_ins_code 
_struct_sheet_range.beg_auth_comp_id 
_struct_sheet_range.beg_auth_asym_id 
_struct_sheet_range.beg_auth_seq_id 
_struct_sheet_range.end_auth_comp_id 
_struct_sheet_range.end_auth_asym_id 
_struct_sheet_range.end_auth_seq_id 
A 1 THR A 75  ? VAL A 82  ? THR A 113 VAL A 120 
A 2 GLU A 85  ? LEU A 92  ? GLU A 123 LEU A 130 
A 3 TYR A 37  ? ILE A 43  ? TYR A 75  ILE A 81  
A 4 ALA A 114 ? SER A 120 ? ALA A 152 SER A 158 
A 5 ILE A 148 ? ASN A 153 ? ILE A 186 ASN A 191 
A 6 LYS A 178 ? GLU A 181 ? LYS A 216 GLU A 219 
# 
loop_
_pdbx_struct_sheet_hbond.sheet_id 
_pdbx_struct_sheet_hbond.range_id_1 
_pdbx_struct_sheet_hbond.range_id_2 
_pdbx_struct_sheet_hbond.range_1_label_atom_id 
_pdbx_struct_sheet_hbond.range_1_label_comp_id 
_pdbx_struct_sheet_hbond.range_1_label_asym_id 
_pdbx_struct_sheet_hbond.range_1_label_seq_id 
_pdbx_struct_sheet_hbond.range_1_PDB_ins_code 
_pdbx_struct_sheet_hbond.range_1_auth_atom_id 
_pdbx_struct_sheet_hbond.range_1_auth_comp_id 
_pdbx_struct_sheet_hbond.range_1_auth_asym_id 
_pdbx_struct_sheet_hbond.range_1_auth_seq_id 
_pdbx_struct_sheet_hbond.range_2_label_atom_id 
_pdbx_struct_sheet_hbond.range_2_label_comp_id 
_pdbx_struct_sheet_hbond.range_2_label_asym_id 
_pdbx_struct_sheet_hbond.range_2_label_seq_id 
_pdbx_struct_sheet_hbond.range_2_PDB_ins_code 
_pdbx_struct_sheet_hbond.range_2_auth_atom_id 
_pdbx_struct_sheet_hbond.range_2_auth_comp_id 
_pdbx_struct_sheet_hbond.range_2_auth_asym_id 
_pdbx_struct_sheet_hbond.range_2_auth_seq_id 
A 1 2 N TYR A 76  ? N TYR A 114 O LEU A 91  ? O LEU A 129 
A 2 3 O ILE A 90  ? O ILE A 128 N VAL A 40  ? N VAL A 78  
A 3 4 N VAL A 41  ? N VAL A 79  O LEU A 116 ? O LEU A 154 
A 4 5 N ILE A 117 ? N ILE A 155 O ILE A 149 ? O ILE A 187 
A 5 6 N LEU A 150 ? N LEU A 188 O LYS A 178 ? O LYS A 216 
# 
_struct_site.id                   AC1 
_struct_site.pdbx_evidence_code   Software 
_struct_site.pdbx_auth_asym_id    A 
_struct_site.pdbx_auth_comp_id    GDP 
_struct_site.pdbx_auth_seq_id     1001 
_struct_site.pdbx_auth_ins_code   ? 
_struct_site.pdbx_num_residues    18 
_struct_site.details              'BINDING SITE FOR RESIDUE GDP A 1001' 
# 
loop_
_struct_site_gen.id 
_struct_site_gen.site_id 
_struct_site_gen.pdbx_num_res 
_struct_site_gen.label_comp_id 
_struct_site_gen.label_asym_id 
_struct_site_gen.label_seq_id 
_struct_site_gen.pdbx_auth_ins_code 
_struct_site_gen.auth_comp_id 
_struct_site_gen.auth_asym_id 
_struct_site_gen.auth_seq_id 
_struct_site_gen.label_atom_id 
_struct_site_gen.label_alt_id 
_struct_site_gen.symmetry 
_struct_site_gen.details 
1  AC1 18 ASN A 35  ? ASN A 73   . ? 5_454 ? 
2  AC1 18 GLY A 47  ? GLY A 85   . ? 1_555 ? 
3  AC1 18 VAL A 48  ? VAL A 86   . ? 1_555 ? 
4  AC1 18 GLY A 49  ? GLY A 87   . ? 1_555 ? 
5  AC1 18 LYS A 50  ? LYS A 88   . ? 1_555 ? 
6  AC1 18 SER A 51  ? SER A 89   . ? 1_555 ? 
7  AC1 18 THR A 52  ? THR A 90   . ? 1_555 ? 
8  AC1 18 GLU A 96  ? GLU A 134  . ? 1_555 ? 
9  AC1 18 ASN A 153 ? ASN A 191  . ? 1_555 ? 
10 AC1 18 LYS A 154 ? LYS A 192  . ? 1_555 ? 
11 AC1 18 ASP A 156 ? ASP A 194  . ? 1_555 ? 
12 AC1 18 LEU A 157 ? LEU A 195  . ? 1_555 ? 
13 AC1 18 SER A 183 ? SER A 221  . ? 1_555 ? 
14 AC1 18 ALA A 184 ? ALA A 222  . ? 1_555 ? 
15 AC1 18 ALA A 185 ? ALA A 223  . ? 1_555 ? 
16 AC1 18 HOH C .   ? HOH A 1005 . ? 1_555 ? 
17 AC1 18 HOH C .   ? HOH A 1012 . ? 1_555 ? 
18 AC1 18 HOH C .   ? HOH A 1014 . ? 1_555 ? 
# 
_atom_sites.entry_id                    2G3Y 
_atom_sites.fract_transf_matrix[1][1]   0.01536043 
_atom_sites.fract_transf_matrix[1][2]   0.01081801 
_atom_sites.fract_transf_matrix[1][3]   -0.00527857 
_atom_sites.fract_transf_matrix[2][1]   0.00550869 
_atom_sites.fract_transf_matrix[2][2]   0.00129145 
_atom_sites.fract_transf_matrix[2][3]   0.01867677 
_atom_sites.fract_transf_matrix[3][1]   0.00315404 
_atom_sites.fract_transf_matrix[3][2]   -0.00477133 
_atom_sites.fract_transf_matrix[3][3]   -0.00060035 
_atom_sites.fract_transf_vector[1]      -0.139866 
_atom_sites.fract_transf_vector[2]      0.075889 
_atom_sites.fract_transf_vector[3]      -0.090194 
# 
loop_
_atom_type.symbol 
C 
N 
O 
P 
S 
# 
loop_
_atom_site.group_PDB 
_atom_site.id 
_atom_site.type_symbol 
_atom_site.label_atom_id 
_atom_site.label_alt_id 
_atom_site.label_comp_id 
_atom_site.label_asym_id 
_atom_site.label_entity_id 
_atom_site.label_seq_id 
_atom_site.pdbx_PDB_ins_code 
_atom_site.Cartn_x 
_atom_site.Cartn_y 
_atom_site.Cartn_z 
_atom_site.occupancy 
_atom_site.B_iso_or_equiv 
_atom_site.pdbx_formal_charge 
_atom_site.auth_seq_id 
_atom_site.auth_comp_id 
_atom_site.auth_asym_id 
_atom_site.auth_atom_id 
_atom_site.pdbx_PDB_model_num 
ATOM   1    N N     . ASN A 1 35  ? -10.812 14.738  -10.101 1.00 58.81 ? 73   ASN A N     1 
ATOM   2    C CA    . ASN A 1 35  ? -11.107 15.157  -8.693  1.00 58.74 ? 73   ASN A CA    1 
ATOM   3    C C     . ASN A 1 35  ? -9.888  15.022  -7.777  1.00 58.33 ? 73   ASN A C     1 
ATOM   4    O O     . ASN A 1 35  ? -8.919  14.332  -8.113  1.00 58.69 ? 73   ASN A O     1 
ATOM   5    C CB    . ASN A 1 35  ? -12.276 14.342  -8.127  1.00 58.77 ? 73   ASN A CB    1 
ATOM   6    C CG    . ASN A 1 35  ? -13.576 15.137  -8.058  1.00 59.66 ? 73   ASN A CG    1 
ATOM   7    O OD1   . ASN A 1 35  ? -14.032 15.713  -9.055  1.00 59.45 ? 73   ASN A OD1   1 
ATOM   8    N ND2   . ASN A 1 35  ? -14.185 15.160  -6.872  1.00 60.10 ? 73   ASN A ND2   1 
ATOM   9    N N     . THR A 1 36  ? -9.961  15.663  -6.609  1.00 57.64 ? 74   THR A N     1 
ATOM   10   C CA    . THR A 1 36  ? -8.861  15.685  -5.625  1.00 56.94 ? 74   THR A CA    1 
ATOM   11   C C     . THR A 1 36  ? -8.838  14.430  -4.722  1.00 56.17 ? 74   THR A C     1 
ATOM   12   O O     . THR A 1 36  ? -8.576  14.512  -3.495  1.00 56.27 ? 74   THR A O     1 
ATOM   13   C CB    . THR A 1 36  ? -8.950  16.968  -4.741  1.00 57.11 ? 74   THR A CB    1 
ATOM   14   O OG1   . THR A 1 36  ? -9.310  18.089  -5.556  1.00 56.98 ? 74   THR A OG1   1 
ATOM   15   C CG2   . THR A 1 36  ? -7.620  17.263  -4.046  1.00 57.41 ? 74   THR A CG2   1 
ATOM   16   N N     . TYR A 1 37  ? -9.113  13.273  -5.329  1.00 54.81 ? 75   TYR A N     1 
ATOM   17   C CA    . TYR A 1 37  ? -9.038  11.990  -4.643  1.00 53.53 ? 75   TYR A CA    1 
ATOM   18   C C     . TYR A 1 37  ? -7.650  11.399  -4.846  1.00 52.63 ? 75   TYR A C     1 
ATOM   19   O O     . TYR A 1 37  ? -7.036  11.591  -5.887  1.00 52.31 ? 75   TYR A O     1 
ATOM   20   C CB    . TYR A 1 37  ? -10.078 11.001  -5.188  1.00 53.64 ? 75   TYR A CB    1 
ATOM   21   C CG    . TYR A 1 37  ? -11.523 11.301  -4.859  1.00 53.39 ? 75   TYR A CG    1 
ATOM   22   C CD1   . TYR A 1 37  ? -12.507 11.194  -5.821  1.00 54.45 ? 75   TYR A CD1   1 
ATOM   23   C CD2   . TYR A 1 37  ? -11.908 11.669  -3.577  1.00 55.04 ? 75   TYR A CD2   1 
ATOM   24   C CE1   . TYR A 1 37  ? -13.845 11.465  -5.518  1.00 54.77 ? 75   TYR A CE1   1 
ATOM   25   C CE2   . TYR A 1 37  ? -13.243 11.948  -3.263  1.00 54.33 ? 75   TYR A CE2   1 
ATOM   26   C CZ    . TYR A 1 37  ? -14.199 11.837  -4.237  1.00 53.81 ? 75   TYR A CZ    1 
ATOM   27   O OH    . TYR A 1 37  ? -15.505 12.095  -3.935  1.00 53.62 ? 75   TYR A OH    1 
ATOM   28   N N     . TYR A 1 38  ? -7.162  10.687  -3.834  1.00 51.46 ? 76   TYR A N     1 
ATOM   29   C CA    . TYR A 1 38  ? -5.925  9.949   -3.925  1.00 50.28 ? 76   TYR A CA    1 
ATOM   30   C C     . TYR A 1 38  ? -6.269  8.466   -3.751  1.00 50.11 ? 76   TYR A C     1 
ATOM   31   O O     . TYR A 1 38  ? -6.474  7.983   -2.625  1.00 50.19 ? 76   TYR A O     1 
ATOM   32   C CB    . TYR A 1 38  ? -4.940  10.418  -2.852  1.00 49.96 ? 76   TYR A CB    1 
ATOM   33   C CG    . TYR A 1 38  ? -4.541  11.875  -2.948  1.00 49.13 ? 76   TYR A CG    1 
ATOM   34   C CD1   . TYR A 1 38  ? -5.421  12.892  -2.577  1.00 48.70 ? 76   TYR A CD1   1 
ATOM   35   C CD2   . TYR A 1 38  ? -3.278  12.240  -3.387  1.00 48.95 ? 76   TYR A CD2   1 
ATOM   36   C CE1   . TYR A 1 38  ? -5.056  14.231  -2.671  1.00 48.23 ? 76   TYR A CE1   1 
ATOM   37   C CE2   . TYR A 1 38  ? -2.905  13.584  -3.476  1.00 48.92 ? 76   TYR A CE2   1 
ATOM   38   C CZ    . TYR A 1 38  ? -3.792  14.568  -3.114  1.00 48.38 ? 76   TYR A CZ    1 
ATOM   39   O OH    . TYR A 1 38  ? -3.414  15.887  -3.211  1.00 49.04 ? 76   TYR A OH    1 
ATOM   40   N N     . ARG A 1 39  ? -6.324  7.754   -4.874  1.00 49.73 ? 77   ARG A N     1 
ATOM   41   C CA    . ARG A 1 39  ? -6.703  6.350   -4.911  1.00 49.67 ? 77   ARG A CA    1 
ATOM   42   C C     . ARG A 1 39  ? -5.444  5.498   -4.758  1.00 49.19 ? 77   ARG A C     1 
ATOM   43   O O     . ARG A 1 39  ? -4.536  5.586   -5.588  1.00 48.36 ? 77   ARG A O     1 
ATOM   44   C CB    . ARG A 1 39  ? -7.440  6.044   -6.232  1.00 49.46 ? 77   ARG A CB    1 
ATOM   45   C CG    . ARG A 1 39  ? -8.767  6.822   -6.385  1.00 50.41 ? 77   ARG A CG    1 
ATOM   46   C CD    . ARG A 1 39  ? -9.206  7.017   -7.828  1.00 51.75 ? 77   ARG A CD    1 
ATOM   47   N NE    . ARG A 1 39  ? -8.063  7.362   -8.680  1.00 54.02 ? 77   ARG A NE    1 
ATOM   48   C CZ    . ARG A 1 39  ? -8.055  7.326   -10.005 1.00 53.15 ? 77   ARG A CZ    1 
ATOM   49   N NH1   . ARG A 1 39  ? -9.154  7.006   -10.690 1.00 54.62 ? 77   ARG A NH1   1 
ATOM   50   N NH2   . ARG A 1 39  ? -6.934  7.643   -10.645 1.00 52.44 ? 77   ARG A NH2   1 
ATOM   51   N N     . VAL A 1 40  ? -5.393  4.711   -3.672  1.00 49.26 ? 78   VAL A N     1 
ATOM   52   C CA    . VAL A 1 40  ? -4.261  3.832   -3.323  1.00 48.67 ? 78   VAL A CA    1 
ATOM   53   C C     . VAL A 1 40  ? -4.710  2.371   -3.375  1.00 49.15 ? 78   VAL A C     1 
ATOM   54   O O     . VAL A 1 40  ? -5.676  1.979   -2.711  1.00 48.60 ? 78   VAL A O     1 
ATOM   55   C CB    . VAL A 1 40  ? -3.732  4.102   -1.887  1.00 48.93 ? 78   VAL A CB    1 
ATOM   56   C CG1   . VAL A 1 40  ? -2.395  3.443   -1.665  1.00 47.21 ? 78   VAL A CG1   1 
ATOM   57   C CG2   . VAL A 1 40  ? -3.642  5.601   -1.584  1.00 48.40 ? 78   VAL A CG2   1 
ATOM   58   N N     . VAL A 1 41  ? -4.003  1.564   -4.162  1.00 50.03 ? 79   VAL A N     1 
ATOM   59   C CA    . VAL A 1 41  ? -4.332  0.156   -4.338  1.00 50.23 ? 79   VAL A CA    1 
ATOM   60   C C     . VAL A 1 41  ? -3.350  -0.700  -3.530  1.00 50.62 ? 79   VAL A C     1 
ATOM   61   O O     . VAL A 1 41  ? -2.152  -0.577  -3.694  1.00 50.89 ? 79   VAL A O     1 
ATOM   62   C CB    . VAL A 1 41  ? -4.281  -0.226  -5.837  1.00 50.69 ? 79   VAL A CB    1 
ATOM   63   C CG1   . VAL A 1 41  ? -4.565  -1.725  -6.052  1.00 49.72 ? 79   VAL A CG1   1 
ATOM   64   C CG2   . VAL A 1 41  ? -5.253  0.648   -6.631  1.00 49.30 ? 79   VAL A CG2   1 
ATOM   65   N N     . LEU A 1 42  ? -3.891  -1.557  -2.666  1.00 50.76 ? 80   LEU A N     1 
ATOM   66   C CA    . LEU A 1 42  ? -3.126  -2.445  -1.808  1.00 50.78 ? 80   LEU A CA    1 
ATOM   67   C C     . LEU A 1 42  ? -3.022  -3.825  -2.453  1.00 50.01 ? 80   LEU A C     1 
ATOM   68   O O     . LEU A 1 42  ? -4.049  -4.470  -2.710  1.00 49.90 ? 80   LEU A O     1 
ATOM   69   C CB    . LEU A 1 42  ? -3.803  -2.605  -0.440  1.00 50.93 ? 80   LEU A CB    1 
ATOM   70   C CG    . LEU A 1 42  ? -3.378  -1.728  0.727   1.00 53.64 ? 80   LEU A CG    1 
ATOM   71   C CD1   . LEU A 1 42  ? -4.395  -1.757  1.850   1.00 54.33 ? 80   LEU A CD1   1 
ATOM   72   C CD2   . LEU A 1 42  ? -2.047  -2.217  1.258   1.00 57.93 ? 80   LEU A CD2   1 
ATOM   73   N N     . ILE A 1 43  ? -1.789  -4.286  -2.674  1.00 49.18 ? 81   ILE A N     1 
ATOM   74   C CA    . ILE A 1 43  ? -1.546  -5.654  -3.169  1.00 48.83 ? 81   ILE A CA    1 
ATOM   75   C C     . ILE A 1 43  ? -0.483  -6.366  -2.343  1.00 49.28 ? 81   ILE A C     1 
ATOM   76   O O     . ILE A 1 43  ? 0.294   -5.742  -1.618  1.00 49.32 ? 81   ILE A O     1 
ATOM   77   C CB    . ILE A 1 43  ? -1.224  -5.698  -4.699  1.00 48.28 ? 81   ILE A CB    1 
ATOM   78   C CG1   . ILE A 1 43  ? 0.158   -5.131  -5.034  1.00 47.90 ? 81   ILE A CG1   1 
ATOM   79   C CG2   . ILE A 1 43  ? -2.275  -4.911  -5.439  1.00 49.05 ? 81   ILE A CG2   1 
ATOM   80   C CD1   . ILE A 1 43  ? 0.446   -4.978  -6.523  1.00 46.81 ? 81   ILE A CD1   1 
ATOM   81   N N     . GLY A 1 44  ? -0.478  -7.684  -2.433  1.00 49.64 ? 82   GLY A N     1 
ATOM   82   C CA    . GLY A 1 44  ? 0.470   -8.485  -1.683  1.00 49.91 ? 82   GLY A CA    1 
ATOM   83   C C     . GLY A 1 44  ? -0.154  -9.779  -1.241  1.00 50.26 ? 82   GLY A C     1 
ATOM   84   O O     . GLY A 1 44  ? -1.362  -9.941  -1.297  1.00 50.03 ? 82   GLY A O     1 
ATOM   85   N N     . GLU A 1 45  ? 0.687   -10.689 -0.776  1.00 51.77 ? 83   GLU A N     1 
ATOM   86   C CA    . GLU A 1 45  ? 0.259   -12.014 -0.352  1.00 52.86 ? 83   GLU A CA    1 
ATOM   87   C C     . GLU A 1 45  ? -0.783  -11.942 0.768   1.00 53.11 ? 83   GLU A C     1 
ATOM   88   O O     . GLU A 1 45  ? -0.879  -10.962 1.517   1.00 52.67 ? 83   GLU A O     1 
ATOM   89   C CB    . GLU A 1 45  ? 1.488   -12.841 0.052   1.00 53.51 ? 83   GLU A CB    1 
ATOM   90   C CG    . GLU A 1 45  ? 1.232   -14.277 0.538   1.00 56.82 ? 83   GLU A CG    1 
ATOM   91   C CD    . GLU A 1 45  ? 0.660   -15.205 -0.529  1.00 61.25 ? 83   GLU A CD    1 
ATOM   92   O OE1   . GLU A 1 45  ? -0.565  -15.122 -0.809  1.00 62.85 ? 83   GLU A OE1   1 
ATOM   93   O OE2   . GLU A 1 45  ? 1.436   -16.048 -1.060  1.00 63.87 ? 83   GLU A OE2   1 
ATOM   94   N N     . GLN A 1 46  ? -1.597  -12.987 0.834   1.00 53.54 ? 84   GLN A N     1 
ATOM   95   C CA    . GLN A 1 46  ? -2.580  -13.145 1.884   1.00 53.79 ? 84   GLN A CA    1 
ATOM   96   C C     . GLN A 1 46  ? -1.858  -13.297 3.237   1.00 53.52 ? 84   GLN A C     1 
ATOM   97   O O     . GLN A 1 46  ? -0.798  -13.926 3.322   1.00 53.48 ? 84   GLN A O     1 
ATOM   98   C CB    . GLN A 1 46  ? -3.451  -14.364 1.563   1.00 53.80 ? 84   GLN A CB    1 
ATOM   99   C CG    . GLN A 1 46  ? -4.690  -14.511 2.423   1.00 54.76 ? 84   GLN A CG    1 
ATOM   100  C CD    . GLN A 1 46  ? -5.382  -15.855 2.250   1.00 55.08 ? 84   GLN A CD    1 
ATOM   101  O OE1   . GLN A 1 46  ? -5.046  -16.646 1.355   1.00 56.59 ? 84   GLN A OE1   1 
ATOM   102  N NE2   . GLN A 1 46  ? -6.360  -16.123 3.115   1.00 56.02 ? 84   GLN A NE2   1 
ATOM   103  N N     . GLY A 1 47  ? -2.415  -12.686 4.278   1.00 53.43 ? 85   GLY A N     1 
ATOM   104  C CA    . GLY A 1 47  ? -1.851  -12.773 5.624   1.00 52.98 ? 85   GLY A CA    1 
ATOM   105  C C     . GLY A 1 47  ? -0.886  -11.670 6.027   1.00 52.68 ? 85   GLY A C     1 
ATOM   106  O O     . GLY A 1 47  ? -0.567  -11.533 7.205   1.00 52.91 ? 85   GLY A O     1 
ATOM   107  N N     . VAL A 1 48  ? -0.427  -10.862 5.073   1.00 52.22 ? 86   VAL A N     1 
ATOM   108  C CA    . VAL A 1 48  ? 0.603   -9.841  5.364   1.00 51.44 ? 86   VAL A CA    1 
ATOM   109  C C     . VAL A 1 48  ? 0.099   -8.638  6.171   1.00 50.95 ? 86   VAL A C     1 
ATOM   110  O O     . VAL A 1 48  ? 0.902   -7.897  6.741   1.00 51.41 ? 86   VAL A O     1 
ATOM   111  C CB    . VAL A 1 48  ? 1.306   -9.343  4.076   1.00 51.26 ? 86   VAL A CB    1 
ATOM   112  C CG1   . VAL A 1 48  ? 1.964   -10.516 3.359   1.00 49.91 ? 86   VAL A CG1   1 
ATOM   113  C CG2   . VAL A 1 48  ? 0.329   -8.598  3.163   1.00 51.05 ? 86   VAL A CG2   1 
ATOM   114  N N     . GLY A 1 49  ? -1.216  -8.452  6.226   1.00 50.27 ? 87   GLY A N     1 
ATOM   115  C CA    . GLY A 1 49  ? -1.818  -7.346  6.961   1.00 49.76 ? 87   GLY A CA    1 
ATOM   116  C C     . GLY A 1 49  ? -2.354  -6.190  6.137   1.00 49.45 ? 87   GLY A C     1 
ATOM   117  O O     . GLY A 1 49  ? -2.391  -5.053  6.628   1.00 49.47 ? 87   GLY A O     1 
ATOM   118  N N     . LYS A 1 50  ? -2.816  -6.457  4.913   1.00 48.99 ? 88   LYS A N     1 
ATOM   119  C CA    . LYS A 1 50  ? -3.404  -5.380  4.073   1.00 48.58 ? 88   LYS A CA    1 
ATOM   120  C C     . LYS A 1 50  ? -4.700  -4.809  4.636   1.00 48.43 ? 88   LYS A C     1 
ATOM   121  O O     . LYS A 1 50  ? -4.851  -3.587  4.709   1.00 48.02 ? 88   LYS A O     1 
ATOM   122  C CB    . LYS A 1 50  ? -3.641  -5.858  2.639   1.00 48.67 ? 88   LYS A CB    1 
ATOM   123  C CG    . LYS A 1 50  ? -2.370  -6.243  1.882   1.00 47.78 ? 88   LYS A CG    1 
ATOM   124  C CD    . LYS A 1 50  ? -2.668  -6.868  0.528   1.00 48.25 ? 88   LYS A CD    1 
ATOM   125  C CE    . LYS A 1 50  ? -3.514  -8.133  0.612   1.00 48.37 ? 88   LYS A CE    1 
ATOM   126  N NZ    . LYS A 1 50  ? -2.853  -9.261  1.306   1.00 48.15 ? 88   LYS A NZ    1 
ATOM   127  N N     . SER A 1 51  ? -5.624  -5.681  5.045   1.00 48.79 ? 89   SER A N     1 
ATOM   128  C CA    . SER A 1 51  ? -6.932  -5.247  5.609   1.00 49.10 ? 89   SER A CA    1 
ATOM   129  C C     . SER A 1 51  ? -6.795  -4.502  6.916   1.00 49.20 ? 89   SER A C     1 
ATOM   130  O O     . SER A 1 51  ? -7.479  -3.509  7.138   1.00 49.32 ? 89   SER A O     1 
ATOM   131  C CB    . SER A 1 51  ? -7.854  -6.446  5.881   1.00 49.20 ? 89   SER A CB    1 
ATOM   132  O OG    . SER A 1 51  ? -8.044  -7.244  4.725   1.00 51.16 ? 89   SER A OG    1 
ATOM   133  N N     . THR A 1 52  ? -5.942  -5.025  7.800   1.00 49.85 ? 90   THR A N     1 
ATOM   134  C CA    . THR A 1 52  ? -5.674  -4.427  9.109   1.00 49.64 ? 90   THR A CA    1 
ATOM   135  C C     . THR A 1 52  ? -5.159  -3.007  8.949   1.00 49.93 ? 90   THR A C     1 
ATOM   136  O O     . THR A 1 52  ? -5.601  -2.084  9.620   1.00 50.00 ? 90   THR A O     1 
ATOM   137  C CB    . THR A 1 52  ? -4.636  -5.271  9.879   1.00 49.48 ? 90   THR A CB    1 
ATOM   138  O OG1   . THR A 1 52  ? -5.096  -6.617  9.933   1.00 50.18 ? 90   THR A OG1   1 
ATOM   139  C CG2   . THR A 1 52  ? -4.406  -4.766  11.319  1.00 48.11 ? 90   THR A CG2   1 
ATOM   140  N N     . LEU A 1 53  ? -4.226  -2.853  8.034   1.00 50.57 ? 91   LEU A N     1 
ATOM   141  C CA    . LEU A 1 53  ? -3.539  -1.610  7.815   1.00 51.66 ? 91   LEU A CA    1 
ATOM   142  C C     . LEU A 1 53  ? -4.543  -0.595  7.244   1.00 51.76 ? 91   LEU A C     1 
ATOM   143  O O     . LEU A 1 53  ? -4.538  0.568   7.641   1.00 52.25 ? 91   LEU A O     1 
ATOM   144  C CB    . LEU A 1 53  ? -2.355  -1.884  6.864   1.00 52.62 ? 91   LEU A CB    1 
ATOM   145  C CG    . LEU A 1 53  ? -1.241  -0.851  6.641   1.00 55.33 ? 91   LEU A CG    1 
ATOM   146  C CD1   . LEU A 1 53  ? -1.870  0.525   6.357   1.00 59.43 ? 91   LEU A CD1   1 
ATOM   147  C CD2   . LEU A 1 53  ? -0.293  -0.772  7.813   1.00 56.07 ? 91   LEU A CD2   1 
ATOM   148  N N     . ALA A 1 54  ? -5.409  -1.048  6.331   1.00 51.19 ? 92   ALA A N     1 
ATOM   149  C CA    . ALA A 1 54  ? -6.488  -0.230  5.782   1.00 50.33 ? 92   ALA A CA    1 
ATOM   150  C C     . ALA A 1 54  ? -7.461  0.187   6.862   1.00 49.87 ? 92   ALA A C     1 
ATOM   151  O O     . ALA A 1 54  ? -7.826  1.367   6.959   1.00 49.79 ? 92   ALA A O     1 
ATOM   152  C CB    . ALA A 1 54  ? -7.237  -0.990  4.672   1.00 50.16 ? 92   ALA A CB    1 
ATOM   153  N N     A ASN A 1 55  ? -7.896  -0.782  7.668   0.50 49.54 ? 93   ASN A N     1 
ATOM   154  N N     B ASN A 1 55  ? -7.890  -0.781  7.669   0.50 49.51 ? 93   ASN A N     1 
ATOM   155  C CA    A ASN A 1 55  ? -8.823  -0.505  8.764   0.50 49.20 ? 93   ASN A CA    1 
ATOM   156  C CA    B ASN A 1 55  ? -8.803  -0.510  8.770   0.50 49.13 ? 93   ASN A CA    1 
ATOM   157  C C     A ASN A 1 55  ? -8.217  0.402   9.830   0.50 49.19 ? 93   ASN A C     1 
ATOM   158  C C     B ASN A 1 55  ? -8.201  0.438   9.793   0.50 49.15 ? 93   ASN A C     1 
ATOM   159  O O     A ASN A 1 55  ? -8.923  1.225   10.410  0.50 49.16 ? 93   ASN A O     1 
ATOM   160  O O     B ASN A 1 55  ? -8.887  1.323   10.300  0.50 49.15 ? 93   ASN A O     1 
ATOM   161  C CB    A ASN A 1 55  ? -9.347  -1.806  9.395   0.50 49.14 ? 93   ASN A CB    1 
ATOM   162  C CB    B ASN A 1 55  ? -9.215  -1.812  9.454   0.50 49.07 ? 93   ASN A CB    1 
ATOM   163  C CG    A ASN A 1 55  ? -10.496 -2.430  8.599   0.50 48.96 ? 93   ASN A CG    1 
ATOM   164  C CG    B ASN A 1 55  ? -10.124 -1.580  10.646  0.50 48.61 ? 93   ASN A CG    1 
ATOM   165  O OD1   A ASN A 1 55  ? -10.275 -3.167  7.632   0.50 48.23 ? 93   ASN A OD1   1 
ATOM   166  O OD1   B ASN A 1 55  ? -9.817  -2.005  11.761  0.50 48.66 ? 93   ASN A OD1   1 
ATOM   167  N ND2   A ASN A 1 55  ? -11.728 -2.147  9.018   0.50 47.39 ? 93   ASN A ND2   1 
ATOM   168  N ND2   B ASN A 1 55  ? -11.238 -0.884  10.422  0.50 47.95 ? 93   ASN A ND2   1 
ATOM   169  N N     . ILE A 1 56  ? -6.918  0.249   10.090  1.00 49.37 ? 94   ILE A N     1 
ATOM   170  C CA    . ILE A 1 56  ? -6.210  1.078   11.079  1.00 49.71 ? 94   ILE A CA    1 
ATOM   171  C C     . ILE A 1 56  ? -6.016  2.505   10.586  1.00 49.94 ? 94   ILE A C     1 
ATOM   172  O O     . ILE A 1 56  ? -6.135  3.448   11.351  1.00 49.58 ? 94   ILE A O     1 
ATOM   173  C CB    . ILE A 1 56  ? -4.833  0.447   11.497  1.00 50.21 ? 94   ILE A CB    1 
ATOM   174  C CG1   . ILE A 1 56  ? -5.069  -0.741  12.438  1.00 49.59 ? 94   ILE A CG1   1 
ATOM   175  C CG2   . ILE A 1 56  ? -3.945  1.469   12.237  1.00 50.18 ? 94   ILE A CG2   1 
ATOM   176  C CD1   . ILE A 1 56  ? -5.829  -0.393  13.642  1.00 47.04 ? 94   ILE A CD1   1 
ATOM   177  N N     . PHE A 1 57  ? -5.737  2.670   9.302   1.00 50.79 ? 95   PHE A N     1 
ATOM   178  C CA    . PHE A 1 57  ? -5.643  4.009   8.743   1.00 51.45 ? 95   PHE A CA    1 
ATOM   179  C C     . PHE A 1 57  ? -7.014  4.685   8.650   1.00 51.61 ? 95   PHE A C     1 
ATOM   180  O O     . PHE A 1 57  ? -7.137  5.879   8.910   1.00 51.11 ? 95   PHE A O     1 
ATOM   181  C CB    . PHE A 1 57  ? -4.994  3.990   7.373   1.00 52.13 ? 95   PHE A CB    1 
ATOM   182  C CG    . PHE A 1 57  ? -4.983  5.333   6.714   1.00 52.80 ? 95   PHE A CG    1 
ATOM   183  C CD1   . PHE A 1 57  ? -5.744  5.577   5.593   1.00 52.83 ? 95   PHE A CD1   1 
ATOM   184  C CD2   . PHE A 1 57  ? -4.252  6.377   7.271   1.00 54.32 ? 95   PHE A CD2   1 
ATOM   185  C CE1   . PHE A 1 57  ? -5.756  6.825   5.006   1.00 53.56 ? 95   PHE A CE1   1 
ATOM   186  C CE2   . PHE A 1 57  ? -4.256  7.631   6.681   1.00 54.40 ? 95   PHE A CE2   1 
ATOM   187  C CZ    . PHE A 1 57  ? -5.009  7.850   5.549   1.00 53.39 ? 95   PHE A CZ    1 
ATOM   188  N N     . ALA A 1 58  ? -8.031  3.914   8.270   1.00 51.78 ? 96   ALA A N     1 
ATOM   189  C CA    . ALA A 1 58  ? -9.391  4.421   8.130   1.00 51.80 ? 96   ALA A CA    1 
ATOM   190  C C     . ALA A 1 58  ? -9.992  4.861   9.457   1.00 52.05 ? 96   ALA A C     1 
ATOM   191  O O     . ALA A 1 58  ? -10.766 5.811   9.503   1.00 51.90 ? 96   ALA A O     1 
ATOM   192  C CB    . ALA A 1 58  ? -10.282 3.370   7.483   1.00 51.90 ? 96   ALA A CB    1 
ATOM   193  N N     . GLY A 1 59  ? -9.652  4.160   10.535  1.00 52.22 ? 97   GLY A N     1 
ATOM   194  C CA    . GLY A 1 59  ? -10.209 4.469   11.849  1.00 51.99 ? 97   GLY A CA    1 
ATOM   195  C C     . GLY A 1 59  ? -11.660 4.048   11.933  1.00 52.05 ? 97   GLY A C     1 
ATOM   196  O O     . GLY A 1 59  ? -12.162 3.382   11.036  1.00 51.37 ? 97   GLY A O     1 
ATOM   197  N N     . VAL A 1 60  ? -12.327 4.406   13.031  1.00 52.39 ? 98   VAL A N     1 
ATOM   198  C CA    . VAL A 1 60  ? -13.757 4.170   13.154  1.00 52.48 ? 98   VAL A CA    1 
ATOM   199  C C     . VAL A 1 60  ? -14.464 5.482   12.828  1.00 53.14 ? 98   VAL A C     1 
ATOM   200  O O     . VAL A 1 60  ? -14.177 6.531   13.415  1.00 52.81 ? 98   VAL A O     1 
ATOM   201  C CB    . VAL A 1 60  ? -14.161 3.570   14.536  1.00 52.36 ? 98   VAL A CB    1 
ATOM   202  C CG1   . VAL A 1 60  ? -13.284 2.358   14.849  1.00 51.99 ? 98   VAL A CG1   1 
ATOM   203  C CG2   . VAL A 1 60  ? -14.084 4.598   15.659  1.00 51.66 ? 98   VAL A CG2   1 
ATOM   204  N N     . HIS A 1 61  ? -15.373 5.413   11.859  1.00 53.84 ? 99   HIS A N     1 
ATOM   205  C CA    . HIS A 1 61  ? -15.941 6.606   11.255  1.00 54.26 ? 99   HIS A CA    1 
ATOM   206  C C     . HIS A 1 61  ? -17.235 6.989   11.927  1.00 54.41 ? 99   HIS A C     1 
ATOM   207  O O     . HIS A 1 61  ? -18.055 6.134   12.257  1.00 54.42 ? 99   HIS A O     1 
ATOM   208  C CB    . HIS A 1 61  ? -16.199 6.385   9.763   1.00 54.32 ? 99   HIS A CB    1 
ATOM   209  C CG    . HIS A 1 61  ? -16.185 7.648   8.961   1.00 54.71 ? 99   HIS A CG    1 
ATOM   210  N ND1   . HIS A 1 61  ? -15.115 8.011   8.170   1.00 55.33 ? 99   HIS A ND1   1 
ATOM   211  C CD2   . HIS A 1 61  ? -17.101 8.639   8.836   1.00 54.77 ? 99   HIS A CD2   1 
ATOM   212  C CE1   . HIS A 1 61  ? -15.375 9.168   7.588   1.00 55.68 ? 99   HIS A CE1   1 
ATOM   213  N NE2   . HIS A 1 61  ? -16.575 9.569   7.973   1.00 54.83 ? 99   HIS A NE2   1 
ATOM   214  N N     . ASP A 1 62  ? -17.406 8.292   12.109  1.00 54.93 ? 100  ASP A N     1 
ATOM   215  C CA    . ASP A 1 62  ? -18.644 8.873   12.614  1.00 55.39 ? 100  ASP A CA    1 
ATOM   216  C C     . ASP A 1 62  ? -19.798 8.702   11.607  1.00 56.01 ? 100  ASP A C     1 
ATOM   217  O O     . ASP A 1 62  ? -19.816 9.349   10.512  1.00 55.94 ? 100  ASP A O     1 
ATOM   218  C CB    . ASP A 1 62  ? -18.415 10.360  12.884  1.00 55.23 ? 100  ASP A CB    1 
ATOM   219  C CG    . ASP A 1 62  ? -19.635 11.063  13.465  1.00 55.41 ? 100  ASP A CG    1 
ATOM   220  O OD1   . ASP A 1 62  ? -19.689 12.295  13.299  1.00 56.54 ? 100  ASP A OD1   1 
ATOM   221  O OD2   . ASP A 1 62  ? -20.525 10.420  14.088  1.00 53.69 ? 100  ASP A OD2   1 
ATOM   222  N N     . SER A 1 63  ? -20.766 7.847   11.988  1.00 57.06 ? 101  SER A N     1 
ATOM   223  C CA    . SER A 1 63  ? -21.898 7.531   11.108  1.00 58.22 ? 101  SER A CA    1 
ATOM   224  C C     . SER A 1 63  ? -22.684 8.763   10.618  1.00 59.27 ? 101  SER A C     1 
ATOM   225  O O     . SER A 1 63  ? -23.366 8.694   9.600   1.00 59.59 ? 101  SER A O     1 
ATOM   226  C CB    . SER A 1 63  ? -22.859 6.572   11.814  1.00 58.28 ? 101  SER A CB    1 
ATOM   227  O OG    . SER A 1 63  ? -23.525 7.217   12.891  1.00 58.13 ? 101  SER A OG    1 
ATOM   228  N N     . MET A 1 64  ? -22.585 9.878   11.339  1.00 60.32 ? 102  MET A N     1 
ATOM   229  C CA    . MET A 1 64  ? -23.226 11.127  10.935  1.00 61.35 ? 102  MET A CA    1 
ATOM   230  C C     . MET A 1 64  ? -22.551 11.812  9.742   1.00 62.24 ? 102  MET A C     1 
ATOM   231  O O     . MET A 1 64  ? -23.168 12.642  9.075   1.00 62.53 ? 102  MET A O     1 
ATOM   232  C CB    . MET A 1 64  ? -23.285 12.098  12.120  1.00 61.38 ? 102  MET A CB    1 
ATOM   233  C CG    . MET A 1 64  ? -24.004 11.548  13.335  1.00 61.27 ? 102  MET A CG    1 
ATOM   234  S SD    . MET A 1 64  ? -25.725 11.084  13.040  1.00 62.05 ? 102  MET A SD    1 
ATOM   235  C CE    . MET A 1 64  ? -25.595 9.362   12.581  1.00 61.11 ? 102  MET A CE    1 
ATOM   236  N N     . ASP A 1 65  ? -21.294 11.474  9.478   1.00 63.46 ? 103  ASP A N     1 
ATOM   237  C CA    . ASP A 1 65  ? -20.576 11.988  8.310   1.00 64.45 ? 103  ASP A CA    1 
ATOM   238  C C     . ASP A 1 65  ? -21.191 11.421  7.026   1.00 65.50 ? 103  ASP A C     1 
ATOM   239  O O     . ASP A 1 65  ? -21.083 10.219  6.754   1.00 65.87 ? 103  ASP A O     1 
ATOM   240  C CB    . ASP A 1 65  ? -19.087 11.613  8.394   1.00 64.35 ? 103  ASP A CB    1 
ATOM   241  C CG    . ASP A 1 65  ? -18.222 12.353  7.378   1.00 64.15 ? 103  ASP A CG    1 
ATOM   242  O OD1   . ASP A 1 65  ? -18.602 13.463  6.945   1.00 63.63 ? 103  ASP A OD1   1 
ATOM   243  O OD2   . ASP A 1 65  ? -17.139 11.827  7.029   1.00 64.27 ? 103  ASP A OD2   1 
ATOM   244  N N     . SER A 1 66  ? -21.810 12.294  6.231   1.00 66.52 ? 104  SER A N     1 
ATOM   245  C CA    . SER A 1 66  ? -22.535 11.887  5.016   1.00 67.37 ? 104  SER A CA    1 
ATOM   246  C C     . SER A 1 66  ? -21.658 11.403  3.859   1.00 68.14 ? 104  SER A C     1 
ATOM   247  O O     . SER A 1 66  ? -22.180 10.878  2.871   1.00 68.75 ? 104  SER A O     1 
ATOM   248  C CB    . SER A 1 66  ? -23.403 13.044  4.513   1.00 67.30 ? 104  SER A CB    1 
ATOM   249  O OG    . SER A 1 66  ? -24.285 13.486  5.526   1.00 67.14 ? 104  SER A OG    1 
ATOM   250  N N     . ASP A 1 67  ? -20.342 11.577  3.967   1.00 68.93 ? 105  ASP A N     1 
ATOM   251  C CA    . ASP A 1 67  ? -19.421 11.223  2.878   1.00 69.31 ? 105  ASP A CA    1 
ATOM   252  C C     . ASP A 1 67  ? -18.984 9.767   3.054   1.00 69.46 ? 105  ASP A C     1 
ATOM   253  O O     . ASP A 1 67  ? -17.989 9.320   2.480   1.00 69.76 ? 105  ASP A O     1 
ATOM   254  C CB    . ASP A 1 67  ? -18.202 12.162  2.865   1.00 69.47 ? 105  ASP A CB    1 
ATOM   255  C CG    . ASP A 1 67  ? -18.553 13.602  3.265   1.00 70.32 ? 105  ASP A CG    1 
ATOM   256  O OD1   . ASP A 1 67  ? -17.833 14.172  4.119   1.00 71.80 ? 105  ASP A OD1   1 
ATOM   257  O OD2   . ASP A 1 67  ? -19.554 14.153  2.755   1.00 70.04 ? 105  ASP A OD2   1 
ATOM   258  N N     . LEU A 1 71  ? -19.911 3.213   -0.643  1.00 66.40 ? 109  LEU A N     1 
ATOM   259  C CA    . LEU A 1 71  ? -18.474 2.967   -0.641  1.00 66.64 ? 109  LEU A CA    1 
ATOM   260  C C     . LEU A 1 71  ? -18.207 1.530   -0.210  1.00 66.71 ? 109  LEU A C     1 
ATOM   261  O O     . LEU A 1 71  ? -17.502 1.292   0.776   1.00 66.87 ? 109  LEU A O     1 
ATOM   262  N N     . GLY A 1 72  ? -18.734 0.588   -0.992  1.00 66.40 ? 110  GLY A N     1 
ATOM   263  C CA    . GLY A 1 72  ? -18.962 -0.789  -0.545  1.00 65.94 ? 110  GLY A CA    1 
ATOM   264  C C     . GLY A 1 72  ? -17.767 -1.708  -0.346  1.00 65.44 ? 110  GLY A C     1 
ATOM   265  O O     . GLY A 1 72  ? -16.971 -1.518  0.575   1.00 65.56 ? 110  GLY A O     1 
ATOM   266  N N     . GLU A 1 73  ? -17.650 -2.707  -1.225  1.00 64.73 ? 111  GLU A N     1 
ATOM   267  C CA    . GLU A 1 73  ? -16.794 -3.881  -0.998  1.00 63.60 ? 111  GLU A CA    1 
ATOM   268  C C     . GLU A 1 73  ? -15.315 -3.567  -0.874  1.00 62.53 ? 111  GLU A C     1 
ATOM   269  O O     . GLU A 1 73  ? -14.677 -3.213  -1.862  1.00 63.24 ? 111  GLU A O     1 
ATOM   270  C CB    . GLU A 1 73  ? -16.981 -4.898  -2.134  1.00 63.68 ? 111  GLU A CB    1 
ATOM   271  N N     . ASP A 1 74  ? -14.775 -3.732  0.338   1.00 60.91 ? 112  ASP A N     1 
ATOM   272  C CA    . ASP A 1 74  ? -13.327 -3.616  0.616   1.00 59.20 ? 112  ASP A CA    1 
ATOM   273  C C     . ASP A 1 74  ? -12.747 -2.247  0.310   1.00 57.06 ? 112  ASP A C     1 
ATOM   274  O O     . ASP A 1 74  ? -11.658 -2.142  -0.210  1.00 56.39 ? 112  ASP A O     1 
ATOM   275  C CB    . ASP A 1 74  ? -12.542 -4.674  -0.149  1.00 59.64 ? 112  ASP A CB    1 
ATOM   276  C CG    . ASP A 1 74  ? -13.076 -6.073  0.069   1.00 61.29 ? 112  ASP A CG    1 
ATOM   277  O OD1   . ASP A 1 74  ? -13.255 -6.806  -0.933  1.00 63.46 ? 112  ASP A OD1   1 
ATOM   278  O OD2   . ASP A 1 74  ? -13.316 -6.436  1.243   1.00 63.34 ? 112  ASP A OD2   1 
ATOM   279  N N     . THR A 1 75  ? -13.466 -1.198  0.676   1.00 55.50 ? 113  THR A N     1 
ATOM   280  C CA    . THR A 1 75  ? -13.087 0.155   0.297   1.00 54.33 ? 113  THR A CA    1 
ATOM   281  C C     . THR A 1 75  ? -13.171 1.056   1.504   1.00 53.88 ? 113  THR A C     1 
ATOM   282  O O     . THR A 1 75  ? -14.155 1.040   2.232   1.00 53.45 ? 113  THR A O     1 
ATOM   283  C CB    . THR A 1 75  ? -14.008 0.714   -0.837  1.00 54.12 ? 113  THR A CB    1 
ATOM   284  O OG1   . THR A 1 75  ? -13.841 -0.077  -2.019  1.00 52.91 ? 113  THR A OG1   1 
ATOM   285  C CG2   . THR A 1 75  ? -13.677 2.175   -1.147  1.00 52.48 ? 113  THR A CG2   1 
ATOM   286  N N     . TYR A 1 76  ? -12.129 1.850   1.689   1.00 53.74 ? 114  TYR A N     1 
ATOM   287  C CA    . TYR A 1 76  ? -12.016 2.746   2.812   1.00 54.35 ? 114  TYR A CA    1 
ATOM   288  C C     . TYR A 1 76  ? -11.805 4.125   2.243   1.00 55.25 ? 114  TYR A C     1 
ATOM   289  O O     . TYR A 1 76  ? -11.089 4.302   1.274   1.00 55.27 ? 114  TYR A O     1 
ATOM   290  C CB    . TYR A 1 76  ? -10.860 2.319   3.727   1.00 54.35 ? 114  TYR A CB    1 
ATOM   291  C CG    . TYR A 1 76  ? -10.964 0.870   4.129   1.00 53.67 ? 114  TYR A CG    1 
ATOM   292  C CD1   . TYR A 1 76  ? -10.570 -0.141  3.265   1.00 53.40 ? 114  TYR A CD1   1 
ATOM   293  C CD2   . TYR A 1 76  ? -11.503 0.513   5.353   1.00 54.91 ? 114  TYR A CD2   1 
ATOM   294  C CE1   . TYR A 1 76  ? -10.692 -1.467  3.614   1.00 54.82 ? 114  TYR A CE1   1 
ATOM   295  C CE2   . TYR A 1 76  ? -11.625 -0.817  5.722   1.00 54.86 ? 114  TYR A CE2   1 
ATOM   296  C CZ    . TYR A 1 76  ? -11.220 -1.803  4.854   1.00 55.04 ? 114  TYR A CZ    1 
ATOM   297  O OH    . TYR A 1 76  ? -11.346 -3.120  5.226   1.00 54.79 ? 114  TYR A OH    1 
ATOM   298  N N     . GLU A 1 77  ? -12.485 5.099   2.815   1.00 56.70 ? 115  GLU A N     1 
ATOM   299  C CA    . GLU A 1 77  ? -12.432 6.464   2.321   1.00 57.84 ? 115  GLU A CA    1 
ATOM   300  C C     . GLU A 1 77  ? -12.306 7.344   3.537   1.00 57.82 ? 115  GLU A C     1 
ATOM   301  O O     . GLU A 1 77  ? -13.050 7.170   4.499   1.00 58.62 ? 115  GLU A O     1 
ATOM   302  C CB    . GLU A 1 77  ? -13.692 6.803   1.529   1.00 57.88 ? 115  GLU A CB    1 
ATOM   303  C CG    . GLU A 1 77  ? -13.925 8.305   1.319   1.00 59.37 ? 115  GLU A CG    1 
ATOM   304  C CD    . GLU A 1 77  ? -14.949 8.602   0.236   1.00 59.51 ? 115  GLU A CD    1 
ATOM   305  O OE1   . GLU A 1 77  ? -15.807 9.485   0.450   1.00 64.66 ? 115  GLU A OE1   1 
ATOM   306  O OE2   . GLU A 1 77  ? -14.909 7.961   -0.833  1.00 61.88 ? 115  GLU A OE2   1 
ATOM   307  N N     . ARG A 1 78  ? -11.341 8.256   3.516   1.00 57.62 ? 116  ARG A N     1 
ATOM   308  C CA    . ARG A 1 78  ? -11.217 9.240   4.580   1.00 56.93 ? 116  ARG A CA    1 
ATOM   309  C C     . ARG A 1 78  ? -10.364 10.441  4.173   1.00 56.67 ? 116  ARG A C     1 
ATOM   310  O O     . ARG A 1 78  ? -9.414  10.315  3.394   1.00 57.10 ? 116  ARG A O     1 
ATOM   311  C CB    . ARG A 1 78  ? -10.654 8.593   5.838   1.00 56.55 ? 116  ARG A CB    1 
ATOM   312  C CG    . ARG A 1 78  ? -9.204  8.206   5.765   1.00 56.07 ? 116  ARG A CG    1 
ATOM   313  C CD    . ARG A 1 78  ? -8.628  8.070   7.144   1.00 55.27 ? 116  ARG A CD    1 
ATOM   314  N NE    . ARG A 1 78  ? -8.375  9.373   7.756   1.00 54.58 ? 116  ARG A NE    1 
ATOM   315  C CZ    . ARG A 1 78  ? -7.840  9.551   8.960   1.00 54.64 ? 116  ARG A CZ    1 
ATOM   316  N NH1   . ARG A 1 78  ? -7.505  8.515   9.716   1.00 54.43 ? 116  ARG A NH1   1 
ATOM   317  N NH2   . ARG A 1 78  ? -7.632  10.777  9.412   1.00 55.27 ? 116  ARG A NH2   1 
ATOM   318  N N     . THR A 1 79  ? -10.706 11.598  4.723   1.00 55.96 ? 117  THR A N     1 
ATOM   319  C CA    . THR A 1 79  ? -9.930  12.803  4.498   1.00 55.59 ? 117  THR A CA    1 
ATOM   320  C C     . THR A 1 79  ? -8.717  12.813  5.425   1.00 55.37 ? 117  THR A C     1 
ATOM   321  O O     . THR A 1 79  ? -8.729  12.171  6.475   1.00 55.34 ? 117  THR A O     1 
ATOM   322  C CB    . THR A 1 79  ? -10.778 14.081  4.695   1.00 55.50 ? 117  THR A CB    1 
ATOM   323  O OG1   . THR A 1 79  ? -9.910  15.199  4.904   1.00 56.08 ? 117  THR A OG1   1 
ATOM   324  C CG2   . THR A 1 79  ? -11.713 13.952  5.884   1.00 54.98 ? 117  THR A CG2   1 
ATOM   325  N N     . LEU A 1 80  ? -7.676  13.541  5.029   1.00 55.06 ? 118  LEU A N     1 
ATOM   326  C CA    . LEU A 1 80  ? -6.461  13.679  5.838   1.00 54.88 ? 118  LEU A CA    1 
ATOM   327  C C     . LEU A 1 80  ? -5.742  14.960  5.436   1.00 54.53 ? 118  LEU A C     1 
ATOM   328  O O     . LEU A 1 80  ? -5.545  15.211  4.249   1.00 54.52 ? 118  LEU A O     1 
ATOM   329  C CB    . LEU A 1 80  ? -5.534  12.467  5.642   1.00 54.72 ? 118  LEU A CB    1 
ATOM   330  C CG    . LEU A 1 80  ? -4.294  12.374  6.548   1.00 55.38 ? 118  LEU A CG    1 
ATOM   331  C CD1   . LEU A 1 80  ? -4.678  11.988  7.972   1.00 54.96 ? 118  LEU A CD1   1 
ATOM   332  C CD2   . LEU A 1 80  ? -3.254  11.387  5.998   1.00 55.14 ? 118  LEU A CD2   1 
ATOM   333  N N     . MET A 1 81  ? -5.361  15.772  6.420   1.00 54.36 ? 119  MET A N     1 
ATOM   334  C CA    . MET A 1 81  ? -4.587  16.987  6.159   1.00 54.13 ? 119  MET A CA    1 
ATOM   335  C C     . MET A 1 81  ? -3.120  16.625  5.986   1.00 53.86 ? 119  MET A C     1 
ATOM   336  O O     . MET A 1 81  ? -2.554  15.910  6.813   1.00 54.02 ? 119  MET A O     1 
ATOM   337  C CB    . MET A 1 81  ? -4.744  17.991  7.301   1.00 54.13 ? 119  MET A CB    1 
ATOM   338  C CG    . MET A 1 81  ? -6.118  18.603  7.374   1.00 54.29 ? 119  MET A CG    1 
ATOM   339  S SD    . MET A 1 81  ? -6.435  19.803  6.068   1.00 54.83 ? 119  MET A SD    1 
ATOM   340  C CE    . MET A 1 81  ? -5.553  21.233  6.691   1.00 54.97 ? 119  MET A CE    1 
ATOM   341  N N     . VAL A 1 82  ? -2.519  17.096  4.896   1.00 53.58 ? 120  VAL A N     1 
ATOM   342  C CA    . VAL A 1 82  ? -1.104  16.839  4.608   1.00 53.34 ? 120  VAL A CA    1 
ATOM   343  C C     . VAL A 1 82  ? -0.455  18.147  4.173   1.00 53.16 ? 120  VAL A C     1 
ATOM   344  O O     . VAL A 1 82  ? -0.979  18.841  3.301   1.00 53.35 ? 120  VAL A O     1 
ATOM   345  C CB    . VAL A 1 82  ? -0.919  15.759  3.511   1.00 53.30 ? 120  VAL A CB    1 
ATOM   346  C CG1   . VAL A 1 82  ? 0.561   15.429  3.323   1.00 53.29 ? 120  VAL A CG1   1 
ATOM   347  C CG2   . VAL A 1 82  ? -1.699  14.489  3.859   1.00 53.02 ? 120  VAL A CG2   1 
ATOM   348  N N     . ASP A 1 83  ? 0.653   18.503  4.820   1.00 52.81 ? 121  ASP A N     1 
ATOM   349  C CA    . ASP A 1 83  ? 1.401   19.727  4.504   1.00 52.44 ? 121  ASP A CA    1 
ATOM   350  C C     . ASP A 1 83  ? 0.521   20.976  4.351   1.00 51.83 ? 121  ASP A C     1 
ATOM   351  O O     . ASP A 1 83  ? 0.833   21.856  3.546   1.00 51.72 ? 121  ASP A O     1 
ATOM   352  C CB    . ASP A 1 83  ? 2.221   19.518  3.222   1.00 52.55 ? 121  ASP A CB    1 
ATOM   353  C CG    . ASP A 1 83  ? 3.210   18.381  3.340   1.00 52.96 ? 121  ASP A CG    1 
ATOM   354  O OD1   . ASP A 1 83  ? 3.912   18.312  4.368   1.00 54.01 ? 121  ASP A OD1   1 
ATOM   355  O OD2   . ASP A 1 83  ? 3.295   17.560  2.402   1.00 53.54 ? 121  ASP A OD2   1 
ATOM   356  N N     . GLY A 1 84  ? -0.568  21.049  5.118   1.00 51.31 ? 122  GLY A N     1 
ATOM   357  C CA    . GLY A 1 84  ? -1.507  22.185  5.056   1.00 50.89 ? 122  GLY A CA    1 
ATOM   358  C C     . GLY A 1 84  ? -2.761  21.991  4.204   1.00 50.50 ? 122  GLY A C     1 
ATOM   359  O O     . GLY A 1 84  ? -3.781  22.626  4.465   1.00 50.11 ? 122  GLY A O     1 
ATOM   360  N N     . GLU A 1 85  ? -2.690  21.119  3.190   1.00 50.17 ? 123  GLU A N     1 
ATOM   361  C CA    . GLU A 1 85  ? -3.798  20.900  2.246   1.00 49.78 ? 123  GLU A CA    1 
ATOM   362  C C     . GLU A 1 85  ? -4.515  19.574  2.518   1.00 49.20 ? 123  GLU A C     1 
ATOM   363  O O     . GLU A 1 85  ? -3.874  18.552  2.768   1.00 49.01 ? 123  GLU A O     1 
ATOM   364  C CB    . GLU A 1 85  ? -3.276  20.920  0.801   1.00 49.91 ? 123  GLU A CB    1 
ATOM   365  C CG    . GLU A 1 85  ? -4.369  20.980  -0.285  1.00 50.24 ? 123  GLU A CG    1 
ATOM   366  C CD    . GLU A 1 85  ? -3.848  20.695  -1.704  1.00 50.19 ? 123  GLU A CD    1 
ATOM   367  O OE1   . GLU A 1 85  ? -4.544  21.061  -2.678  1.00 51.18 ? 123  GLU A OE1   1 
ATOM   368  O OE2   . GLU A 1 85  ? -2.756  20.114  -1.854  1.00 49.36 ? 123  GLU A OE2   1 
ATOM   369  N N     . SER A 1 86  ? -5.847  19.597  2.451   1.00 48.63 ? 124  SER A N     1 
ATOM   370  C CA    . SER A 1 86  ? -6.664  18.397  2.691   1.00 48.14 ? 124  SER A CA    1 
ATOM   371  C C     . SER A 1 86  ? -6.596  17.429  1.512   1.00 47.78 ? 124  SER A C     1 
ATOM   372  O O     . SER A 1 86  ? -6.593  17.850  0.358   1.00 47.91 ? 124  SER A O     1 
ATOM   373  C CB    . SER A 1 86  ? -8.127  18.781  2.954   1.00 47.98 ? 124  SER A CB    1 
ATOM   374  O OG    . SER A 1 86  ? -8.928  17.630  3.166   1.00 47.12 ? 124  SER A OG    1 
ATOM   375  N N     . ALA A 1 87  ? -6.555  16.134  1.816   1.00 47.36 ? 125  ALA A N     1 
ATOM   376  C CA    . ALA A 1 87  ? -6.535  15.075  0.804   1.00 47.01 ? 125  ALA A CA    1 
ATOM   377  C C     . ALA A 1 87  ? -7.593  14.029  1.132   1.00 46.81 ? 125  ALA A C     1 
ATOM   378  O O     . ALA A 1 87  ? -7.676  13.588  2.265   1.00 47.38 ? 125  ALA A O     1 
ATOM   379  C CB    . ALA A 1 87  ? -5.157  14.419  0.762   1.00 46.69 ? 125  ALA A CB    1 
ATOM   380  N N     . THR A 1 88  ? -8.390  13.628  0.145   1.00 46.72 ? 126  THR A N     1 
ATOM   381  C CA    . THR A 1 88  ? -9.350  12.532  0.303   1.00 46.56 ? 126  THR A CA    1 
ATOM   382  C C     . THR A 1 88  ? -8.767  11.220  -0.242  1.00 46.85 ? 126  THR A C     1 
ATOM   383  O O     . THR A 1 88  ? -8.630  11.048  -1.447  1.00 46.62 ? 126  THR A O     1 
ATOM   384  C CB    . THR A 1 88  ? -10.685 12.850  -0.404  1.00 46.84 ? 126  THR A CB    1 
ATOM   385  O OG1   . THR A 1 88  ? -11.246 14.064  0.131   1.00 45.76 ? 126  THR A OG1   1 
ATOM   386  C CG2   . THR A 1 88  ? -11.677 11.706  -0.213  1.00 46.80 ? 126  THR A CG2   1 
ATOM   387  N N     . ILE A 1 89  ? -8.412  10.308  0.672   1.00 47.56 ? 127  ILE A N     1 
ATOM   388  C CA    . ILE A 1 89  ? -7.779  9.027   0.351   1.00 47.25 ? 127  ILE A CA    1 
ATOM   389  C C     . ILE A 1 89  ? -8.815  7.904   0.203   1.00 47.50 ? 127  ILE A C     1 
ATOM   390  O O     . ILE A 1 89  ? -9.530  7.585   1.143   1.00 47.86 ? 127  ILE A O     1 
ATOM   391  C CB    . ILE A 1 89  ? -6.777  8.615   1.458   1.00 47.45 ? 127  ILE A CB    1 
ATOM   392  C CG1   . ILE A 1 89  ? -5.803  9.760   1.801   1.00 48.12 ? 127  ILE A CG1   1 
ATOM   393  C CG2   . ILE A 1 89  ? -6.012  7.333   1.092   1.00 45.94 ? 127  ILE A CG2   1 
ATOM   394  C CD1   . ILE A 1 89  ? -5.271  10.502  0.609   1.00 48.95 ? 127  ILE A CD1   1 
ATOM   395  N N     . ILE A 1 90  ? -8.882  7.310   -0.984  1.00 47.55 ? 128  ILE A N     1 
ATOM   396  C CA    . ILE A 1 90  ? -9.658  6.095   -1.224  1.00 47.42 ? 128  ILE A CA    1 
ATOM   397  C C     . ILE A 1 90  ? -8.665  4.924   -1.190  1.00 47.60 ? 128  ILE A C     1 
ATOM   398  O O     . ILE A 1 90  ? -7.690  4.933   -1.929  1.00 47.81 ? 128  ILE A O     1 
ATOM   399  C CB    . ILE A 1 90  ? -10.366 6.150   -2.602  1.00 47.50 ? 128  ILE A CB    1 
ATOM   400  C CG1   . ILE A 1 90  ? -11.116 7.477   -2.796  1.00 46.93 ? 128  ILE A CG1   1 
ATOM   401  C CG2   . ILE A 1 90  ? -11.288 4.958   -2.793  1.00 47.95 ? 128  ILE A CG2   1 
ATOM   402  C CD1   . ILE A 1 90  ? -12.090 7.822   -1.686  1.00 46.78 ? 128  ILE A CD1   1 
ATOM   403  N N     . LEU A 1 91  ? -8.892  3.952   -0.302  1.00 47.98 ? 129  LEU A N     1 
ATOM   404  C CA    . LEU A 1 91  ? -8.050  2.781   -0.159  1.00 48.34 ? 129  LEU A CA    1 
ATOM   405  C C     . LEU A 1 91  ? -8.813  1.597   -0.677  1.00 47.88 ? 129  LEU A C     1 
ATOM   406  O O     . LEU A 1 91  ? -9.918  1.325   -0.229  1.00 46.87 ? 129  LEU A O     1 
ATOM   407  C CB    . LEU A 1 91  ? -7.694  2.494   1.307   1.00 49.36 ? 129  LEU A CB    1 
ATOM   408  C CG    . LEU A 1 91  ? -6.819  3.447   2.123   1.00 51.61 ? 129  LEU A CG    1 
ATOM   409  C CD1   . LEU A 1 91  ? -6.454  2.793   3.462   1.00 53.87 ? 129  LEU A CD1   1 
ATOM   410  C CD2   . LEU A 1 91  ? -5.560  3.813   1.353   1.00 54.09 ? 129  LEU A CD2   1 
ATOM   411  N N     . LEU A 1 92  ? -8.175  0.860   -1.576  1.00 48.26 ? 130  LEU A N     1 
ATOM   412  C CA    . LEU A 1 92  ? -8.808  -0.211  -2.321  1.00 48.89 ? 130  LEU A CA    1 
ATOM   413  C C     . LEU A 1 92  ? -8.079  -1.506  -1.944  1.00 49.14 ? 130  LEU A C     1 
ATOM   414  O O     . LEU A 1 92  ? -6.916  -1.673  -2.284  1.00 48.81 ? 130  LEU A O     1 
ATOM   415  C CB    . LEU A 1 92  ? -8.725  0.099   -3.837  1.00 48.55 ? 130  LEU A CB    1 
ATOM   416  C CG    . LEU A 1 92  ? -9.453  1.373   -4.338  1.00 49.61 ? 130  LEU A CG    1 
ATOM   417  C CD1   . LEU A 1 92  ? -8.907  1.952   -5.683  1.00 48.98 ? 130  LEU A CD1   1 
ATOM   418  C CD2   . LEU A 1 92  ? -10.954 1.138   -4.485  1.00 49.75 ? 130  LEU A CD2   1 
ATOM   419  N N     . ASP A 1 93  ? -8.774  -2.389  -1.220  1.00 49.91 ? 131  ASP A N     1 
ATOM   420  C CA    . ASP A 1 93  ? -8.192  -3.595  -0.600  1.00 50.65 ? 131  ASP A CA    1 
ATOM   421  C C     . ASP A 1 93  ? -8.894  -4.830  -1.187  1.00 51.48 ? 131  ASP A C     1 
ATOM   422  O O     . ASP A 1 93  ? -9.471  -5.641  -0.450  1.00 51.51 ? 131  ASP A O     1 
ATOM   423  C CB    . ASP A 1 93  ? -8.393  -3.522  0.928   1.00 50.64 ? 131  ASP A CB    1 
ATOM   424  C CG    . ASP A 1 93  ? -7.853  -4.747  1.678   1.00 51.30 ? 131  ASP A CG    1 
ATOM   425  O OD1   . ASP A 1 93  ? -6.740  -5.229  1.354   1.00 52.38 ? 131  ASP A OD1   1 
ATOM   426  O OD2   . ASP A 1 93  ? -8.539  -5.217  2.620   1.00 50.17 ? 131  ASP A OD2   1 
ATOM   427  N N     . MET A 1 94  ? -8.815  -4.974  -2.509  1.00 51.85 ? 132  MET A N     1 
ATOM   428  C CA    . MET A 1 94  ? -9.630  -5.934  -3.247  1.00 52.88 ? 132  MET A CA    1 
ATOM   429  C C     . MET A 1 94  ? -8.863  -7.114  -3.810  1.00 52.48 ? 132  MET A C     1 
ATOM   430  O O     . MET A 1 94  ? -9.434  -7.928  -4.529  1.00 51.91 ? 132  MET A O     1 
ATOM   431  C CB    . MET A 1 94  ? -10.332 -5.193  -4.382  1.00 52.90 ? 132  MET A CB    1 
ATOM   432  C CG    . MET A 1 94  ? -10.959 -3.909  -3.876  1.00 53.54 ? 132  MET A CG    1 
ATOM   433  S SD    . MET A 1 94  ? -11.924 -3.121  -5.119  1.00 56.36 ? 132  MET A SD    1 
ATOM   434  C CE    . MET A 1 94  ? -12.889 -1.986  -4.112  1.00 55.06 ? 132  MET A CE    1 
ATOM   435  N N     . TRP A 1 95  ? -7.585  -7.216  -3.449  1.00 52.94 ? 133  TRP A N     1 
ATOM   436  C CA    . TRP A 1 95  ? -6.659  -8.180  -4.039  1.00 53.19 ? 133  TRP A CA    1 
ATOM   437  C C     . TRP A 1 95  ? -7.015  -9.625  -3.749  1.00 54.47 ? 133  TRP A C     1 
ATOM   438  O O     . TRP A 1 95  ? -6.813  -10.484 -4.589  1.00 54.86 ? 133  TRP A O     1 
ATOM   439  C CB    . TRP A 1 95  ? -5.254  -7.891  -3.532  1.00 52.65 ? 133  TRP A CB    1 
ATOM   440  C CG    . TRP A 1 95  ? -4.160  -8.646  -4.198  1.00 51.72 ? 133  TRP A CG    1 
ATOM   441  C CD1   . TRP A 1 95  ? -3.378  -9.617  -3.637  1.00 51.03 ? 133  TRP A CD1   1 
ATOM   442  C CD2   . TRP A 1 95  ? -3.687  -8.471  -5.531  1.00 51.26 ? 133  TRP A CD2   1 
ATOM   443  N NE1   . TRP A 1 95  ? -2.459  -10.061 -4.532  1.00 51.08 ? 133  TRP A NE1   1 
ATOM   444  C CE2   . TRP A 1 95  ? -2.621  -9.384  -5.713  1.00 51.52 ? 133  TRP A CE2   1 
ATOM   445  C CE3   . TRP A 1 95  ? -4.072  -7.651  -6.598  1.00 50.99 ? 133  TRP A CE3   1 
ATOM   446  C CZ2   . TRP A 1 95  ? -1.920  -9.490  -6.917  1.00 50.35 ? 133  TRP A CZ2   1 
ATOM   447  C CZ3   . TRP A 1 95  ? -3.386  -7.766  -7.805  1.00 51.70 ? 133  TRP A CZ3   1 
ATOM   448  C CH2   . TRP A 1 95  ? -2.311  -8.674  -7.948  1.00 51.42 ? 133  TRP A CH2   1 
ATOM   449  N N     . GLU A 1 96  ? -7.547  -9.886  -2.559  1.00 56.37 ? 134  GLU A N     1 
ATOM   450  C CA    . GLU A 1 96  ? -7.985  -11.231 -2.163  1.00 57.50 ? 134  GLU A CA    1 
ATOM   451  C C     . GLU A 1 96  ? -9.347  -11.582 -2.749  1.00 58.05 ? 134  GLU A C     1 
ATOM   452  O O     . GLU A 1 96  ? -9.580  -12.730 -3.138  1.00 58.81 ? 134  GLU A O     1 
ATOM   453  C CB    . GLU A 1 96  ? -7.996  -11.355 -0.637  1.00 57.64 ? 134  GLU A CB    1 
ATOM   454  C CG    . GLU A 1 96  ? -6.576  -11.238 -0.041  1.00 58.39 ? 134  GLU A CG    1 
ATOM   455  C CD    . GLU A 1 96  ? -6.510  -11.464 1.472   1.00 58.56 ? 134  GLU A CD    1 
ATOM   456  O OE1   . GLU A 1 96  ? -7.543  -11.709 2.141   1.00 58.49 ? 134  GLU A OE1   1 
ATOM   457  O OE2   . GLU A 1 96  ? -5.388  -11.389 1.994   1.00 60.22 ? 134  GLU A OE2   1 
ATOM   458  N N     . ASN A 1 97  ? -10.242 -10.598 -2.819  1.00 58.44 ? 135  ASN A N     1 
ATOM   459  C CA    . ASN A 1 97  ? -11.507 -10.769 -3.519  1.00 58.71 ? 135  ASN A CA    1 
ATOM   460  C C     . ASN A 1 97  ? -11.371 -10.349 -4.986  1.00 58.83 ? 135  ASN A C     1 
ATOM   461  O O     . ASN A 1 97  ? -11.849 -9.290  -5.385  1.00 59.70 ? 135  ASN A O     1 
ATOM   462  C CB    . ASN A 1 97  ? -12.629 -9.977  -2.832  1.00 58.85 ? 135  ASN A CB    1 
ATOM   463  N N     . LYS A 1 98  ? -10.686 -11.166 -5.778  1.00 58.39 ? 136  LYS A N     1 
ATOM   464  C CA    . LYS A 1 98  ? -10.717 -11.036 -7.238  1.00 58.00 ? 136  LYS A CA    1 
ATOM   465  C C     . LYS A 1 98  ? -9.536  -10.289 -7.859  1.00 57.18 ? 136  LYS A C     1 
ATOM   466  O O     . LYS A 1 98  ? -9.189  -10.566 -8.995  1.00 57.03 ? 136  LYS A O     1 
ATOM   467  C CB    . LYS A 1 98  ? -12.039 -10.396 -7.702  1.00 58.09 ? 136  LYS A CB    1 
ATOM   468  N N     . GLY A 1 99  ? -8.940  -9.349  -7.133  1.00 56.43 ? 137  GLY A N     1 
ATOM   469  C CA    . GLY A 1 99  ? -7.853  -8.536  -7.664  1.00 56.09 ? 137  GLY A CA    1 
ATOM   470  C C     . GLY A 1 99  ? -6.687  -9.366  -8.188  1.00 56.16 ? 137  GLY A C     1 
ATOM   471  O O     . GLY A 1 99  ? -6.226  -9.172  -9.332  1.00 55.05 ? 137  GLY A O     1 
ATOM   472  N N     . GLU A 1 100 ? -6.238  -10.311 -7.357  1.00 56.23 ? 138  GLU A N     1 
ATOM   473  C CA    . GLU A 1 100 ? -5.161  -11.231 -7.731  1.00 56.58 ? 138  GLU A CA    1 
ATOM   474  C C     . GLU A 1 100 ? -5.503  -12.131 -8.911  1.00 56.15 ? 138  GLU A C     1 
ATOM   475  O O     . GLU A 1 100 ? -4.678  -12.330 -9.793  1.00 56.23 ? 138  GLU A O     1 
ATOM   476  C CB    . GLU A 1 100 ? -4.756  -12.117 -6.553  1.00 56.75 ? 138  GLU A CB    1 
ATOM   477  C CG    . GLU A 1 100 ? -3.592  -13.045 -6.923  1.00 58.89 ? 138  GLU A CG    1 
ATOM   478  C CD    . GLU A 1 100 ? -3.020  -13.803 -5.757  1.00 62.24 ? 138  GLU A CD    1 
ATOM   479  O OE1   . GLU A 1 100 ? -3.624  -13.783 -4.661  1.00 65.40 ? 138  GLU A OE1   1 
ATOM   480  O OE2   . GLU A 1 100 ? -1.950  -14.425 -5.945  1.00 65.32 ? 138  GLU A OE2   1 
ATOM   481  N N     . ASN A 1 101 ? -6.702  -12.706 -8.905  1.00 56.11 ? 139  ASN A N     1 
ATOM   482  C CA    . ASN A 1 101 ? -7.162  -13.550 -10.017 1.00 55.86 ? 139  ASN A CA    1 
ATOM   483  C C     . ASN A 1 101 ? -7.302  -12.776 -11.316 1.00 55.19 ? 139  ASN A C     1 
ATOM   484  O O     . ASN A 1 101 ? -7.036  -13.313 -12.392 1.00 55.64 ? 139  ASN A O     1 
ATOM   485  C CB    . ASN A 1 101 ? -8.497  -14.224 -9.684  1.00 55.93 ? 139  ASN A CB    1 
ATOM   486  C CG    . ASN A 1 101 ? -8.367  -15.287 -8.603  1.00 57.17 ? 139  ASN A CG    1 
ATOM   487  O OD1   . ASN A 1 101 ? -7.265  -15.776 -8.313  1.00 59.03 ? 139  ASN A OD1   1 
ATOM   488  N ND2   . ASN A 1 101 ? -9.500  -15.655 -8.000  1.00 56.73 ? 139  ASN A ND2   1 
ATOM   489  N N     . GLU A 1 102 ? -7.747  -11.529 -11.216 1.00 54.37 ? 140  GLU A N     1 
ATOM   490  C CA    . GLU A 1 102 ? -7.849  -10.651 -12.376 1.00 54.15 ? 140  GLU A CA    1 
ATOM   491  C C     . GLU A 1 102 ? -6.476  -10.277 -12.934 1.00 53.32 ? 140  GLU A C     1 
ATOM   492  O O     . GLU A 1 102 ? -6.335  -10.020 -14.114 1.00 53.00 ? 140  GLU A O     1 
ATOM   493  C CB    . GLU A 1 102 ? -8.648  -9.390  -12.029 1.00 53.90 ? 140  GLU A CB    1 
ATOM   494  C CG    . GLU A 1 102 ? -10.133 -9.646  -11.898 1.00 54.36 ? 140  GLU A CG    1 
ATOM   495  C CD    . GLU A 1 102 ? -10.943 -8.390  -11.604 1.00 55.28 ? 140  GLU A CD    1 
ATOM   496  O OE1   . GLU A 1 102 ? -10.340 -7.313  -11.400 1.00 58.55 ? 140  GLU A OE1   1 
ATOM   497  O OE2   . GLU A 1 102 ? -12.192 -8.487  -11.580 1.00 55.95 ? 140  GLU A OE2   1 
ATOM   498  N N     . TRP A 1 103 ? -5.466  -10.243 -12.080 1.00 53.49 ? 141  TRP A N     1 
ATOM   499  C CA    . TRP A 1 103 ? -4.105  -9.972  -12.518 1.00 53.36 ? 141  TRP A CA    1 
ATOM   500  C C     . TRP A 1 103 ? -3.580  -11.194 -13.280 1.00 52.62 ? 141  TRP A C     1 
ATOM   501  O O     . TRP A 1 103 ? -3.047  -11.064 -14.377 1.00 51.28 ? 141  TRP A O     1 
ATOM   502  C CB    . TRP A 1 103 ? -3.234  -9.608  -11.312 1.00 54.29 ? 141  TRP A CB    1 
ATOM   503  C CG    . TRP A 1 103 ? -1.835  -9.170  -11.648 1.00 55.31 ? 141  TRP A CG    1 
ATOM   504  C CD1   . TRP A 1 103 ? -0.684  -9.669  -11.128 1.00 55.91 ? 141  TRP A CD1   1 
ATOM   505  C CD2   . TRP A 1 103 ? -1.441  -8.154  -12.587 1.00 56.50 ? 141  TRP A CD2   1 
ATOM   506  N NE1   . TRP A 1 103 ? 0.399   -9.028  -11.669 1.00 56.16 ? 141  TRP A NE1   1 
ATOM   507  C CE2   . TRP A 1 103 ? -0.032  -8.094  -12.567 1.00 56.63 ? 141  TRP A CE2   1 
ATOM   508  C CE3   . TRP A 1 103 ? -2.141  -7.288  -13.435 1.00 55.28 ? 141  TRP A CE3   1 
ATOM   509  C CZ2   . TRP A 1 103 ? 0.696   -7.200  -13.367 1.00 57.05 ? 141  TRP A CZ2   1 
ATOM   510  C CZ3   . TRP A 1 103 ? -1.421  -6.409  -14.238 1.00 55.87 ? 141  TRP A CZ3   1 
ATOM   511  C CH2   . TRP A 1 103 ? -0.018  -6.370  -14.200 1.00 56.52 ? 141  TRP A CH2   1 
ATOM   512  N N     . LEU A 1 104 ? -3.804  -12.377 -12.710 1.00 52.49 ? 142  LEU A N     1 
ATOM   513  C CA    . LEU A 1 104 ? -3.403  -13.653 -13.320 1.00 52.73 ? 142  LEU A CA    1 
ATOM   514  C C     . LEU A 1 104 ? -4.149  -13.990 -14.611 1.00 52.41 ? 142  LEU A C     1 
ATOM   515  O O     . LEU A 1 104 ? -3.519  -14.296 -15.620 1.00 52.11 ? 142  LEU A O     1 
ATOM   516  C CB    . LEU A 1 104 ? -3.590  -14.803 -12.320 1.00 52.90 ? 142  LEU A CB    1 
ATOM   517  C CG    . LEU A 1 104 ? -2.629  -14.800 -11.130 1.00 54.39 ? 142  LEU A CG    1 
ATOM   518  C CD1   . LEU A 1 104 ? -3.153  -15.679 -9.979  1.00 55.60 ? 142  LEU A CD1   1 
ATOM   519  C CD2   . LEU A 1 104 ? -1.236  -15.247 -11.586 1.00 55.06 ? 142  LEU A CD2   1 
ATOM   520  N N     . HIS A 1 105 ? -5.482  -13.941 -14.581 1.00 52.06 ? 143  HIS A N     1 
ATOM   521  C CA    . HIS A 1 105 ? -6.286  -14.403 -15.719 1.00 51.97 ? 143  HIS A CA    1 
ATOM   522  C C     . HIS A 1 105 ? -6.547  -13.305 -16.747 1.00 51.71 ? 143  HIS A C     1 
ATOM   523  O O     . HIS A 1 105 ? -6.546  -13.573 -17.958 1.00 51.80 ? 143  HIS A O     1 
ATOM   524  C CB    . HIS A 1 105 ? -7.611  -15.018 -15.237 1.00 52.09 ? 143  HIS A CB    1 
ATOM   525  C CG    . HIS A 1 105 ? -8.600  -15.292 -16.332 1.00 52.20 ? 143  HIS A CG    1 
ATOM   526  N ND1   . HIS A 1 105 ? -8.286  -16.000 -17.474 1.00 52.72 ? 143  HIS A ND1   1 
ATOM   527  C CD2   . HIS A 1 105 ? -9.910  -14.966 -16.445 1.00 53.06 ? 143  HIS A CD2   1 
ATOM   528  C CE1   . HIS A 1 105 ? -9.356  -16.089 -18.246 1.00 52.16 ? 143  HIS A CE1   1 
ATOM   529  N NE2   . HIS A 1 105 ? -10.356 -15.471 -17.645 1.00 51.78 ? 143  HIS A NE2   1 
ATOM   530  N N     . ASP A 1 106 ? -6.779  -12.084 -16.271 1.00 51.27 ? 144  ASP A N     1 
ATOM   531  C CA    . ASP A 1 106 ? -7.170  -10.981 -17.154 1.00 51.18 ? 144  ASP A CA    1 
ATOM   532  C C     . ASP A 1 106 ? -5.988  -10.064 -17.484 1.00 51.09 ? 144  ASP A C     1 
ATOM   533  O O     . ASP A 1 106 ? -6.043  -9.297  -18.441 1.00 50.85 ? 144  ASP A O     1 
ATOM   534  C CB    . ASP A 1 106 ? -8.341  -10.183 -16.546 1.00 51.31 ? 144  ASP A CB    1 
ATOM   535  C CG    . ASP A 1 106 ? -9.574  -11.055 -16.256 1.00 50.73 ? 144  ASP A CG    1 
ATOM   536  O OD1   . ASP A 1 106 ? -9.900  -11.913 -17.088 1.00 50.38 ? 144  ASP A OD1   1 
ATOM   537  O OD2   . ASP A 1 106 ? -10.227 -10.879 -15.201 1.00 50.47 ? 144  ASP A OD2   1 
ATOM   538  N N     . HIS A 1 107 ? -4.921  -10.162 -16.698 1.00 51.08 ? 145  HIS A N     1 
ATOM   539  C CA    . HIS A 1 107 ? -3.705  -9.368  -16.899 1.00 51.07 ? 145  HIS A CA    1 
ATOM   540  C C     . HIS A 1 107 ? -3.982  -7.891  -16.672 1.00 51.18 ? 145  HIS A C     1 
ATOM   541  O O     . HIS A 1 107 ? -3.410  -7.032  -17.345 1.00 51.50 ? 145  HIS A O     1 
ATOM   542  C CB    . HIS A 1 107 ? -3.106  -9.632  -18.287 1.00 51.08 ? 145  HIS A CB    1 
ATOM   543  C CG    . HIS A 1 107 ? -2.956  -11.089 -18.595 1.00 50.60 ? 145  HIS A CG    1 
ATOM   544  N ND1   . HIS A 1 107 ? -2.106  -11.913 -17.885 1.00 49.70 ? 145  HIS A ND1   1 
ATOM   545  C CD2   . HIS A 1 107 ? -3.575  -11.877 -19.504 1.00 50.11 ? 145  HIS A CD2   1 
ATOM   546  C CE1   . HIS A 1 107 ? -2.201  -13.142 -18.358 1.00 51.43 ? 145  HIS A CE1   1 
ATOM   547  N NE2   . HIS A 1 107 ? -3.080  -13.147 -19.344 1.00 50.04 ? 145  HIS A NE2   1 
ATOM   548  N N     . CYS A 1 108 ? -4.847  -7.618  -15.692 1.00 50.88 ? 146  CYS A N     1 
ATOM   549  C CA    . CYS A 1 108 ? -5.331  -6.277  -15.419 1.00 50.81 ? 146  CYS A CA    1 
ATOM   550  C C     . CYS A 1 108 ? -5.199  -5.944  -13.972 1.00 50.03 ? 146  CYS A C     1 
ATOM   551  O O     . CYS A 1 108 ? -5.651  -6.690  -13.117 1.00 50.07 ? 146  CYS A O     1 
ATOM   552  C CB    . CYS A 1 108 ? -6.803  -6.135  -15.817 1.00 50.53 ? 146  CYS A CB    1 
ATOM   553  S SG    . CYS A 1 108 ? -6.972  -5.550  -17.457 1.00 53.89 ? 146  CYS A SG    1 
ATOM   554  N N     . MET A 1 109 ? -4.606  -4.789  -13.720 1.00 49.81 ? 147  MET A N     1 
ATOM   555  C CA    . MET A 1 109 ? -4.446  -4.250  -12.392 1.00 50.10 ? 147  MET A CA    1 
ATOM   556  C C     . MET A 1 109 ? -5.411  -3.083  -12.176 1.00 49.52 ? 147  MET A C     1 
ATOM   557  O O     . MET A 1 109 ? -5.694  -2.309  -13.080 1.00 48.42 ? 147  MET A O     1 
ATOM   558  C CB    . MET A 1 109 ? -3.005  -3.775  -12.230 1.00 50.84 ? 147  MET A CB    1 
ATOM   559  C CG    . MET A 1 109 ? -2.642  -3.268  -10.855 1.00 52.88 ? 147  MET A CG    1 
ATOM   560  S SD    . MET A 1 109 ? -2.390  -4.558  -9.631  1.00 59.38 ? 147  MET A SD    1 
ATOM   561  C CE    . MET A 1 109 ? -1.010  -5.492  -10.256 1.00 50.36 ? 147  MET A CE    1 
ATOM   562  N N     . GLN A 1 110 ? -5.905  -2.963  -10.954 1.00 49.53 ? 148  GLN A N     1 
ATOM   563  C CA    . GLN A 1 110 ? -6.800  -1.885  -10.600 1.00 49.52 ? 148  GLN A CA    1 
ATOM   564  C C     . GLN A 1 110 ? -6.087  -0.543  -10.748 1.00 48.61 ? 148  GLN A C     1 
ATOM   565  O O     . GLN A 1 110 ? -4.907  -0.407  -10.440 1.00 48.49 ? 148  GLN A O     1 
ATOM   566  C CB    . GLN A 1 110 ? -7.295  -2.072  -9.166  1.00 50.01 ? 148  GLN A CB    1 
ATOM   567  C CG    . GLN A 1 110 ? -8.696  -1.649  -8.960  1.00 53.85 ? 148  GLN A CG    1 
ATOM   568  C CD    . GLN A 1 110 ? -9.406  -2.557  -7.996  1.00 58.73 ? 148  GLN A CD    1 
ATOM   569  O OE1   . GLN A 1 110 ? -9.039  -2.621  -6.812  1.00 62.79 ? 148  GLN A OE1   1 
ATOM   570  N NE2   . GLN A 1 110 ? -10.420 -3.286  -8.492  1.00 58.43 ? 148  GLN A NE2   1 
ATOM   571  N N     . VAL A 1 111 ? -6.820  0.437   -11.247 1.00 48.01 ? 149  VAL A N     1 
ATOM   572  C CA    . VAL A 1 111 ? -6.322  1.797   -11.448 1.00 47.25 ? 149  VAL A CA    1 
ATOM   573  C C     . VAL A 1 111 ? -6.200  2.530   -10.104 1.00 46.46 ? 149  VAL A C     1 
ATOM   574  O O     . VAL A 1 111 ? -7.129  2.548   -9.311  1.00 45.68 ? 149  VAL A O     1 
ATOM   575  C CB    . VAL A 1 111 ? -7.278  2.583   -12.373 1.00 47.01 ? 149  VAL A CB    1 
ATOM   576  C CG1   . VAL A 1 111 ? -6.782  4.003   -12.577 1.00 47.88 ? 149  VAL A CG1   1 
ATOM   577  C CG2   . VAL A 1 111 ? -7.415  1.882   -13.687 1.00 46.53 ? 149  VAL A CG2   1 
ATOM   578  N N     . GLY A 1 112 ? -5.032  3.111   -9.861  1.00 46.45 ? 150  GLY A N     1 
ATOM   579  C CA    . GLY A 1 112 ? -4.766  3.901   -8.667  1.00 46.19 ? 150  GLY A CA    1 
ATOM   580  C C     . GLY A 1 112 ? -3.776  5.019   -8.947  1.00 46.19 ? 150  GLY A C     1 
ATOM   581  O O     . GLY A 1 112 ? -3.048  5.000   -9.943  1.00 45.64 ? 150  GLY A O     1 
ATOM   582  N N     . ASP A 1 113 ? -3.761  6.010   -8.063  1.00 46.09 ? 151  ASP A N     1 
ATOM   583  C CA    . ASP A 1 113 ? -2.725  7.051   -8.081  1.00 45.79 ? 151  ASP A CA    1 
ATOM   584  C C     . ASP A 1 113 ? -1.435  6.599   -7.393  1.00 45.20 ? 151  ASP A C     1 
ATOM   585  O O     . ASP A 1 113 ? -0.410  7.229   -7.536  1.00 45.31 ? 151  ASP A O     1 
ATOM   586  C CB    . ASP A 1 113 ? -3.260  8.321   -7.422  1.00 45.77 ? 151  ASP A CB    1 
ATOM   587  C CG    . ASP A 1 113 ? -4.454  8.872   -8.147  1.00 45.50 ? 151  ASP A CG    1 
ATOM   588  O OD1   . ASP A 1 113 ? -4.330  9.149   -9.364  1.00 44.61 ? 151  ASP A OD1   1 
ATOM   589  O OD2   . ASP A 1 113 ? -5.511  9.002   -7.501  1.00 45.53 ? 151  ASP A OD2   1 
ATOM   590  N N     . ALA A 1 114 ? -1.507  5.508   -6.646  1.00 45.09 ? 152  ALA A N     1 
ATOM   591  C CA    . ALA A 1 114 ? -0.350  4.914   -5.997  1.00 45.26 ? 152  ALA A CA    1 
ATOM   592  C C     . ALA A 1 114 ? -0.658  3.461   -5.742  1.00 45.37 ? 152  ALA A C     1 
ATOM   593  O O     . ALA A 1 114 ? -1.806  3.099   -5.543  1.00 44.64 ? 152  ALA A O     1 
ATOM   594  C CB    . ALA A 1 114 ? -0.018  5.625   -4.670  1.00 44.93 ? 152  ALA A CB    1 
ATOM   595  N N     . TYR A 1 115 ? 0.380   2.630   -5.768  1.00 46.38 ? 153  TYR A N     1 
ATOM   596  C CA    . TYR A 1 115 ? 0.259   1.227   -5.408  1.00 47.01 ? 153  TYR A CA    1 
ATOM   597  C C     . TYR A 1 115 ? 1.090   0.948   -4.184  1.00 47.79 ? 153  TYR A C     1 
ATOM   598  O O     . TYR A 1 115 ? 2.243   1.378   -4.103  1.00 47.74 ? 153  TYR A O     1 
ATOM   599  C CB    . TYR A 1 115 ? 0.713   0.345   -6.562  1.00 47.43 ? 153  TYR A CB    1 
ATOM   600  C CG    . TYR A 1 115 ? -0.198  0.428   -7.738  1.00 47.29 ? 153  TYR A CG    1 
ATOM   601  C CD1   . TYR A 1 115 ? -0.049  1.435   -8.684  1.00 48.63 ? 153  TYR A CD1   1 
ATOM   602  C CD2   . TYR A 1 115 ? -1.232  -0.475  -7.899  1.00 47.08 ? 153  TYR A CD2   1 
ATOM   603  C CE1   . TYR A 1 115 ? -0.900  1.523   -9.767  1.00 47.92 ? 153  TYR A CE1   1 
ATOM   604  C CE2   . TYR A 1 115 ? -2.079  -0.399  -8.982  1.00 48.02 ? 153  TYR A CE2   1 
ATOM   605  C CZ    . TYR A 1 115 ? -1.915  0.604   -9.913  1.00 47.42 ? 153  TYR A CZ    1 
ATOM   606  O OH    . TYR A 1 115 ? -2.775  0.702   -10.991 1.00 49.18 ? 153  TYR A OH    1 
ATOM   607  N N     . LEU A 1 116 ? 0.485   0.250   -3.224  1.00 48.82 ? 154  LEU A N     1 
ATOM   608  C CA    . LEU A 1 116 ? 1.172   -0.219  -2.010  1.00 49.61 ? 154  LEU A CA    1 
ATOM   609  C C     . LEU A 1 116 ? 1.378   -1.704  -2.142  1.00 49.34 ? 154  LEU A C     1 
ATOM   610  O O     . LEU A 1 116 ? 0.398   -2.444  -2.244  1.00 49.58 ? 154  LEU A O     1 
ATOM   611  C CB    . LEU A 1 116 ? 0.337   0.036   -0.762  1.00 50.09 ? 154  LEU A CB    1 
ATOM   612  C CG    . LEU A 1 116 ? 0.248   1.473   -0.252  1.00 52.34 ? 154  LEU A CG    1 
ATOM   613  C CD1   . LEU A 1 116 ? -0.613  1.525   1.036   1.00 51.69 ? 154  LEU A CD1   1 
ATOM   614  C CD2   . LEU A 1 116 ? 1.648   2.005   0.021   1.00 54.14 ? 154  LEU A CD2   1 
ATOM   615  N N     . ILE A 1 117 ? 2.641   -2.129  -2.190  1.00 49.31 ? 155  ILE A N     1 
ATOM   616  C CA    . ILE A 1 117 ? 2.986   -3.552  -2.275  1.00 49.24 ? 155  ILE A CA    1 
ATOM   617  C C     . ILE A 1 117 ? 3.462   -3.991  -0.885  1.00 49.00 ? 155  ILE A C     1 
ATOM   618  O O     . ILE A 1 117 ? 4.538   -3.634  -0.454  1.00 48.74 ? 155  ILE A O     1 
ATOM   619  C CB    . ILE A 1 117 ? 4.027   -3.855  -3.397  1.00 49.35 ? 155  ILE A CB    1 
ATOM   620  C CG1   . ILE A 1 117 ? 3.605   -3.188  -4.718  1.00 49.52 ? 155  ILE A CG1   1 
ATOM   621  C CG2   . ILE A 1 117 ? 4.109   -5.361  -3.669  1.00 49.72 ? 155  ILE A CG2   1 
ATOM   622  C CD1   . ILE A 1 117 ? 4.539   -3.439  -5.896  1.00 47.95 ? 155  ILE A CD1   1 
ATOM   623  N N     . VAL A 1 118 ? 2.606   -4.732  -0.184  1.00 48.62 ? 156  VAL A N     1 
ATOM   624  C CA    . VAL A 1 118 ? 2.802   -5.082  1.223   1.00 47.63 ? 156  VAL A CA    1 
ATOM   625  C C     . VAL A 1 118 ? 3.318   -6.516  1.384   1.00 47.88 ? 156  VAL A C     1 
ATOM   626  O O     . VAL A 1 118 ? 2.805   -7.442  0.760   1.00 46.67 ? 156  VAL A O     1 
ATOM   627  C CB    . VAL A 1 118 ? 1.463   -4.896  2.030   1.00 47.65 ? 156  VAL A CB    1 
ATOM   628  C CG1   . VAL A 1 118 ? 1.659   -5.196  3.517   1.00 45.66 ? 156  VAL A CG1   1 
ATOM   629  C CG2   . VAL A 1 118 ? 0.888   -3.474  1.827   1.00 45.64 ? 156  VAL A CG2   1 
ATOM   630  N N     . TYR A 1 119 ? 4.360   -6.670  2.212   1.00 48.38 ? 157  TYR A N     1 
ATOM   631  C CA    . TYR A 1 119 ? 4.797   -7.976  2.707   1.00 48.52 ? 157  TYR A CA    1 
ATOM   632  C C     . TYR A 1 119 ? 4.859   -7.917  4.223   1.00 48.93 ? 157  TYR A C     1 
ATOM   633  O O     . TYR A 1 119 ? 4.678   -6.854  4.817   1.00 49.19 ? 157  TYR A O     1 
ATOM   634  C CB    . TYR A 1 119 ? 6.160   -8.419  2.113   1.00 48.28 ? 157  TYR A CB    1 
ATOM   635  C CG    . TYR A 1 119 ? 7.346   -7.555  2.479   1.00 47.43 ? 157  TYR A CG    1 
ATOM   636  C CD1   . TYR A 1 119 ? 7.586   -6.351  1.821   1.00 47.87 ? 157  TYR A CD1   1 
ATOM   637  C CD2   . TYR A 1 119 ? 8.222   -7.931  3.487   1.00 47.50 ? 157  TYR A CD2   1 
ATOM   638  C CE1   . TYR A 1 119 ? 8.664   -5.549  2.159   1.00 46.87 ? 157  TYR A CE1   1 
ATOM   639  C CE2   . TYR A 1 119 ? 9.309   -7.141  3.825   1.00 46.66 ? 157  TYR A CE2   1 
ATOM   640  C CZ    . TYR A 1 119 ? 9.521   -5.951  3.159   1.00 47.32 ? 157  TYR A CZ    1 
ATOM   641  O OH    . TYR A 1 119 ? 10.599  -5.157  3.480   1.00 47.47 ? 157  TYR A OH    1 
ATOM   642  N N     . SER A 1 120 ? 5.086   -9.077  4.833   1.00 49.15 ? 158  SER A N     1 
ATOM   643  C CA    . SER A 1 120 ? 5.286   -9.195  6.276   1.00 48.94 ? 158  SER A CA    1 
ATOM   644  C C     . SER A 1 120 ? 6.779   -9.384  6.536   1.00 49.08 ? 158  SER A C     1 
ATOM   645  O O     . SER A 1 120 ? 7.421   -10.224 5.911   1.00 48.71 ? 158  SER A O     1 
ATOM   646  C CB    . SER A 1 120 ? 4.506   -10.396 6.823   1.00 48.68 ? 158  SER A CB    1 
ATOM   647  O OG    . SER A 1 120 ? 4.932   -10.741 8.130   1.00 48.20 ? 158  SER A OG    1 
ATOM   648  N N     . ILE A 1 121 ? 7.338   -8.612  7.459   1.00 49.28 ? 159  ILE A N     1 
ATOM   649  C CA    . ILE A 1 121 ? 8.760   -8.759  7.778   1.00 49.07 ? 159  ILE A CA    1 
ATOM   650  C C     . ILE A 1 121 ? 9.107   -10.145 8.360   1.00 49.14 ? 159  ILE A C     1 
ATOM   651  O O     . ILE A 1 121 ? 10.270  -10.517 8.386   1.00 48.81 ? 159  ILE A O     1 
ATOM   652  C CB    . ILE A 1 121 ? 9.267   -7.651  8.739   1.00 49.03 ? 159  ILE A CB    1 
ATOM   653  C CG1   . ILE A 1 121 ? 8.536   -7.687  10.085  1.00 49.16 ? 159  ILE A CG1   1 
ATOM   654  C CG2   . ILE A 1 121 ? 9.146   -6.278  8.070   1.00 47.64 ? 159  ILE A CG2   1 
ATOM   655  C CD1   . ILE A 1 121 ? 9.450   -7.532  11.294  1.00 47.77 ? 159  ILE A CD1   1 
ATOM   656  N N     . THR A 1 122 ? 8.085   -10.889 8.783   1.00 49.43 ? 160  THR A N     1 
ATOM   657  C CA    . THR A 1 122 ? 8.223   -12.199 9.391   1.00 50.07 ? 160  THR A CA    1 
ATOM   658  C C     . THR A 1 122 ? 7.947   -13.341 8.412   1.00 50.69 ? 160  THR A C     1 
ATOM   659  O O     . THR A 1 122 ? 7.733   -14.474 8.829   1.00 51.04 ? 160  THR A O     1 
ATOM   660  C CB    . THR A 1 122 ? 7.216   -12.363 10.552  1.00 50.35 ? 160  THR A CB    1 
ATOM   661  O OG1   . THR A 1 122 ? 5.895   -12.484 10.010  1.00 51.16 ? 160  THR A OG1   1 
ATOM   662  C CG2   . THR A 1 122 ? 7.276   -11.175 11.554  1.00 49.53 ? 160  THR A CG2   1 
ATOM   663  N N     . ASP A 1 123 ? 7.950   -13.051 7.114   1.00 51.47 ? 161  ASP A N     1 
ATOM   664  C CA    . ASP A 1 123 ? 7.573   -14.029 6.095   1.00 51.68 ? 161  ASP A CA    1 
ATOM   665  C C     . ASP A 1 123 ? 8.320   -13.717 4.793   1.00 51.51 ? 161  ASP A C     1 
ATOM   666  O O     . ASP A 1 123 ? 7.944   -12.816 4.047   1.00 50.94 ? 161  ASP A O     1 
ATOM   667  C CB    . ASP A 1 123 ? 6.049   -13.989 5.892   1.00 52.09 ? 161  ASP A CB    1 
ATOM   668  C CG    . ASP A 1 123 ? 5.536   -15.060 4.925   1.00 53.69 ? 161  ASP A CG    1 
ATOM   669  O OD1   . ASP A 1 123 ? 6.325   -15.742 4.267   1.00 54.20 ? 161  ASP A OD1   1 
ATOM   670  O OD2   . ASP A 1 123 ? 4.305   -15.208 4.808   1.00 58.93 ? 161  ASP A OD2   1 
ATOM   671  N N     . ARG A 1 124 ? 9.377   -14.487 4.529   1.00 51.78 ? 162  ARG A N     1 
ATOM   672  C CA    . ARG A 1 124 ? 10.248  -14.260 3.372   1.00 51.65 ? 162  ARG A CA    1 
ATOM   673  C C     . ARG A 1 124 ? 9.554   -14.513 2.031   1.00 51.29 ? 162  ARG A C     1 
ATOM   674  O O     . ARG A 1 124 ? 9.765   -13.801 1.051   1.00 50.81 ? 162  ARG A O     1 
ATOM   675  C CB    . ARG A 1 124 ? 11.480  -15.133 3.490   1.00 52.04 ? 162  ARG A CB    1 
ATOM   676  C CG    . ARG A 1 124 ? 12.540  -14.800 2.483   1.00 53.90 ? 162  ARG A CG    1 
ATOM   677  C CD    . ARG A 1 124 ? 13.929  -14.952 3.037   1.00 56.51 ? 162  ARG A CD    1 
ATOM   678  N NE    . ARG A 1 124 ? 14.826  -14.016 2.359   1.00 58.44 ? 162  ARG A NE    1 
ATOM   679  C CZ    . ARG A 1 124 ? 15.475  -13.005 2.934   1.00 58.42 ? 162  ARG A CZ    1 
ATOM   680  N NH1   . ARG A 1 124 ? 15.375  -12.768 4.234   1.00 58.74 ? 162  ARG A NH1   1 
ATOM   681  N NH2   . ARG A 1 124 ? 16.249  -12.233 2.190   1.00 58.52 ? 162  ARG A NH2   1 
ATOM   682  N N     . ALA A 1 125 ? 8.712   -15.534 1.994   1.00 50.99 ? 163  ALA A N     1 
ATOM   683  C CA    . ALA A 1 125 ? 7.950   -15.837 0.800   1.00 50.36 ? 163  ALA A CA    1 
ATOM   684  C C     . ALA A 1 125 ? 7.080   -14.651 0.390   1.00 49.77 ? 163  ALA A C     1 
ATOM   685  O O     . ALA A 1 125 ? 6.966   -14.357 -0.791  1.00 49.84 ? 163  ALA A O     1 
ATOM   686  C CB    . ALA A 1 125 ? 7.102   -17.105 1.015   1.00 50.60 ? 163  ALA A CB    1 
ATOM   687  N N     . SER A 1 126 ? 6.492   -13.963 1.366   1.00 49.33 ? 164  SER A N     1 
ATOM   688  C CA    . SER A 1 126 ? 5.601   -12.826 1.097   1.00 48.65 ? 164  SER A CA    1 
ATOM   689  C C     . SER A 1 126 ? 6.370   -11.625 0.538   1.00 48.59 ? 164  SER A C     1 
ATOM   690  O O     . SER A 1 126 ? 5.865   -10.874 -0.316  1.00 48.48 ? 164  SER A O     1 
ATOM   691  C CB    . SER A 1 126 ? 4.753   -12.463 2.348   1.00 48.84 ? 164  SER A CB    1 
ATOM   692  O OG    . SER A 1 126 ? 5.410   -11.633 3.310   1.00 47.18 ? 164  SER A OG    1 
ATOM   693  N N     . PHE A 1 127 ? 7.596   -11.476 1.023   1.00 48.17 ? 165  PHE A N     1 
ATOM   694  C CA    . PHE A 1 127 ? 8.561   -10.481 0.550   1.00 47.75 ? 165  PHE A CA    1 
ATOM   695  C C     . PHE A 1 127 ? 9.001   -10.719 -0.892  1.00 47.67 ? 165  PHE A C     1 
ATOM   696  O O     . PHE A 1 127 ? 9.175   -9.782  -1.678  1.00 48.05 ? 165  PHE A O     1 
ATOM   697  C CB    . PHE A 1 127 ? 9.759   -10.516 1.508   1.00 47.59 ? 165  PHE A CB    1 
ATOM   698  C CG    . PHE A 1 127 ? 10.952  -9.746  1.048   1.00 47.08 ? 165  PHE A CG    1 
ATOM   699  C CD1   . PHE A 1 127 ? 12.168  -10.398 0.852   1.00 47.69 ? 165  PHE A CD1   1 
ATOM   700  C CD2   . PHE A 1 127 ? 10.880  -8.378  0.842   1.00 46.23 ? 165  PHE A CD2   1 
ATOM   701  C CE1   . PHE A 1 127 ? 13.295  -9.698  0.438   1.00 48.43 ? 165  PHE A CE1   1 
ATOM   702  C CE2   . PHE A 1 127 ? 12.005  -7.657  0.444   1.00 47.64 ? 165  PHE A CE2   1 
ATOM   703  C CZ    . PHE A 1 127 ? 13.213  -8.318  0.236   1.00 48.33 ? 165  PHE A CZ    1 
ATOM   704  N N     . GLU A 1 128 ? 9.179   -11.981 -1.248  1.00 47.63 ? 166  GLU A N     1 
ATOM   705  C CA    . GLU A 1 128 ? 9.487   -12.333 -2.625  1.00 47.64 ? 166  GLU A CA    1 
ATOM   706  C C     . GLU A 1 128 ? 8.280   -12.170 -3.551  1.00 47.05 ? 166  GLU A C     1 
ATOM   707  O O     . GLU A 1 128 ? 8.427   -11.787 -4.698  1.00 47.77 ? 166  GLU A O     1 
ATOM   708  C CB    . GLU A 1 128 ? 10.085  -13.744 -2.691  1.00 47.47 ? 166  GLU A CB    1 
ATOM   709  C CG    . GLU A 1 128 ? 11.445  -13.763 -2.049  1.00 49.19 ? 166  GLU A CG    1 
ATOM   710  C CD    . GLU A 1 128 ? 12.158  -15.081 -2.140  1.00 51.24 ? 166  GLU A CD    1 
ATOM   711  O OE1   . GLU A 1 128 ? 11.757  -15.917 -2.976  1.00 56.60 ? 166  GLU A OE1   1 
ATOM   712  O OE2   . GLU A 1 128 ? 13.148  -15.265 -1.397  1.00 50.58 ? 166  GLU A OE2   1 
ATOM   713  N N     . LYS A 1 129 ? 7.089   -12.451 -3.061  1.00 46.88 ? 167  LYS A N     1 
ATOM   714  C CA    . LYS A 1 129 ? 5.882   -12.138 -3.819  1.00 47.38 ? 167  LYS A CA    1 
ATOM   715  C C     . LYS A 1 129 ? 5.805   -10.635 -4.159  1.00 47.02 ? 167  LYS A C     1 
ATOM   716  O O     . LYS A 1 129 ? 5.546   -10.259 -5.297  1.00 46.91 ? 167  LYS A O     1 
ATOM   717  C CB    . LYS A 1 129 ? 4.627   -12.558 -3.041  1.00 47.55 ? 167  LYS A CB    1 
ATOM   718  C CG    . LYS A 1 129 ? 3.363   -12.600 -3.909  1.00 48.38 ? 167  LYS A CG    1 
ATOM   719  C CD    . LYS A 1 129 ? 3.336   -13.915 -4.657  1.00 50.00 ? 167  LYS A CD    1 
ATOM   720  C CE    . LYS A 1 129 ? 2.620   -13.810 -5.955  1.00 49.93 ? 167  LYS A CE    1 
ATOM   721  N NZ    . LYS A 1 129 ? 2.865   -15.011 -6.774  1.00 49.55 ? 167  LYS A NZ    1 
ATOM   722  N N     . ALA A 1 130 ? 6.031   -9.805  -3.150  1.00 47.18 ? 168  ALA A N     1 
ATOM   723  C CA    . ALA A 1 130 ? 6.011   -8.347  -3.262  1.00 47.10 ? 168  ALA A CA    1 
ATOM   724  C C     . ALA A 1 130 ? 6.964   -7.865  -4.329  1.00 46.88 ? 168  ALA A C     1 
ATOM   725  O O     . ALA A 1 130 ? 6.606   -7.000  -5.114  1.00 46.56 ? 168  ALA A O     1 
ATOM   726  C CB    . ALA A 1 130 ? 6.335   -7.683  -1.894  1.00 46.93 ? 168  ALA A CB    1 
ATOM   727  N N     . SER A 1 131 ? 8.167   -8.442  -4.370  1.00 47.35 ? 169  SER A N     1 
ATOM   728  C CA    . SER A 1 131 ? 9.180   -8.084  -5.380  1.00 47.06 ? 169  SER A CA    1 
ATOM   729  C C     . SER A 1 131 ? 8.740   -8.513  -6.753  1.00 46.89 ? 169  SER A C     1 
ATOM   730  O O     . SER A 1 131 ? 8.882   -7.773  -7.731  1.00 46.16 ? 169  SER A O     1 
ATOM   731  C CB    . SER A 1 131 ? 10.528  -8.701  -5.038  1.00 47.45 ? 169  SER A CB    1 
ATOM   732  O OG    . SER A 1 131 ? 10.912  -8.352  -3.701  1.00 49.79 ? 169  SER A OG    1 
ATOM   733  N N     . GLU A 1 132 ? 8.176   -9.716  -6.813  1.00 47.22 ? 170  GLU A N     1 
ATOM   734  C CA    . GLU A 1 132 ? 7.596   -10.260 -8.045  1.00 46.72 ? 170  GLU A CA    1 
ATOM   735  C C     . GLU A 1 132 ? 6.479   -9.374  -8.558  1.00 46.32 ? 170  GLU A C     1 
ATOM   736  O O     . GLU A 1 132 ? 6.472   -8.983  -9.707  1.00 46.61 ? 170  GLU A O     1 
ATOM   737  C CB    . GLU A 1 132 ? 7.076   -11.672 -7.799  1.00 46.54 ? 170  GLU A CB    1 
ATOM   738  C CG    . GLU A 1 132 ? 6.705   -12.424 -9.067  1.00 47.95 ? 170  GLU A CG    1 
ATOM   739  C CD    . GLU A 1 132 ? 5.762   -13.571 -8.810  1.00 49.56 ? 170  GLU A CD    1 
ATOM   740  O OE1   . GLU A 1 132 ? 5.339   -13.739 -7.649  1.00 51.16 ? 170  GLU A OE1   1 
ATOM   741  O OE2   . GLU A 1 132 ? 5.429   -14.297 -9.773  1.00 51.19 ? 170  GLU A OE2   1 
ATOM   742  N N     . LEU A 1 133 ? 5.533   -9.055  -7.693  1.00 46.79 ? 171  LEU A N     1 
ATOM   743  C CA    . LEU A 1 133 ? 4.447   -8.150  -8.044  1.00 46.69 ? 171  LEU A CA    1 
ATOM   744  C C     . LEU A 1 133 ? 4.962   -6.810  -8.574  1.00 46.69 ? 171  LEU A C     1 
ATOM   745  O O     . LEU A 1 133 ? 4.444   -6.286  -9.561  1.00 46.72 ? 171  LEU A O     1 
ATOM   746  C CB    . LEU A 1 133 ? 3.517   -7.942  -6.837  1.00 46.43 ? 171  LEU A CB    1 
ATOM   747  C CG    . LEU A 1 133 ? 2.598   -9.130  -6.480  1.00 46.68 ? 171  LEU A CG    1 
ATOM   748  C CD1   . LEU A 1 133 ? 1.756   -8.877  -5.207  1.00 45.48 ? 171  LEU A CD1   1 
ATOM   749  C CD2   . LEU A 1 133 ? 1.709   -9.508  -7.629  1.00 44.46 ? 171  LEU A CD2   1 
ATOM   750  N N     . ARG A 1 134 ? 5.978   -6.258  -7.919  1.00 47.37 ? 172  ARG A N     1 
ATOM   751  C CA    . ARG A 1 134 ? 6.567   -4.980  -8.332  1.00 47.81 ? 172  ARG A CA    1 
ATOM   752  C C     . ARG A 1 134 ? 7.189   -5.070  -9.720  1.00 47.84 ? 172  ARG A C     1 
ATOM   753  O O     . ARG A 1 134 ? 6.981   -4.191  -10.563 1.00 48.16 ? 172  ARG A O     1 
ATOM   754  C CB    . ARG A 1 134 ? 7.585   -4.502  -7.284  1.00 48.77 ? 172  ARG A CB    1 
ATOM   755  C CG    . ARG A 1 134 ? 8.457   -3.268  -7.643  1.00 50.31 ? 172  ARG A CG    1 
ATOM   756  C CD    . ARG A 1 134 ? 7.670   -2.220  -8.344  1.00 52.98 ? 172  ARG A CD    1 
ATOM   757  N NE    . ARG A 1 134 ? 8.451   -1.075  -8.795  1.00 53.59 ? 172  ARG A NE    1 
ATOM   758  C CZ    . ARG A 1 134 ? 8.197   -0.408  -9.913  1.00 51.91 ? 172  ARG A CZ    1 
ATOM   759  N NH1   . ARG A 1 134 ? 7.235   -0.808  -10.728 1.00 53.37 ? 172  ARG A NH1   1 
ATOM   760  N NH2   . ARG A 1 134 ? 8.923   0.642   -10.236 1.00 52.61 ? 172  ARG A NH2   1 
ATOM   761  N N     . ILE A 1 135 ? 7.914   -6.155  -9.986  1.00 47.55 ? 173  ILE A N     1 
ATOM   762  C CA    . ILE A 1 135 ? 8.513   -6.347  -11.289 1.00 46.54 ? 173  ILE A CA    1 
ATOM   763  C C     . ILE A 1 135 ? 7.411   -6.467  -12.344 1.00 46.90 ? 173  ILE A C     1 
ATOM   764  O O     . ILE A 1 135 ? 7.528   -5.923  -13.446 1.00 46.75 ? 173  ILE A O     1 
ATOM   765  C CB    . ILE A 1 135 ? 9.428   -7.610  -11.308 1.00 46.71 ? 173  ILE A CB    1 
ATOM   766  C CG1   . ILE A 1 135 ? 10.675  -7.380  -10.460 1.00 46.39 ? 173  ILE A CG1   1 
ATOM   767  C CG2   . ILE A 1 135 ? 9.826   -8.003  -12.749 1.00 44.15 ? 173  ILE A CG2   1 
ATOM   768  C CD1   . ILE A 1 135 ? 11.363  -8.668  -10.035 1.00 46.13 ? 173  ILE A CD1   1 
ATOM   769  N N     . GLN A 1 136 ? 6.362   -7.216  -12.030 1.00 47.31 ? 174  GLN A N     1 
ATOM   770  C CA    . GLN A 1 136 ? 5.258   -7.412  -12.978 1.00 48.42 ? 174  GLN A CA    1 
ATOM   771  C C     . GLN A 1 136 ? 4.468   -6.123  -13.257 1.00 49.33 ? 174  GLN A C     1 
ATOM   772  O O     . GLN A 1 136 ? 4.022   -5.887  -14.370 1.00 49.26 ? 174  GLN A O     1 
ATOM   773  C CB    . GLN A 1 136 ? 4.315   -8.500  -12.470 1.00 48.46 ? 174  GLN A CB    1 
ATOM   774  C CG    . GLN A 1 136 ? 4.921   -9.876  -12.453 1.00 48.09 ? 174  GLN A CG    1 
ATOM   775  C CD    . GLN A 1 136 ? 4.027   -10.902 -11.799 1.00 49.60 ? 174  GLN A CD    1 
ATOM   776  O OE1   . GLN A 1 136 ? 3.119   -10.555 -11.043 1.00 50.07 ? 174  GLN A OE1   1 
ATOM   777  N NE2   . GLN A 1 136 ? 4.278   -12.188 -12.086 1.00 49.65 ? 174  GLN A NE2   1 
ATOM   778  N N     . LEU A 1 137 ? 4.322   -5.294  -12.234 1.00 51.17 ? 175  LEU A N     1 
ATOM   779  C CA    . LEU A 1 137 ? 3.629   -4.013  -12.351 1.00 52.90 ? 175  LEU A CA    1 
ATOM   780  C C     . LEU A 1 137 ? 4.369   -3.042  -13.293 1.00 53.91 ? 175  LEU A C     1 
ATOM   781  O O     . LEU A 1 137 ? 3.742   -2.337  -14.091 1.00 53.91 ? 175  LEU A O     1 
ATOM   782  C CB    . LEU A 1 137 ? 3.429   -3.430  -10.942 1.00 53.45 ? 175  LEU A CB    1 
ATOM   783  C CG    . LEU A 1 137 ? 2.391   -2.344  -10.684 1.00 54.36 ? 175  LEU A CG    1 
ATOM   784  C CD1   . LEU A 1 137 ? 0.989   -2.734  -11.156 1.00 55.60 ? 175  LEU A CD1   1 
ATOM   785  C CD2   . LEU A 1 137 ? 2.389   -2.020  -9.207  1.00 54.25 ? 175  LEU A CD2   1 
ATOM   786  N N     . ARG A 1 138 ? 5.699   -3.060  -13.239 1.00 54.99 ? 176  ARG A N     1 
ATOM   787  C CA    . ARG A 1 138 ? 6.556   -2.267  -14.124 1.00 55.95 ? 176  ARG A CA    1 
ATOM   788  C C     . ARG A 1 138 ? 6.183   -2.417  -15.591 1.00 56.24 ? 176  ARG A C     1 
ATOM   789  O O     . ARG A 1 138 ? 6.315   -1.478  -16.376 1.00 56.45 ? 176  ARG A O     1 
ATOM   790  C CB    . ARG A 1 138 ? 8.014   -2.717  -13.964 1.00 56.76 ? 176  ARG A CB    1 
ATOM   791  C CG    . ARG A 1 138 ? 9.069   -1.692  -14.359 1.00 58.01 ? 176  ARG A CG    1 
ATOM   792  C CD    . ARG A 1 138 ? 9.473   -0.846  -13.163 1.00 60.79 ? 176  ARG A CD    1 
ATOM   793  N NE    . ARG A 1 138 ? 10.860  -0.409  -13.266 1.00 62.27 ? 176  ARG A NE    1 
ATOM   794  C CZ    . ARG A 1 138 ? 11.273  0.739   -13.802 1.00 63.36 ? 176  ARG A CZ    1 
ATOM   795  N NH1   . ARG A 1 138 ? 10.404  1.623   -14.299 1.00 64.51 ? 176  ARG A NH1   1 
ATOM   796  N NH2   . ARG A 1 138 ? 12.577  1.005   -13.839 1.00 62.86 ? 176  ARG A NH2   1 
ATOM   797  N N     . ARG A 1 139 ? 5.747   -3.618  -15.957 1.00 56.46 ? 177  ARG A N     1 
ATOM   798  C CA    . ARG A 1 139 ? 5.348   -3.930  -17.319 1.00 56.49 ? 177  ARG A CA    1 
ATOM   799  C C     . ARG A 1 139 ? 3.984   -3.386  -17.724 1.00 56.63 ? 177  ARG A C     1 
ATOM   800  O O     . ARG A 1 139 ? 3.646   -3.398  -18.899 1.00 56.70 ? 177  ARG A O     1 
ATOM   801  C CB    . ARG A 1 139 ? 5.366   -5.435  -17.531 1.00 56.61 ? 177  ARG A CB    1 
ATOM   802  C CG    . ARG A 1 139 ? 6.722   -6.028  -17.309 1.00 56.61 ? 177  ARG A CG    1 
ATOM   803  C CD    . ARG A 1 139 ? 6.825   -7.346  -17.986 1.00 57.45 ? 177  ARG A CD    1 
ATOM   804  N NE    . ARG A 1 139 ? 6.084   -8.370  -17.262 1.00 57.97 ? 177  ARG A NE    1 
ATOM   805  C CZ    . ARG A 1 139 ? 6.632   -9.277  -16.450 1.00 58.63 ? 177  ARG A CZ    1 
ATOM   806  N NH1   . ARG A 1 139 ? 5.841   -10.161 -15.855 1.00 58.71 ? 177  ARG A NH1   1 
ATOM   807  N NH2   . ARG A 1 139 ? 7.956   -9.318  -16.235 1.00 57.90 ? 177  ARG A NH2   1 
ATOM   808  N N     . ALA A 1 140 ? 3.184   -2.951  -16.760 1.00 57.25 ? 178  ALA A N     1 
ATOM   809  C CA    . ALA A 1 140 ? 2.056   -2.076  -17.049 1.00 57.37 ? 178  ALA A CA    1 
ATOM   810  C C     . ALA A 1 140 ? 2.670   -0.682  -17.205 1.00 57.76 ? 178  ALA A C     1 
ATOM   811  O O     . ALA A 1 140 ? 2.881   0.029   -16.228 1.00 57.95 ? 178  ALA A O     1 
ATOM   812  C CB    . ALA A 1 140 ? 1.042   -2.123  -15.912 1.00 57.11 ? 178  ALA A CB    1 
ATOM   813  N N     . ARG A 1 141 ? 2.996   -0.317  -18.440 1.00 58.70 ? 179  ARG A N     1 
ATOM   814  C CA    . ARG A 1 141 ? 3.709   0.935   -18.734 1.00 59.48 ? 179  ARG A CA    1 
ATOM   815  C C     . ARG A 1 141 ? 2.910   2.175   -18.313 1.00 60.17 ? 179  ARG A C     1 
ATOM   816  O O     . ARG A 1 141 ? 3.477   3.251   -18.084 1.00 60.58 ? 179  ARG A O     1 
ATOM   817  C CB    . ARG A 1 141 ? 4.044   1.012   -20.222 1.00 59.54 ? 179  ARG A CB    1 
ATOM   818  N N     . GLN A 1 142 ? 1.594   2.001   -18.205 1.00 60.45 ? 180  GLN A N     1 
ATOM   819  C CA    . GLN A 1 142 ? 0.704   3.005   -17.625 1.00 60.65 ? 180  GLN A CA    1 
ATOM   820  C C     . GLN A 1 142 ? 1.157   3.447   -16.221 1.00 60.36 ? 180  GLN A C     1 
ATOM   821  O O     . GLN A 1 142 ? 0.989   4.610   -15.851 1.00 60.45 ? 180  GLN A O     1 
ATOM   822  C CB    . GLN A 1 142 ? -0.726  2.448   -17.559 1.00 60.80 ? 180  GLN A CB    1 
ATOM   823  C CG    . GLN A 1 142 ? -1.220  1.775   -18.871 1.00 61.32 ? 180  GLN A CG    1 
ATOM   824  C CD    . GLN A 1 142 ? -2.727  1.525   -18.889 1.00 61.31 ? 180  GLN A CD    1 
ATOM   825  O OE1   . GLN A 1 142 ? -3.466  2.039   -18.045 1.00 62.95 ? 180  GLN A OE1   1 
ATOM   826  N NE2   . GLN A 1 142 ? -3.184  0.722   -19.846 1.00 60.72 ? 180  GLN A NE2   1 
ATOM   827  N N     . THR A 1 143 ? 1.745   2.522   -15.459 1.00 59.91 ? 181  THR A N     1 
ATOM   828  C CA    . THR A 1 143 ? 2.209   2.792   -14.090 1.00 59.64 ? 181  THR A CA    1 
ATOM   829  C C     . THR A 1 143 ? 3.606   3.424   -13.991 1.00 59.13 ? 181  THR A C     1 
ATOM   830  O O     . THR A 1 143 ? 4.176   3.465   -12.898 1.00 58.98 ? 181  THR A O     1 
ATOM   831  C CB    . THR A 1 143 ? 2.266   1.491   -13.255 1.00 59.55 ? 181  THR A CB    1 
ATOM   832  O OG1   . THR A 1 143 ? 3.213   0.596   -13.850 1.00 59.86 ? 181  THR A OG1   1 
ATOM   833  C CG2   . THR A 1 143 ? 0.897   0.822   -13.184 1.00 60.11 ? 181  THR A CG2   1 
ATOM   834  N N     . GLU A 1 144 ? 4.149   3.911   -15.111 1.00 58.60 ? 182  GLU A N     1 
ATOM   835  C CA    . GLU A 1 144 ? 5.530   4.426   -15.162 1.00 58.29 ? 182  GLU A CA    1 
ATOM   836  C C     . GLU A 1 144 ? 5.779   5.580   -14.181 1.00 57.72 ? 182  GLU A C     1 
ATOM   837  O O     . GLU A 1 144 ? 6.708   5.525   -13.370 1.00 57.97 ? 182  GLU A O     1 
ATOM   838  C CB    . GLU A 1 144 ? 5.883   4.887   -16.583 1.00 58.21 ? 182  GLU A CB    1 
ATOM   839  N N     . ASP A 1 145 ? 4.947   6.616   -14.262 1.00 56.74 ? 183  ASP A N     1 
ATOM   840  C CA    . ASP A 1 145 ? 5.079   7.789   -13.400 1.00 55.96 ? 183  ASP A CA    1 
ATOM   841  C C     . ASP A 1 145 ? 4.160   7.729   -12.171 1.00 55.00 ? 183  ASP A C     1 
ATOM   842  O O     . ASP A 1 145 ? 3.785   8.773   -11.647 1.00 55.06 ? 183  ASP A O     1 
ATOM   843  C CB    . ASP A 1 145 ? 4.786   9.067   -14.206 1.00 56.00 ? 183  ASP A CB    1 
ATOM   844  C CG    . ASP A 1 145 ? 5.773   9.284   -15.351 1.00 56.28 ? 183  ASP A CG    1 
ATOM   845  N N     . ILE A 1 146 ? 3.801   6.524   -11.715 1.00 53.68 ? 184  ILE A N     1 
ATOM   846  C CA    . ILE A 1 146 ? 2.926   6.351   -10.539 1.00 52.68 ? 184  ILE A CA    1 
ATOM   847  C C     . ILE A 1 146 ? 3.760   5.885   -9.333  1.00 51.49 ? 184  ILE A C     1 
ATOM   848  O O     . ILE A 1 146 ? 4.591   4.996   -9.479  1.00 51.15 ? 184  ILE A O     1 
ATOM   849  C CB    . ILE A 1 146 ? 1.779   5.336   -10.824 1.00 52.76 ? 184  ILE A CB    1 
ATOM   850  C CG1   . ILE A 1 146 ? 0.873   5.859   -11.947 1.00 53.43 ? 184  ILE A CG1   1 
ATOM   851  C CG2   . ILE A 1 146 ? 0.938   5.060   -9.575  1.00 52.12 ? 184  ILE A CG2   1 
ATOM   852  C CD1   . ILE A 1 146 ? -0.329  4.976   -12.233 1.00 53.44 ? 184  ILE A CD1   1 
ATOM   853  N N     . PRO A 1 147 ? 3.556   6.495   -8.144  1.00 50.41 ? 185  PRO A N     1 
ATOM   854  C CA    . PRO A 1 147 ? 4.295   6.062   -6.954  1.00 49.92 ? 185  PRO A CA    1 
ATOM   855  C C     . PRO A 1 147 ? 3.994   4.629   -6.525  1.00 49.59 ? 185  PRO A C     1 
ATOM   856  O O     . PRO A 1 147 ? 2.840   4.279   -6.322  1.00 48.75 ? 185  PRO A O     1 
ATOM   857  C CB    . PRO A 1 147 ? 3.839   7.048   -5.869  1.00 49.77 ? 185  PRO A CB    1 
ATOM   858  C CG    . PRO A 1 147 ? 3.235   8.178   -6.591  1.00 49.92 ? 185  PRO A CG    1 
ATOM   859  C CD    . PRO A 1 147 ? 2.652   7.612   -7.828  1.00 49.98 ? 185  PRO A CD    1 
ATOM   860  N N     . ILE A 1 148 ? 5.046   3.814   -6.429  1.00 49.88 ? 186  ILE A N     1 
ATOM   861  C CA    . ILE A 1 148 ? 4.963   2.449   -5.900  1.00 49.76 ? 186  ILE A CA    1 
ATOM   862  C C     . ILE A 1 148 ? 5.739   2.397   -4.581  1.00 49.59 ? 186  ILE A C     1 
ATOM   863  O O     . ILE A 1 148 ? 6.921   2.753   -4.534  1.00 49.11 ? 186  ILE A O     1 
ATOM   864  C CB    . ILE A 1 148 ? 5.577   1.397   -6.863  1.00 49.92 ? 186  ILE A CB    1 
ATOM   865  C CG1   . ILE A 1 148 ? 5.185   1.674   -8.329  1.00 51.43 ? 186  ILE A CG1   1 
ATOM   866  C CG2   . ILE A 1 148 ? 5.172   -0.025  -6.447  1.00 47.90 ? 186  ILE A CG2   1 
ATOM   867  C CD1   . ILE A 1 148 ? 3.776   1.356   -8.652  1.00 53.20 ? 186  ILE A CD1   1 
ATOM   868  N N     . ILE A 1 149 ? 5.067   1.966   -3.517  1.00 49.55 ? 187  ILE A N     1 
ATOM   869  C CA    . ILE A 1 149 ? 5.697   1.822   -2.208  1.00 49.48 ? 187  ILE A CA    1 
ATOM   870  C C     . ILE A 1 149 ? 5.740   0.342   -1.828  1.00 49.10 ? 187  ILE A C     1 
ATOM   871  O O     . ILE A 1 149 ? 4.719   -0.356  -1.853  1.00 48.41 ? 187  ILE A O     1 
ATOM   872  C CB    . ILE A 1 149 ? 4.955   2.615   -1.076  1.00 49.61 ? 187  ILE A CB    1 
ATOM   873  C CG1   . ILE A 1 149 ? 4.447   3.977   -1.564  1.00 50.29 ? 187  ILE A CG1   1 
ATOM   874  C CG2   . ILE A 1 149 ? 5.857   2.779   0.155   1.00 49.95 ? 187  ILE A CG2   1 
ATOM   875  C CD1   . ILE A 1 149 ? 5.448   4.791   -2.328  1.00 51.05 ? 187  ILE A CD1   1 
ATOM   876  N N     . LEU A 1 150 ? 6.933   -0.121  -1.468  1.00 49.00 ? 188  LEU A N     1 
ATOM   877  C CA    . LEU A 1 150 ? 7.118   -1.442  -0.873  1.00 49.08 ? 188  LEU A CA    1 
ATOM   878  C C     . LEU A 1 150 ? 6.974   -1.307  0.652   1.00 48.50 ? 188  LEU A C     1 
ATOM   879  O O     . LEU A 1 150 ? 7.663   -0.518  1.285   1.00 48.25 ? 188  LEU A O     1 
ATOM   880  C CB    . LEU A 1 150 ? 8.495   -1.976  -1.253  1.00 49.47 ? 188  LEU A CB    1 
ATOM   881  C CG    . LEU A 1 150 ? 8.790   -3.449  -0.982  1.00 50.86 ? 188  LEU A CG    1 
ATOM   882  C CD1   . LEU A 1 150 ? 8.025   -4.325  -1.963  1.00 50.90 ? 188  LEU A CD1   1 
ATOM   883  C CD2   . LEU A 1 150 ? 10.302  -3.705  -1.086  1.00 50.06 ? 188  LEU A CD2   1 
ATOM   884  N N     . VAL A 1 151 ? 6.058   -2.066  1.238   1.00 48.40 ? 189  VAL A N     1 
ATOM   885  C CA    . VAL A 1 151 ? 5.722   -1.910  2.641   1.00 48.63 ? 189  VAL A CA    1 
ATOM   886  C C     . VAL A 1 151 ? 6.007   -3.211  3.333   1.00 49.09 ? 189  VAL A C     1 
ATOM   887  O O     . VAL A 1 151 ? 5.425   -4.224  2.989   1.00 49.92 ? 189  VAL A O     1 
ATOM   888  C CB    . VAL A 1 151 ? 4.229   -1.512  2.863   1.00 48.38 ? 189  VAL A CB    1 
ATOM   889  C CG1   . VAL A 1 151 ? 3.912   -1.367  4.350   1.00 49.19 ? 189  VAL A CG1   1 
ATOM   890  C CG2   . VAL A 1 151 ? 3.911   -0.241  2.139   1.00 47.39 ? 189  VAL A CG2   1 
ATOM   891  N N     . GLY A 1 152 ? 6.930   -3.165  4.294   1.00 49.61 ? 190  GLY A N     1 
ATOM   892  C CA    . GLY A 1 152 ? 7.206   -4.274  5.198   1.00 49.67 ? 190  GLY A CA    1 
ATOM   893  C C     . GLY A 1 152 ? 6.427   -4.105  6.482   1.00 49.31 ? 190  GLY A C     1 
ATOM   894  O O     . GLY A 1 152 ? 6.813   -3.337  7.352   1.00 49.82 ? 190  GLY A O     1 
ATOM   895  N N     . ASN A 1 153 ? 5.319   -4.824  6.591   1.00 49.17 ? 191  ASN A N     1 
ATOM   896  C CA    . ASN A 1 153 ? 4.413   -4.721  7.739   1.00 48.45 ? 191  ASN A CA    1 
ATOM   897  C C     . ASN A 1 153 ? 4.755   -5.727  8.846   1.00 48.01 ? 191  ASN A C     1 
ATOM   898  O O     . ASN A 1 153 ? 5.474   -6.670  8.620   1.00 48.29 ? 191  ASN A O     1 
ATOM   899  C CB    . ASN A 1 153 ? 2.965   -4.896  7.243   1.00 48.35 ? 191  ASN A CB    1 
ATOM   900  C CG    . ASN A 1 153 ? 1.935   -4.640  8.330   1.00 47.67 ? 191  ASN A CG    1 
ATOM   901  O OD1   . ASN A 1 153 ? 1.975   -3.612  8.996   1.00 44.80 ? 191  ASN A OD1   1 
ATOM   902  N ND2   . ASN A 1 153 ? 1.013   -5.584  8.515   1.00 46.07 ? 191  ASN A ND2   1 
ATOM   903  N N     . LYS A 1 154 ? 4.241   -5.487  10.049  1.00 48.57 ? 192  LYS A N     1 
ATOM   904  C CA    . LYS A 1 154 ? 4.418   -6.347  11.225  1.00 48.10 ? 192  LYS A CA    1 
ATOM   905  C C     . LYS A 1 154 ? 5.803   -6.156  11.837  1.00 48.14 ? 192  LYS A C     1 
ATOM   906  O O     . LYS A 1 154 ? 6.448   -7.134  12.261  1.00 48.16 ? 192  LYS A O     1 
ATOM   907  C CB    . LYS A 1 154 ? 4.159   -7.832  10.906  1.00 48.17 ? 192  LYS A CB    1 
ATOM   908  C CG    . LYS A 1 154 ? 2.867   -8.126  10.166  1.00 48.62 ? 192  LYS A CG    1 
ATOM   909  C CD    . LYS A 1 154 ? 2.411   -9.572  10.382  1.00 49.34 ? 192  LYS A CD    1 
ATOM   910  C CE    . LYS A 1 154 ? 1.190   -9.909  9.527   1.00 49.12 ? 192  LYS A CE    1 
ATOM   911  N NZ    . LYS A 1 154 ? 0.707   -11.326 9.667   1.00 48.65 ? 192  LYS A NZ    1 
ATOM   912  N N     . SER A 1 155 ? 6.269   -4.906  11.885  1.00 47.84 ? 193  SER A N     1 
ATOM   913  C CA    . SER A 1 155 ? 7.609   -4.620  12.431  1.00 47.88 ? 193  SER A CA    1 
ATOM   914  C C     . SER A 1 155 ? 7.638   -4.748  13.944  1.00 47.98 ? 193  SER A C     1 
ATOM   915  O O     . SER A 1 155 ? 8.698   -4.681  14.553  1.00 47.54 ? 193  SER A O     1 
ATOM   916  C CB    . SER A 1 155 ? 8.111   -3.239  11.996  1.00 47.72 ? 193  SER A CB    1 
ATOM   917  O OG    . SER A 1 155 ? 7.132   -2.241  12.239  1.00 48.92 ? 193  SER A OG    1 
ATOM   918  N N     . ASP A 1 156 ? 6.464   -4.917  14.552  1.00 48.75 ? 194  ASP A N     1 
ATOM   919  C CA    . ASP A 1 156 ? 6.368   -5.187  15.989  1.00 48.86 ? 194  ASP A CA    1 
ATOM   920  C C     . ASP A 1 156 ? 6.853   -6.594  16.360  1.00 49.24 ? 194  ASP A C     1 
ATOM   921  O O     . ASP A 1 156 ? 7.190   -6.846  17.528  1.00 48.71 ? 194  ASP A O     1 
ATOM   922  C CB    . ASP A 1 156 ? 4.928   -4.995  16.481  1.00 48.81 ? 194  ASP A CB    1 
ATOM   923  C CG    . ASP A 1 156 ? 3.930   -5.785  15.665  1.00 48.22 ? 194  ASP A CG    1 
ATOM   924  O OD1   . ASP A 1 156 ? 3.607   -5.317  14.544  1.00 46.54 ? 194  ASP A OD1   1 
ATOM   925  O OD2   . ASP A 1 156 ? 3.463   -6.856  16.138  1.00 47.04 ? 194  ASP A OD2   1 
ATOM   926  N N     . LEU A 1 157 ? 6.862   -7.508  15.387  1.00 49.68 ? 195  LEU A N     1 
ATOM   927  C CA    . LEU A 1 157 ? 7.313   -8.876  15.634  1.00 50.29 ? 195  LEU A CA    1 
ATOM   928  C C     . LEU A 1 157 ? 8.813   -9.015  15.403  1.00 50.60 ? 195  LEU A C     1 
ATOM   929  O O     . LEU A 1 157 ? 9.241   -9.674  14.475  1.00 50.43 ? 195  LEU A O     1 
ATOM   930  C CB    . LEU A 1 157 ? 6.574   -9.875  14.742  1.00 50.51 ? 195  LEU A CB    1 
ATOM   931  C CG    . LEU A 1 157 ? 5.079   -10.107 14.913  1.00 50.67 ? 195  LEU A CG    1 
ATOM   932  C CD1   . LEU A 1 157 ? 4.659   -10.130 16.391  1.00 49.35 ? 195  LEU A CD1   1 
ATOM   933  C CD2   . LEU A 1 157 ? 4.348   -9.066  14.133  1.00 51.85 ? 195  LEU A CD2   1 
ATOM   934  N N     . VAL A 1 158 ? 9.599   -8.402  16.278  1.00 51.47 ? 196  VAL A N     1 
ATOM   935  C CA    . VAL A 1 158 ? 11.064  -8.481  16.236  1.00 52.06 ? 196  VAL A CA    1 
ATOM   936  C C     . VAL A 1 158 ? 11.618  -9.922  16.241  1.00 52.29 ? 196  VAL A C     1 
ATOM   937  O O     . VAL A 1 158 ? 12.472  -10.250 15.419  1.00 52.79 ? 196  VAL A O     1 
ATOM   938  C CB    . VAL A 1 158 ? 11.674  -7.693  17.433  1.00 52.48 ? 196  VAL A CB    1 
ATOM   939  C CG1   . VAL A 1 158 ? 13.189  -7.918  17.527  1.00 51.72 ? 196  VAL A CG1   1 
ATOM   940  C CG2   . VAL A 1 158 ? 11.327  -6.192  17.309  1.00 52.23 ? 196  VAL A CG2   1 
ATOM   941  N N     . ARG A 1 159 ? 11.118  -10.765 17.146  1.00 52.31 ? 197  ARG A N     1 
ATOM   942  C CA    . ARG A 1 159 ? 11.619  -12.136 17.319  1.00 52.56 ? 197  ARG A CA    1 
ATOM   943  C C     . ARG A 1 159 ? 11.319  -13.107 16.168  1.00 52.99 ? 197  ARG A C     1 
ATOM   944  O O     . ARG A 1 159 ? 12.035  -14.106 15.994  1.00 52.99 ? 197  ARG A O     1 
ATOM   945  C CB    . ARG A 1 159 ? 11.089  -12.734 18.632  1.00 52.49 ? 197  ARG A CB    1 
ATOM   946  N N     . CYS A 1 160 ? 10.273  -12.815 15.392  1.00 53.43 ? 198  CYS A N     1 
ATOM   947  C CA    . CYS A 1 160 ? 9.860   -13.639 14.249  1.00 53.87 ? 198  CYS A CA    1 
ATOM   948  C C     . CYS A 1 160 ? 10.364  -13.096 12.917  1.00 53.57 ? 198  CYS A C     1 
ATOM   949  O O     . CYS A 1 160 ? 10.052  -13.650 11.854  1.00 53.30 ? 198  CYS A O     1 
ATOM   950  C CB    . CYS A 1 160 ? 8.333   -13.681 14.168  1.00 54.38 ? 198  CYS A CB    1 
ATOM   951  S SG    . CYS A 1 160 ? 7.545   -14.297 15.636  1.00 56.86 ? 198  CYS A SG    1 
ATOM   952  N N     . ARG A 1 161 ? 11.110  -11.996 12.979  1.00 53.26 ? 199  ARG A N     1 
ATOM   953  C CA    . ARG A 1 161 ? 11.651  -11.330 11.788  1.00 53.21 ? 199  ARG A CA    1 
ATOM   954  C C     . ARG A 1 161 ? 12.453  -12.260 10.860  1.00 52.82 ? 199  ARG A C     1 
ATOM   955  O O     . ARG A 1 161 ? 13.411  -12.909 11.291  1.00 52.79 ? 199  ARG A O     1 
ATOM   956  C CB    . ARG A 1 161 ? 12.535  -10.178 12.253  1.00 53.42 ? 199  ARG A CB    1 
ATOM   957  C CG    . ARG A 1 161 ? 13.260  -9.438  11.163  1.00 53.10 ? 199  ARG A CG    1 
ATOM   958  C CD    . ARG A 1 161 ? 13.415  -7.973  11.550  1.00 54.18 ? 199  ARG A CD    1 
ATOM   959  N NE    . ARG A 1 161 ? 13.339  -7.185  10.337  1.00 56.37 ? 199  ARG A NE    1 
ATOM   960  C CZ    . ARG A 1 161 ? 12.901  -5.937  10.236  1.00 53.71 ? 199  ARG A CZ    1 
ATOM   961  N NH1   . ARG A 1 161 ? 12.876  -5.389  9.036   1.00 52.69 ? 199  ARG A NH1   1 
ATOM   962  N NH2   . ARG A 1 161 ? 12.528  -5.233  11.288  1.00 51.19 ? 199  ARG A NH2   1 
ATOM   963  N N     . GLU A 1 162 ? 12.042  -12.303 9.594   1.00 52.41 ? 200  GLU A N     1 
ATOM   964  C CA    . GLU A 1 162 ? 12.673  -13.111 8.549   1.00 52.34 ? 200  GLU A CA    1 
ATOM   965  C C     . GLU A 1 162 ? 13.330  -12.268 7.439   1.00 51.67 ? 200  GLU A C     1 
ATOM   966  O O     . GLU A 1 162 ? 14.182  -12.767 6.723   1.00 52.08 ? 200  GLU A O     1 
ATOM   967  C CB    . GLU A 1 162 ? 11.630  -14.034 7.893   1.00 52.52 ? 200  GLU A CB    1 
ATOM   968  C CG    . GLU A 1 162 ? 11.258  -15.295 8.697   1.00 53.39 ? 200  GLU A CG    1 
ATOM   969  C CD    . GLU A 1 162 ? 10.510  -16.374 7.867   1.00 53.52 ? 200  GLU A CD    1 
ATOM   970  O OE1   . GLU A 1 162 ? 10.307  -16.220 6.626   1.00 52.00 ? 200  GLU A OE1   1 
ATOM   971  O OE2   . GLU A 1 162 ? 10.133  -17.399 8.477   1.00 55.27 ? 200  GLU A OE2   1 
ATOM   972  N N     . VAL A 1 163 ? 12.900  -11.021 7.260   1.00 50.88 ? 201  VAL A N     1 
ATOM   973  C CA    . VAL A 1 163 ? 13.473  -10.130 6.252   1.00 49.96 ? 201  VAL A CA    1 
ATOM   974  C C     . VAL A 1 163 ? 14.094  -8.936  6.977   1.00 50.07 ? 201  VAL A C     1 
ATOM   975  O O     . VAL A 1 163 ? 13.445  -8.322  7.809   1.00 50.38 ? 201  VAL A O     1 
ATOM   976  C CB    . VAL A 1 163 ? 12.392  -9.626  5.229   1.00 49.89 ? 201  VAL A CB    1 
ATOM   977  C CG1   . VAL A 1 163 ? 13.044  -8.871  4.090   1.00 47.90 ? 201  VAL A CG1   1 
ATOM   978  C CG2   . VAL A 1 163 ? 11.529  -10.780 4.701   1.00 47.49 ? 201  VAL A CG2   1 
ATOM   979  N N     . SER A 1 164 ? 15.347  -8.604  6.668   1.00 50.07 ? 202  SER A N     1 
ATOM   980  C CA    . SER A 1 164 ? 15.993  -7.439  7.281   1.00 50.09 ? 202  SER A CA    1 
ATOM   981  C C     . SER A 1 164 ? 15.454  -6.121  6.706   1.00 50.09 ? 202  SER A C     1 
ATOM   982  O O     . SER A 1 164 ? 14.896  -6.096  5.621   1.00 50.18 ? 202  SER A O     1 
ATOM   983  C CB    . SER A 1 164 ? 17.520  -7.498  7.110   1.00 50.02 ? 202  SER A CB    1 
ATOM   984  O OG    . SER A 1 164 ? 17.944  -6.799  5.954   1.00 49.18 ? 202  SER A OG    1 
ATOM   985  N N     . VAL A 1 165 ? 15.633  -5.037  7.452   1.00 50.33 ? 203  VAL A N     1 
ATOM   986  C CA    . VAL A 1 165 ? 15.334  -3.691  6.966   1.00 50.94 ? 203  VAL A CA    1 
ATOM   987  C C     . VAL A 1 165 ? 16.117  -3.372  5.698   1.00 51.38 ? 203  VAL A C     1 
ATOM   988  O O     . VAL A 1 165 ? 15.570  -2.833  4.733   1.00 50.78 ? 203  VAL A O     1 
ATOM   989  C CB    . VAL A 1 165 ? 15.672  -2.614  8.031   1.00 50.95 ? 203  VAL A CB    1 
ATOM   990  C CG1   . VAL A 1 165 ? 15.413  -1.225  7.488   1.00 51.53 ? 203  VAL A CG1   1 
ATOM   991  C CG2   . VAL A 1 165 ? 14.852  -2.825  9.302   1.00 51.35 ? 203  VAL A CG2   1 
ATOM   992  N N     . SER A 1 166 ? 17.398  -3.738  5.712   1.00 52.19 ? 204  SER A N     1 
ATOM   993  C CA    . SER A 1 166 ? 18.362  -3.334  4.693   1.00 52.54 ? 204  SER A CA    1 
ATOM   994  C C     . SER A 1 166 ? 18.164  -4.045  3.363   1.00 52.61 ? 204  SER A C     1 
ATOM   995  O O     . SER A 1 166 ? 18.628  -3.565  2.334   1.00 52.76 ? 204  SER A O     1 
ATOM   996  C CB    . SER A 1 166 ? 19.795  -3.560  5.209   1.00 52.98 ? 204  SER A CB    1 
ATOM   997  O OG    . SER A 1 166 ? 20.146  -4.940  5.210   1.00 53.87 ? 204  SER A OG    1 
ATOM   998  N N     . GLU A 1 167 ? 17.480  -5.182  3.379   1.00 52.56 ? 205  GLU A N     1 
ATOM   999  C CA    . GLU A 1 167 ? 17.158  -5.867  2.136   1.00 52.76 ? 205  GLU A CA    1 
ATOM   1000 C C     . GLU A 1 167 ? 15.802  -5.504  1.568   1.00 52.06 ? 205  GLU A C     1 
ATOM   1001 O O     . GLU A 1 167 ? 15.592  -5.632  0.367   1.00 51.74 ? 205  GLU A O     1 
ATOM   1002 C CB    . GLU A 1 167 ? 17.325  -7.378  2.266   1.00 53.58 ? 205  GLU A CB    1 
ATOM   1003 C CG    . GLU A 1 167 ? 16.442  -8.094  3.256   1.00 54.68 ? 205  GLU A CG    1 
ATOM   1004 C CD    . GLU A 1 167 ? 17.059  -9.422  3.642   1.00 56.59 ? 205  GLU A CD    1 
ATOM   1005 O OE1   . GLU A 1 167 ? 17.902  -9.917  2.867   1.00 57.79 ? 205  GLU A OE1   1 
ATOM   1006 O OE2   . GLU A 1 167 ? 16.723  -9.962  4.714   1.00 58.85 ? 205  GLU A OE2   1 
ATOM   1007 N N     . GLY A 1 168 ? 14.891  -5.044  2.425   1.00 51.39 ? 206  GLY A N     1 
ATOM   1008 C CA    . GLY A 1 168 ? 13.730  -4.322  1.969   1.00 50.90 ? 206  GLY A CA    1 
ATOM   1009 C C     . GLY A 1 168 ? 14.142  -3.083  1.201   1.00 50.65 ? 206  GLY A C     1 
ATOM   1010 O O     . GLY A 1 168 ? 13.644  -2.834  0.108   1.00 50.94 ? 206  GLY A O     1 
ATOM   1011 N N     . ARG A 1 169 ? 15.060  -2.314  1.774   1.00 50.52 ? 207  ARG A N     1 
ATOM   1012 C CA    . ARG A 1 169 ? 15.589  -1.103  1.145   1.00 50.97 ? 207  ARG A CA    1 
ATOM   1013 C C     . ARG A 1 169 ? 16.306  -1.411  -0.172  1.00 50.38 ? 207  ARG A C     1 
ATOM   1014 O O     . ARG A 1 169 ? 16.077  -0.736  -1.174  1.00 50.34 ? 207  ARG A O     1 
ATOM   1015 C CB    . ARG A 1 169 ? 16.555  -0.381  2.098   1.00 51.11 ? 207  ARG A CB    1 
ATOM   1016 C CG    . ARG A 1 169 ? 16.448  1.135   2.025   1.00 52.59 ? 207  ARG A CG    1 
ATOM   1017 C CD    . ARG A 1 169 ? 17.461  1.855   2.900   1.00 53.27 ? 207  ARG A CD    1 
ATOM   1018 N NE    . ARG A 1 169 ? 17.324  1.618   4.347   1.00 55.67 ? 207  ARG A NE    1 
ATOM   1019 C CZ    . ARG A 1 169 ? 16.357  2.112   5.128   1.00 57.58 ? 207  ARG A CZ    1 
ATOM   1020 N NH1   . ARG A 1 169 ? 15.369  2.855   4.620   1.00 58.88 ? 207  ARG A NH1   1 
ATOM   1021 N NH2   . ARG A 1 169 ? 16.365  1.845   6.438   1.00 57.54 ? 207  ARG A NH2   1 
ATOM   1022 N N     . ALA A 1 170 ? 17.175  -2.428  -0.153  1.00 49.82 ? 208  ALA A N     1 
ATOM   1023 C CA    . ALA A 1 170 ? 17.915  -2.869  -1.340  1.00 49.41 ? 208  ALA A CA    1 
ATOM   1024 C C     . ALA A 1 170 ? 16.972  -3.220  -2.485  1.00 49.24 ? 208  ALA A C     1 
ATOM   1025 O O     . ALA A 1 170 ? 17.190  -2.821  -3.622  1.00 49.51 ? 208  ALA A O     1 
ATOM   1026 C CB    . ALA A 1 170 ? 18.811  -4.071  -0.997  1.00 49.32 ? 208  ALA A CB    1 
ATOM   1027 N N     . CYS A 1 171 ? 15.922  -3.966  -2.173  1.00 48.94 ? 209  CYS A N     1 
ATOM   1028 C CA    A CYS A 1 171 ? 14.901  -4.293  -3.170  0.50 49.13 ? 209  CYS A CA    1 
ATOM   1029 C CA    B CYS A 1 171 ? 14.876  -4.294  -3.137  0.50 48.85 ? 209  CYS A CA    1 
ATOM   1030 C C     . CYS A 1 171 ? 14.242  -3.038  -3.743  1.00 48.70 ? 209  CYS A C     1 
ATOM   1031 O O     . CYS A 1 171 ? 14.078  -2.934  -4.957  1.00 48.63 ? 209  CYS A O     1 
ATOM   1032 C CB    A CYS A 1 171 ? 13.849  -5.248  -2.587  0.50 49.04 ? 209  CYS A CB    1 
ATOM   1033 C CB    B CYS A 1 171 ? 13.797  -5.132  -2.448  0.50 48.68 ? 209  CYS A CB    1 
ATOM   1034 S SG    A CYS A 1 171 ? 14.477  -6.937  -2.379  0.50 50.96 ? 209  CYS A SG    1 
ATOM   1035 S SG    B CYS A 1 171 ? 12.660  -5.893  -3.573  0.50 48.93 ? 209  CYS A SG    1 
ATOM   1036 N N     . ALA A 1 172 ? 13.883  -2.092  -2.871  1.00 48.63 ? 210  ALA A N     1 
ATOM   1037 C CA    . ALA A 1 172 ? 13.325  -0.790  -3.271  1.00 48.35 ? 210  ALA A CA    1 
ATOM   1038 C C     . ALA A 1 172 ? 14.253  -0.022  -4.217  1.00 48.38 ? 210  ALA A C     1 
ATOM   1039 O O     . ALA A 1 172 ? 13.812  0.510   -5.236  1.00 48.02 ? 210  ALA A O     1 
ATOM   1040 C CB    . ALA A 1 172 ? 13.022  0.052   -2.040  1.00 48.07 ? 210  ALA A CB    1 
ATOM   1041 N N     . VAL A 1 173 ? 15.542  0.004   -3.895  1.00 48.51 ? 211  VAL A N     1 
ATOM   1042 C CA    . VAL A 1 173 ? 16.510  0.714   -4.712  1.00 48.80 ? 211  VAL A CA    1 
ATOM   1043 C C     . VAL A 1 173 ? 16.673  0.050   -6.080  1.00 49.59 ? 211  VAL A C     1 
ATOM   1044 O O     . VAL A 1 173 ? 16.712  0.741   -7.102  1.00 49.72 ? 211  VAL A O     1 
ATOM   1045 C CB    . VAL A 1 173 ? 17.887  0.844   -3.987  1.00 49.16 ? 211  VAL A CB    1 
ATOM   1046 C CG1   . VAL A 1 173 ? 18.950  1.438   -4.915  1.00 47.96 ? 211  VAL A CG1   1 
ATOM   1047 C CG2   . VAL A 1 173 ? 17.747  1.701   -2.710  1.00 48.26 ? 211  VAL A CG2   1 
ATOM   1048 N N     . VAL A 1 174 ? 16.743  -1.283  -6.106  1.00 50.10 ? 212  VAL A N     1 
ATOM   1049 C CA    . VAL A 1 174 ? 17.027  -2.011  -7.346  1.00 50.20 ? 212  VAL A CA    1 
ATOM   1050 C C     . VAL A 1 174 ? 15.813  -2.063  -8.263  1.00 50.99 ? 212  VAL A C     1 
ATOM   1051 O O     . VAL A 1 174 ? 15.961  -2.077  -9.480  1.00 51.11 ? 212  VAL A O     1 
ATOM   1052 C CB    . VAL A 1 174 ? 17.541  -3.446  -7.069  1.00 49.98 ? 212  VAL A CB    1 
ATOM   1053 C CG1   . VAL A 1 174 ? 17.636  -4.248  -8.347  1.00 49.07 ? 212  VAL A CG1   1 
ATOM   1054 C CG2   . VAL A 1 174 ? 18.885  -3.400  -6.404  1.00 49.70 ? 212  VAL A CG2   1 
ATOM   1055 N N     . PHE A 1 175 ? 14.613  -2.107  -7.691  1.00 51.92 ? 213  PHE A N     1 
ATOM   1056 C CA    . PHE A 1 175 ? 13.391  -2.209  -8.500  1.00 52.56 ? 213  PHE A CA    1 
ATOM   1057 C C     . PHE A 1 175 ? 12.583  -0.909  -8.535  1.00 53.24 ? 213  PHE A C     1 
ATOM   1058 O O     . PHE A 1 175 ? 11.444  -0.897  -8.990  1.00 53.58 ? 213  PHE A O     1 
ATOM   1059 C CB    . PHE A 1 175 ? 12.561  -3.421  -8.050  1.00 52.57 ? 213  PHE A CB    1 
ATOM   1060 C CG    . PHE A 1 175 ? 13.305  -4.730  -8.182  1.00 52.55 ? 213  PHE A CG    1 
ATOM   1061 C CD1   . PHE A 1 175 ? 13.562  -5.522  -7.069  1.00 53.93 ? 213  PHE A CD1   1 
ATOM   1062 C CD2   . PHE A 1 175 ? 13.793  -5.148  -9.413  1.00 52.88 ? 213  PHE A CD2   1 
ATOM   1063 C CE1   . PHE A 1 175 ? 14.282  -6.724  -7.191  1.00 52.87 ? 213  PHE A CE1   1 
ATOM   1064 C CE2   . PHE A 1 175 ? 14.505  -6.345  -9.543  1.00 52.61 ? 213  PHE A CE2   1 
ATOM   1065 C CZ    . PHE A 1 175 ? 14.750  -7.126  -8.434  1.00 52.95 ? 213  PHE A CZ    1 
ATOM   1066 N N     . ASP A 1 176 ? 13.200  0.181   -8.076  1.00 54.36 ? 214  ASP A N     1 
ATOM   1067 C CA    . ASP A 1 176 ? 12.666  1.543   -8.210  1.00 55.26 ? 214  ASP A CA    1 
ATOM   1068 C C     . ASP A 1 176 ? 11.351  1.747   -7.455  1.00 55.13 ? 214  ASP A C     1 
ATOM   1069 O O     . ASP A 1 176 ? 10.333  2.068   -8.058  1.00 55.37 ? 214  ASP A O     1 
ATOM   1070 C CB    . ASP A 1 176 ? 12.517  1.918   -9.699  1.00 55.95 ? 214  ASP A CB    1 
ATOM   1071 C CG    . ASP A 1 176 ? 12.213  3.409   -9.917  1.00 58.20 ? 214  ASP A CG    1 
ATOM   1072 O OD1   . ASP A 1 176 ? 11.164  3.721   -10.541 1.00 59.92 ? 214  ASP A OD1   1 
ATOM   1073 O OD2   . ASP A 1 176 ? 13.022  4.262   -9.470  1.00 60.20 ? 214  ASP A OD2   1 
ATOM   1074 N N     . CYS A 1 177 ? 11.383  1.529   -6.140  1.00 54.66 ? 215  CYS A N     1 
ATOM   1075 C CA    . CYS A 1 177 ? 10.276  1.887   -5.262  1.00 54.42 ? 215  CYS A CA    1 
ATOM   1076 C C     . CYS A 1 177 ? 10.702  2.839   -4.179  1.00 53.53 ? 215  CYS A C     1 
ATOM   1077 O O     . CYS A 1 177 ? 11.883  3.050   -3.927  1.00 53.92 ? 215  CYS A O     1 
ATOM   1078 C CB    . CYS A 1 177 ? 9.739   0.697   -4.459  1.00 54.86 ? 215  CYS A CB    1 
ATOM   1079 S SG    . CYS A 1 177 ? 9.510   -0.806  -5.244  1.00 55.22 ? 215  CYS A SG    1 
ATOM   1080 N N     . LYS A 1 178 ? 9.690   3.345   -3.499  1.00 52.72 ? 216  LYS A N     1 
ATOM   1081 C CA    . LYS A 1 178 ? 9.826   3.862   -2.163  1.00 52.29 ? 216  LYS A CA    1 
ATOM   1082 C C     . LYS A 1 178 ? 9.672   2.685   -1.202  1.00 51.80 ? 216  LYS A C     1 
ATOM   1083 O O     . LYS A 1 178 ? 9.163   1.632   -1.576  1.00 51.44 ? 216  LYS A O     1 
ATOM   1084 C CB    . LYS A 1 178 ? 8.789   4.951   -1.903  1.00 52.07 ? 216  LYS A CB    1 
ATOM   1085 C CG    . LYS A 1 178 ? 9.366   6.350   -1.864  1.00 53.00 ? 216  LYS A CG    1 
ATOM   1086 C CD    . LYS A 1 178 ? 9.921   6.823   -3.197  1.00 53.76 ? 216  LYS A CD    1 
ATOM   1087 C CE    . LYS A 1 178 ? 10.581  8.199   -3.032  1.00 54.31 ? 216  LYS A CE    1 
ATOM   1088 N NZ    . LYS A 1 178 ? 11.034  8.788   -4.321  1.00 55.22 ? 216  LYS A NZ    1 
ATOM   1089 N N     . PHE A 1 179 ? 10.140  2.866   0.025   1.00 51.72 ? 217  PHE A N     1 
ATOM   1090 C CA    . PHE A 1 179 ? 10.164  1.794   1.013   1.00 51.71 ? 217  PHE A CA    1 
ATOM   1091 C C     . PHE A 1 179 ? 9.815   2.301   2.409   1.00 51.70 ? 217  PHE A C     1 
ATOM   1092 O O     . PHE A 1 179 ? 10.306  3.345   2.840   1.00 51.86 ? 217  PHE A O     1 
ATOM   1093 C CB    . PHE A 1 179 ? 11.554  1.159   1.055   1.00 51.88 ? 217  PHE A CB    1 
ATOM   1094 C CG    . PHE A 1 179 ? 11.734  0.163   2.165   1.00 51.80 ? 217  PHE A CG    1 
ATOM   1095 C CD1   . PHE A 1 179 ? 12.614  0.411   3.207   1.00 51.87 ? 217  PHE A CD1   1 
ATOM   1096 C CD2   . PHE A 1 179 ? 11.011  -1.018  2.174   1.00 51.79 ? 217  PHE A CD2   1 
ATOM   1097 C CE1   . PHE A 1 179 ? 12.775  -0.505  4.236   1.00 51.50 ? 217  PHE A CE1   1 
ATOM   1098 C CE2   . PHE A 1 179 ? 11.169  -1.931  3.200   1.00 52.01 ? 217  PHE A CE2   1 
ATOM   1099 C CZ    . PHE A 1 179 ? 12.056  -1.670  4.235   1.00 51.45 ? 217  PHE A CZ    1 
ATOM   1100 N N     . ILE A 1 180 ? 8.985   1.551   3.122   1.00 51.38 ? 218  ILE A N     1 
ATOM   1101 C CA    . ILE A 1 180 ? 8.753   1.834   4.530   1.00 51.09 ? 218  ILE A CA    1 
ATOM   1102 C C     . ILE A 1 180 ? 8.425   0.532   5.276   1.00 51.03 ? 218  ILE A C     1 
ATOM   1103 O O     . ILE A 1 180 ? 7.902   -0.408  4.689   1.00 50.87 ? 218  ILE A O     1 
ATOM   1104 C CB    . ILE A 1 180 ? 7.636   2.898   4.685   1.00 50.86 ? 218  ILE A CB    1 
ATOM   1105 C CG1   . ILE A 1 180 ? 7.736   3.615   6.037   1.00 51.79 ? 218  ILE A CG1   1 
ATOM   1106 C CG2   . ILE A 1 180 ? 6.260   2.273   4.506   1.00 50.65 ? 218  ILE A CG2   1 
ATOM   1107 C CD1   . ILE A 1 180 ? 6.992   4.936   6.079   1.00 51.01 ? 218  ILE A CD1   1 
ATOM   1108 N N     . GLU A 1 181 ? 8.778   0.470   6.561   1.00 51.21 ? 219  GLU A N     1 
ATOM   1109 C CA    . GLU A 1 181 ? 8.283   -0.587  7.443   1.00 51.10 ? 219  GLU A CA    1 
ATOM   1110 C C     . GLU A 1 181 ? 7.220   -0.057  8.364   1.00 50.73 ? 219  GLU A C     1 
ATOM   1111 O O     . GLU A 1 181 ? 7.386   1.008   8.944   1.00 51.01 ? 219  GLU A O     1 
ATOM   1112 C CB    . GLU A 1 181 ? 9.395   -1.173  8.275   1.00 51.24 ? 219  GLU A CB    1 
ATOM   1113 C CG    . GLU A 1 181 ? 10.469  -1.781  7.451   1.00 52.25 ? 219  GLU A CG    1 
ATOM   1114 C CD    . GLU A 1 181 ? 11.233  -2.812  8.193   1.00 54.30 ? 219  GLU A CD    1 
ATOM   1115 O OE1   . GLU A 1 181 ? 11.376  -2.669  9.435   1.00 56.21 ? 219  GLU A OE1   1 
ATOM   1116 O OE2   . GLU A 1 181 ? 11.701  -3.762  7.528   1.00 54.52 ? 219  GLU A OE2   1 
ATOM   1117 N N     . THR A 1 182 ? 6.132   -0.816  8.485   1.00 50.49 ? 220  THR A N     1 
ATOM   1118 C CA    . THR A 1 182 ? 4.980   -0.444  9.299   1.00 50.05 ? 220  THR A CA    1 
ATOM   1119 C C     . THR A 1 182 ? 4.666   -1.513  10.356  1.00 50.10 ? 220  THR A C     1 
ATOM   1120 O O     . THR A 1 182 ? 5.150   -2.647  10.286  1.00 50.67 ? 220  THR A O     1 
ATOM   1121 C CB    . THR A 1 182 ? 3.677   -0.223  8.425   1.00 49.97 ? 220  THR A CB    1 
ATOM   1122 O OG1   . THR A 1 182 ? 3.292   -1.453  7.804   1.00 49.47 ? 220  THR A OG1   1 
ATOM   1123 C CG2   . THR A 1 182 ? 3.863   0.874   7.372   1.00 48.12 ? 220  THR A CG2   1 
ATOM   1124 N N     . SER A 1 183 ? 3.866   -1.136  11.346  1.00 49.76 ? 221  SER A N     1 
ATOM   1125 C CA    . SER A 1 183 ? 3.145   -2.110  12.151  1.00 49.71 ? 221  SER A CA    1 
ATOM   1126 C C     . SER A 1 183 ? 1.693   -1.635  12.269  1.00 50.03 ? 221  SER A C     1 
ATOM   1127 O O     . SER A 1 183 ? 1.419   -0.569  12.859  1.00 49.39 ? 221  SER A O     1 
ATOM   1128 C CB    . SER A 1 183 ? 3.788   -2.256  13.531  1.00 49.84 ? 221  SER A CB    1 
ATOM   1129 O OG    . SER A 1 183 ? 3.030   -3.100  14.384  1.00 49.77 ? 221  SER A OG    1 
ATOM   1130 N N     . ALA A 1 184 ? 0.765   -2.416  11.711  1.00 50.32 ? 222  ALA A N     1 
ATOM   1131 C CA    . ALA A 1 184 ? -0.666  -2.112  11.864  1.00 50.97 ? 222  ALA A CA    1 
ATOM   1132 C C     . ALA A 1 184 ? -1.153  -2.428  13.277  1.00 51.03 ? 222  ALA A C     1 
ATOM   1133 O O     . ALA A 1 184 ? -2.034  -1.743  13.800  1.00 51.57 ? 222  ALA A O     1 
ATOM   1134 C CB    . ALA A 1 184 ? -1.506  -2.859  10.810  1.00 51.20 ? 222  ALA A CB    1 
ATOM   1135 N N     . ALA A 1 185 ? -0.568  -3.452  13.899  1.00 51.20 ? 223  ALA A N     1 
ATOM   1136 C CA    . ALA A 1 185 ? -0.921  -3.849  15.258  1.00 51.46 ? 223  ALA A CA    1 
ATOM   1137 C C     . ALA A 1 185 ? -0.547  -2.763  16.280  1.00 51.75 ? 223  ALA A C     1 
ATOM   1138 O O     . ALA A 1 185 ? -1.362  -2.411  17.137  1.00 51.34 ? 223  ALA A O     1 
ATOM   1139 C CB    . ALA A 1 185 ? -0.265  -5.178  15.623  1.00 51.24 ? 223  ALA A CB    1 
ATOM   1140 N N     . VAL A 1 186 ? 0.672   -2.232  16.170  1.00 52.12 ? 224  VAL A N     1 
ATOM   1141 C CA    . VAL A 1 186 ? 1.147   -1.168  17.074  1.00 52.74 ? 224  VAL A CA    1 
ATOM   1142 C C     . VAL A 1 186 ? 0.917   0.231   16.486  1.00 52.72 ? 224  VAL A C     1 
ATOM   1143 O O     . VAL A 1 186 ? 1.174   1.239   17.134  1.00 53.48 ? 224  VAL A O     1 
ATOM   1144 C CB    . VAL A 1 186 ? 2.655   -1.381  17.459  1.00 52.89 ? 224  VAL A CB    1 
ATOM   1145 C CG1   . VAL A 1 186 ? 3.190   -0.233  18.312  1.00 52.43 ? 224  VAL A CG1   1 
ATOM   1146 C CG2   . VAL A 1 186 ? 2.826   -2.695  18.205  1.00 53.05 ? 224  VAL A CG2   1 
ATOM   1147 N N     . GLN A 1 187 ? 0.422   0.274   15.261  1.00 53.36 ? 225  GLN A N     1 
ATOM   1148 C CA    . GLN A 1 187 ? 0.111   1.524   14.552  1.00 53.19 ? 225  GLN A CA    1 
ATOM   1149 C C     . GLN A 1 187 ? 1.391   2.385   14.378  1.00 53.28 ? 225  GLN A C     1 
ATOM   1150 O O     . GLN A 1 187 ? 1.387   3.589   14.586  1.00 52.81 ? 225  GLN A O     1 
ATOM   1151 C CB    . GLN A 1 187 ? -1.084  2.255   15.238  1.00 53.64 ? 225  GLN A CB    1 
ATOM   1152 C CG    . GLN A 1 187 ? -2.207  1.264   15.691  1.00 52.73 ? 225  GLN A CG    1 
ATOM   1153 C CD    . GLN A 1 187 ? -3.635  1.873   15.826  1.00 51.78 ? 225  GLN A CD    1 
ATOM   1154 O OE1   . GLN A 1 187 ? -3.696  3.174   15.620  1.00 51.37 ? 225  GLN A OE1   1 
ATOM   1155 N NE2   . GLN A 1 187 ? -4.616  1.057   16.385  1.00 49.27 ? 225  GLN A NE2   1 
ATOM   1156 N N     . HIS A 1 188 ? 2.483   1.735   13.964  1.00 53.35 ? 226  HIS A N     1 
ATOM   1157 C CA    . HIS A 1 188 ? 3.741   2.428   13.653  1.00 53.55 ? 226  HIS A CA    1 
ATOM   1158 C C     . HIS A 1 188 ? 3.962   2.625   12.138  1.00 53.11 ? 226  HIS A C     1 
ATOM   1159 O O     . HIS A 1 188 ? 3.891   1.676   11.349  1.00 52.10 ? 226  HIS A O     1 
ATOM   1160 C CB    . HIS A 1 188 ? 4.945   1.685   14.241  1.00 53.77 ? 226  HIS A CB    1 
ATOM   1161 C CG    . HIS A 1 188 ? 6.230   2.439   14.110  1.00 54.90 ? 226  HIS A CG    1 
ATOM   1162 N ND1   . HIS A 1 188 ? 7.335   1.924   13.473  1.00 57.40 ? 226  HIS A ND1   1 
ATOM   1163 C CD2   . HIS A 1 188 ? 6.581   3.680   14.525  1.00 57.02 ? 226  HIS A CD2   1 
ATOM   1164 C CE1   . HIS A 1 188 ? 8.322   2.805   13.523  1.00 57.55 ? 226  HIS A CE1   1 
ATOM   1165 N NE2   . HIS A 1 188 ? 7.892   3.877   14.161  1.00 56.64 ? 226  HIS A NE2   1 
ATOM   1166 N N     . ASN A 1 189 ? 4.274   3.875   11.789  1.00 53.10 ? 227  ASN A N     1 
ATOM   1167 C CA    . ASN A 1 189 ? 4.462   4.365   10.425  1.00 53.01 ? 227  ASN A CA    1 
ATOM   1168 C C     . ASN A 1 189 ? 3.221   4.275   9.534   1.00 53.19 ? 227  ASN A C     1 
ATOM   1169 O O     . ASN A 1 189 ? 3.326   4.361   8.310   1.00 52.73 ? 227  ASN A O     1 
ATOM   1170 C CB    . ASN A 1 189 ? 5.699   3.724   9.764   1.00 52.96 ? 227  ASN A CB    1 
ATOM   1171 C CG    . ASN A 1 189 ? 6.971   4.542   9.980   1.00 52.92 ? 227  ASN A CG    1 
ATOM   1172 O OD1   . ASN A 1 189 ? 6.920   5.687   10.421  1.00 52.81 ? 227  ASN A OD1   1 
ATOM   1173 N ND2   . ASN A 1 189 ? 8.114   3.950   9.671   1.00 51.81 ? 227  ASN A ND2   1 
ATOM   1174 N N     . VAL A 1 190 ? 2.044   4.159   10.150  1.00 53.32 ? 228  VAL A N     1 
ATOM   1175 C CA    . VAL A 1 190 ? 0.810   4.029   9.386   1.00 53.89 ? 228  VAL A CA    1 
ATOM   1176 C C     . VAL A 1 190 ? 0.366   5.387   8.821   1.00 53.89 ? 228  VAL A C     1 
ATOM   1177 O O     . VAL A 1 190 ? 0.051   5.494   7.638   1.00 54.12 ? 228  VAL A O     1 
ATOM   1178 C CB    . VAL A 1 190 ? -0.305  3.353   10.212  1.00 54.09 ? 228  VAL A CB    1 
ATOM   1179 C CG1   . VAL A 1 190 ? -1.639  3.415   9.470   1.00 54.53 ? 228  VAL A CG1   1 
ATOM   1180 C CG2   . VAL A 1 190 ? 0.076   1.903   10.496  1.00 53.90 ? 228  VAL A CG2   1 
ATOM   1181 N N     . LYS A 1 191 ? 0.375   6.416   9.658   1.00 53.76 ? 229  LYS A N     1 
ATOM   1182 C CA    . LYS A 1 191 ? 0.106   7.778   9.204   1.00 53.93 ? 229  LYS A CA    1 
ATOM   1183 C C     . LYS A 1 191 ? 1.211   8.285   8.270   1.00 53.77 ? 229  LYS A C     1 
ATOM   1184 O O     . LYS A 1 191 ? 0.937   8.936   7.259   1.00 53.80 ? 229  LYS A O     1 
ATOM   1185 C CB    . LYS A 1 191 ? -0.051  8.732   10.406  1.00 53.71 ? 229  LYS A CB    1 
ATOM   1186 N N     . GLU A 1 192 ? 2.453   7.974   8.618   1.00 53.78 ? 230  GLU A N     1 
ATOM   1187 C CA    . GLU A 1 192 ? 3.616   8.407   7.851   1.00 53.80 ? 230  GLU A CA    1 
ATOM   1188 C C     . GLU A 1 192 ? 3.606   7.797   6.435   1.00 53.71 ? 230  GLU A C     1 
ATOM   1189 O O     . GLU A 1 192 ? 3.964   8.458   5.456   1.00 54.19 ? 230  GLU A O     1 
ATOM   1190 C CB    . GLU A 1 192 ? 4.898   8.041   8.605   1.00 53.93 ? 230  GLU A CB    1 
ATOM   1191 C CG    . GLU A 1 192 ? 5.110   8.806   9.945   1.00 54.56 ? 230  GLU A CG    1 
ATOM   1192 C CD    . GLU A 1 192 ? 4.420   8.165   11.167  1.00 55.54 ? 230  GLU A CD    1 
ATOM   1193 O OE1   . GLU A 1 192 ? 3.256   7.718   11.062  1.00 55.19 ? 230  GLU A OE1   1 
ATOM   1194 O OE2   . GLU A 1 192 ? 5.045   8.113   12.249  1.00 57.06 ? 230  GLU A OE2   1 
ATOM   1195 N N     . LEU A 1 193 ? 3.186   6.537   6.338   1.00 53.07 ? 231  LEU A N     1 
ATOM   1196 C CA    . LEU A 1 193 ? 2.954   5.885   5.050   1.00 52.36 ? 231  LEU A CA    1 
ATOM   1197 C C     . LEU A 1 193 ? 1.980   6.681   4.173   1.00 52.53 ? 231  LEU A C     1 
ATOM   1198 O O     . LEU A 1 193 ? 2.267   6.946   3.013   1.00 52.58 ? 231  LEU A O     1 
ATOM   1199 C CB    . LEU A 1 193 ? 2.415   4.457   5.270   1.00 52.20 ? 231  LEU A CB    1 
ATOM   1200 C CG    . LEU A 1 193 ? 1.870   3.672   4.077   1.00 50.76 ? 231  LEU A CG    1 
ATOM   1201 C CD1   . LEU A 1 193 ? 2.908   3.623   3.013   1.00 48.87 ? 231  LEU A CD1   1 
ATOM   1202 C CD2   . LEU A 1 193 ? 1.421   2.266   4.484   1.00 51.06 ? 231  LEU A CD2   1 
ATOM   1203 N N     . PHE A 1 194 ? 0.832   7.060   4.728   1.00 52.67 ? 232  PHE A N     1 
ATOM   1204 C CA    . PHE A 1 194 ? -0.228  7.677   3.927   1.00 52.80 ? 232  PHE A CA    1 
ATOM   1205 C C     . PHE A 1 194 ? -0.016  9.169   3.622   1.00 52.67 ? 232  PHE A C     1 
ATOM   1206 O O     . PHE A 1 194 ? -0.430  9.655   2.565   1.00 52.09 ? 232  PHE A O     1 
ATOM   1207 C CB    . PHE A 1 194 ? -1.595  7.375   4.539   1.00 53.11 ? 232  PHE A CB    1 
ATOM   1208 C CG    . PHE A 1 194 ? -2.004  5.952   4.358   1.00 53.68 ? 232  PHE A CG    1 
ATOM   1209 C CD1   . PHE A 1 194 ? -1.882  5.045   5.382   1.00 54.06 ? 232  PHE A CD1   1 
ATOM   1210 C CD2   . PHE A 1 194 ? -2.443  5.499   3.124   1.00 55.11 ? 232  PHE A CD2   1 
ATOM   1211 C CE1   . PHE A 1 194 ? -2.230  3.717   5.201   1.00 53.93 ? 232  PHE A CE1   1 
ATOM   1212 C CE2   . PHE A 1 194 ? -2.795  4.174   2.945   1.00 54.87 ? 232  PHE A CE2   1 
ATOM   1213 C CZ    . PHE A 1 194 ? -2.675  3.283   3.984   1.00 54.05 ? 232  PHE A CZ    1 
ATOM   1214 N N     . GLU A 1 195 ? 0.651   9.875   4.528   1.00 52.64 ? 233  GLU A N     1 
ATOM   1215 C CA    . GLU A 1 195 ? 1.136   11.222  4.240   1.00 52.93 ? 233  GLU A CA    1 
ATOM   1216 C C     . GLU A 1 195 ? 2.173   11.193  3.120   1.00 53.03 ? 233  GLU A C     1 
ATOM   1217 O O     . GLU A 1 195 ? 2.151   12.043  2.242   1.00 53.05 ? 233  GLU A O     1 
ATOM   1218 C CB    . GLU A 1 195 ? 1.712   11.875  5.504   1.00 53.34 ? 233  GLU A CB    1 
ATOM   1219 C CG    . GLU A 1 195 ? 0.625   12.415  6.440   1.00 54.02 ? 233  GLU A CG    1 
ATOM   1220 C CD    . GLU A 1 195 ? 1.074   12.539  7.892   1.00 55.60 ? 233  GLU A CD    1 
ATOM   1221 O OE1   . GLU A 1 195 ? 1.488   11.516  8.479   1.00 57.63 ? 233  GLU A OE1   1 
ATOM   1222 O OE2   . GLU A 1 195 ? 0.996   13.656  8.454   1.00 54.86 ? 233  GLU A OE2   1 
ATOM   1223 N N     . GLY A 1 196 ? 3.057   10.196  3.140   1.00 53.36 ? 234  GLY A N     1 
ATOM   1224 C CA    . GLY A 1 196 ? 4.106   10.051  2.128   1.00 53.39 ? 234  GLY A CA    1 
ATOM   1225 C C     . GLY A 1 196 ? 3.587   9.747   0.729   1.00 53.35 ? 234  GLY A C     1 
ATOM   1226 O O     . GLY A 1 196 ? 4.119   10.250  -0.255  1.00 53.63 ? 234  GLY A O     1 
ATOM   1227 N N     . ILE A 1 197 ? 2.552   8.916   0.653   1.00 53.28 ? 235  ILE A N     1 
ATOM   1228 C CA    . ILE A 1 197 ? 1.833   8.635   -0.590  1.00 53.25 ? 235  ILE A CA    1 
ATOM   1229 C C     . ILE A 1 197 ? 1.224   9.912   -1.191  1.00 52.92 ? 235  ILE A C     1 
ATOM   1230 O O     . ILE A 1 197 ? 1.294   10.127  -2.395  1.00 52.82 ? 235  ILE A O     1 
ATOM   1231 C CB    . ILE A 1 197 ? 0.682   7.620   -0.343  1.00 53.54 ? 235  ILE A CB    1 
ATOM   1232 C CG1   . ILE A 1 197 ? 1.236   6.231   -0.015  1.00 54.27 ? 235  ILE A CG1   1 
ATOM   1233 C CG2   . ILE A 1 197 ? -0.239  7.526   -1.555  1.00 53.82 ? 235  ILE A CG2   1 
ATOM   1234 C CD1   . ILE A 1 197 ? 0.250   5.363   0.769   1.00 55.22 ? 235  ILE A CD1   1 
ATOM   1235 N N     . VAL A 1 198 ? 0.617   10.743  -0.354  1.00 52.62 ? 236  VAL A N     1 
ATOM   1236 C CA    . VAL A 1 198 ? 0.007   11.984  -0.819  1.00 52.59 ? 236  VAL A CA    1 
ATOM   1237 C C     . VAL A 1 198 ? 1.057   12.957  -1.362  1.00 52.76 ? 236  VAL A C     1 
ATOM   1238 O O     . VAL A 1 198 ? 0.820   13.613  -2.372  1.00 52.82 ? 236  VAL A O     1 
ATOM   1239 C CB    . VAL A 1 198 ? -0.846  12.662  0.303   1.00 52.54 ? 236  VAL A CB    1 
ATOM   1240 C CG1   . VAL A 1 198 ? -1.110  14.124  -0.005  1.00 51.84 ? 236  VAL A CG1   1 
ATOM   1241 C CG2   . VAL A 1 198 ? -2.153  11.914  0.503   1.00 52.29 ? 236  VAL A CG2   1 
ATOM   1242 N N     . ARG A 1 199 ? 2.207   13.054  -0.702  1.00 53.15 ? 237  ARG A N     1 
ATOM   1243 C CA    . ARG A 1 199 ? 3.262   13.979  -1.141  1.00 53.58 ? 237  ARG A CA    1 
ATOM   1244 C C     . ARG A 1 199 ? 3.871   13.531  -2.468  1.00 53.65 ? 237  ARG A C     1 
ATOM   1245 O O     . ARG A 1 199 ? 4.114   14.355  -3.347  1.00 53.41 ? 237  ARG A O     1 
ATOM   1246 C CB    . ARG A 1 199 ? 4.358   14.110  -0.080  1.00 53.84 ? 237  ARG A CB    1 
ATOM   1247 C CG    . ARG A 1 199 ? 3.872   14.698  1.217   1.00 55.01 ? 237  ARG A CG    1 
ATOM   1248 C CD    . ARG A 1 199 ? 4.998   14.996  2.189   1.00 56.85 ? 237  ARG A CD    1 
ATOM   1249 N NE    . ARG A 1 199 ? 4.471   15.189  3.546   1.00 57.71 ? 237  ARG A NE    1 
ATOM   1250 C CZ    . ARG A 1 199 ? 4.809   14.472  4.620   1.00 57.92 ? 237  ARG A CZ    1 
ATOM   1251 N NH1   . ARG A 1 199 ? 4.246   14.757  5.789   1.00 58.80 ? 237  ARG A NH1   1 
ATOM   1252 N NH2   . ARG A 1 199 ? 5.697   13.486  4.555   1.00 58.20 ? 237  ARG A NH2   1 
ATOM   1253 N N     . GLN A 1 200 ? 4.106   12.225  -2.600  1.00 53.71 ? 238  GLN A N     1 
ATOM   1254 C CA    . GLN A 1 200 ? 4.567   11.639  -3.860  1.00 54.09 ? 238  GLN A CA    1 
ATOM   1255 C C     . GLN A 1 200 ? 3.602   11.881  -5.026  1.00 54.07 ? 238  GLN A C     1 
ATOM   1256 O O     . GLN A 1 200 ? 4.033   12.251  -6.117  1.00 54.28 ? 238  GLN A O     1 
ATOM   1257 C CB    . GLN A 1 200 ? 4.805   10.140  -3.690  1.00 54.15 ? 238  GLN A CB    1 
ATOM   1258 C CG    . GLN A 1 200 ? 6.067   9.819   -2.920  1.00 55.34 ? 238  GLN A CG    1 
ATOM   1259 C CD    . GLN A 1 200 ? 7.327   10.095  -3.731  1.00 57.00 ? 238  GLN A CD    1 
ATOM   1260 O OE1   . GLN A 1 200 ? 8.084   11.016  -3.428  1.00 58.49 ? 238  GLN A OE1   1 
ATOM   1261 N NE2   . GLN A 1 200 ? 7.545   9.303   -4.776  1.00 58.42 ? 238  GLN A NE2   1 
ATOM   1262 N N     . VAL A 1 201 ? 2.309   11.675  -4.788  1.00 54.17 ? 239  VAL A N     1 
ATOM   1263 C CA    . VAL A 1 201 ? 1.276   11.859  -5.815  1.00 54.07 ? 239  VAL A CA    1 
ATOM   1264 C C     . VAL A 1 201 ? 1.214   13.322  -6.244  1.00 54.80 ? 239  VAL A C     1 
ATOM   1265 O O     . VAL A 1 201 ? 1.023   13.619  -7.422  1.00 54.81 ? 239  VAL A O     1 
ATOM   1266 C CB    . VAL A 1 201 ? -0.116  11.375  -5.317  1.00 53.75 ? 239  VAL A CB    1 
ATOM   1267 C CG1   . VAL A 1 201 ? -1.204  11.741  -6.292  1.00 52.62 ? 239  VAL A CG1   1 
ATOM   1268 C CG2   . VAL A 1 201 ? -0.104  9.866   -5.095  1.00 52.84 ? 239  VAL A CG2   1 
ATOM   1269 N N     . ARG A 1 202 ? 1.390   14.229  -5.284  1.00 55.66 ? 240  ARG A N     1 
ATOM   1270 C CA    . ARG A 1 202 ? 1.449   15.667  -5.563  1.00 56.27 ? 240  ARG A CA    1 
ATOM   1271 C C     . ARG A 1 202 ? 2.663   16.066  -6.403  1.00 57.02 ? 240  ARG A C     1 
ATOM   1272 O O     . ARG A 1 202 ? 2.557   16.927  -7.273  1.00 56.94 ? 240  ARG A O     1 
ATOM   1273 C CB    . ARG A 1 202 ? 1.436   16.465  -4.260  1.00 56.17 ? 240  ARG A CB    1 
ATOM   1274 C CG    . ARG A 1 202 ? 0.092   16.463  -3.581  1.00 55.78 ? 240  ARG A CG    1 
ATOM   1275 C CD    . ARG A 1 202 ? 0.153   17.154  -2.246  1.00 55.21 ? 240  ARG A CD    1 
ATOM   1276 N NE    . ARG A 1 202 ? -1.103  17.019  -1.517  1.00 54.73 ? 240  ARG A NE    1 
ATOM   1277 C CZ    . ARG A 1 202 ? -1.359  17.611  -0.358  1.00 54.46 ? 240  ARG A CZ    1 
ATOM   1278 N NH1   . ARG A 1 202 ? -0.445  18.381  0.216   1.00 54.63 ? 240  ARG A NH1   1 
ATOM   1279 N NH2   . ARG A 1 202 ? -2.532  17.428  0.231   1.00 54.50 ? 240  ARG A NH2   1 
ATOM   1280 N N     . LEU A 1 203 ? 3.809   15.443  -6.133  1.00 58.11 ? 241  LEU A N     1 
ATOM   1281 C CA    . LEU A 1 203 ? 5.025   15.667  -6.923  1.00 59.09 ? 241  LEU A CA    1 
ATOM   1282 C C     . LEU A 1 203 ? 4.841   15.281  -8.396  1.00 59.94 ? 241  LEU A C     1 
ATOM   1283 O O     . LEU A 1 203 ? 5.475   15.862  -9.275  1.00 60.24 ? 241  LEU A O     1 
ATOM   1284 C CB    . LEU A 1 203 ? 6.206   14.885  -6.334  1.00 59.12 ? 241  LEU A CB    1 
ATOM   1285 C CG    . LEU A 1 203 ? 6.711   15.334  -4.959  1.00 59.16 ? 241  LEU A CG    1 
ATOM   1286 C CD1   . LEU A 1 203 ? 7.561   14.234  -4.328  1.00 59.23 ? 241  LEU A CD1   1 
ATOM   1287 C CD2   . LEU A 1 203 ? 7.480   16.650  -5.052  1.00 58.48 ? 241  LEU A CD2   1 
ATOM   1288 N N     . ARG A 1 204 ? 3.978   14.299  -8.652  1.00 60.94 ? 242  ARG A N     1 
ATOM   1289 C CA    . ARG A 1 204 ? 3.688   13.829  -10.012 1.00 61.73 ? 242  ARG A CA    1 
ATOM   1290 C C     . ARG A 1 204 ? 2.917   14.827  -10.862 1.00 62.04 ? 242  ARG A C     1 
ATOM   1291 O O     . ARG A 1 204 ? 3.220   15.010  -12.043 1.00 62.13 ? 242  ARG A O     1 
ATOM   1292 C CB    . ARG A 1 204 ? 2.887   12.523  -9.960  1.00 61.97 ? 242  ARG A CB    1 
ATOM   1293 C CG    . ARG A 1 204 ? 3.705   11.268  -10.153 1.00 63.45 ? 242  ARG A CG    1 
ATOM   1294 C CD    . ARG A 1 204 ? 4.982   11.256  -9.325  1.00 65.40 ? 242  ARG A CD    1 
ATOM   1295 N NE    . ARG A 1 204 ? 5.590   9.930   -9.291  1.00 66.55 ? 242  ARG A NE    1 
ATOM   1296 C CZ    . ARG A 1 204 ? 6.755   9.654   -8.709  1.00 67.53 ? 242  ARG A CZ    1 
ATOM   1297 N NH1   . ARG A 1 204 ? 7.452   10.615  -8.101  1.00 68.00 ? 242  ARG A NH1   1 
ATOM   1298 N NH2   . ARG A 1 204 ? 7.223   8.407   -8.734  1.00 67.26 ? 242  ARG A NH2   1 
ATOM   1299 N N     . ARG A 1 205 ? 1.928   15.474  -10.258 1.00 62.47 ? 243  ARG A N     1 
ATOM   1300 C CA    . ARG A 1 205 ? 0.923   16.231  -11.006 1.00 62.90 ? 243  ARG A CA    1 
ATOM   1301 C C     . ARG A 1 205 ? 1.381   17.623  -11.485 1.00 63.14 ? 243  ARG A C     1 
ATOM   1302 O O     . ARG A 1 205 ? 0.572   18.553  -11.569 1.00 63.07 ? 243  ARG A O     1 
ATOM   1303 C CB    . ARG A 1 205 ? -0.361  16.323  -10.171 1.00 62.99 ? 243  ARG A CB    1 
ATOM   1304 C CG    . ARG A 1 205 ? -0.975  14.952  -9.863  1.00 63.45 ? 243  ARG A CG    1 
ATOM   1305 C CD    . ARG A 1 205 ? -1.915  14.994  -8.664  1.00 63.75 ? 243  ARG A CD    1 
ATOM   1306 N NE    . ARG A 1 205 ? -2.745  13.790  -8.579  1.00 63.93 ? 243  ARG A NE    1 
ATOM   1307 C CZ    . ARG A 1 205 ? -3.715  13.591  -7.686  1.00 63.53 ? 243  ARG A CZ    1 
ATOM   1308 N NH1   . ARG A 1 205 ? -3.999  14.514  -6.763  1.00 63.28 ? 243  ARG A NH1   1 
ATOM   1309 N NH2   . ARG A 1 205 ? -4.407  12.457  -7.717  1.00 63.04 ? 243  ARG A NH2   1 
ATOM   1310 N N     . ASP A 1 206 ? 2.673   17.755  -11.807 1.00 63.51 ? 244  ASP A N     1 
ATOM   1311 C CA    . ASP A 1 206 ? 3.216   18.951  -12.482 1.00 63.74 ? 244  ASP A CA    1 
ATOM   1312 C C     . ASP A 1 206 ? 4.235   18.566  -13.563 1.00 63.70 ? 244  ASP A C     1 
ATOM   1313 O O     . ASP A 1 206 ? 4.598   17.381  -13.701 1.00 63.61 ? 244  ASP A O     1 
ATOM   1314 C CB    . ASP A 1 206 ? 3.857   19.930  -11.479 1.00 63.79 ? 244  ASP A CB    1 
ATOM   1315 C CG    . ASP A 1 206 ? 4.643   19.224  -10.380 1.00 64.34 ? 244  ASP A CG    1 
ATOM   1316 O OD1   . ASP A 1 206 ? 5.889   19.148  -10.489 1.00 65.04 ? 244  ASP A OD1   1 
ATOM   1317 O OD2   . ASP A 1 206 ? 4.015   18.736  -9.411  1.00 64.75 ? 244  ASP A OD2   1 
HETATM 1318 P PB    . GDP B 2 .   ? -4.494  -9.515  4.628   1.00 39.61 ? 1001 GDP A PB    1 
HETATM 1319 O O1B   . GDP B 2 .   ? -3.289  -8.999  3.899   1.00 39.77 ? 1001 GDP A O1B   1 
HETATM 1320 O O2B   . GDP B 2 .   ? -5.677  -8.585  4.443   1.00 38.53 ? 1001 GDP A O2B   1 
HETATM 1321 O O3B   . GDP B 2 .   ? -4.866  -10.903 4.204   1.00 39.84 ? 1001 GDP A O3B   1 
HETATM 1322 O O3A   . GDP B 2 .   ? -4.017  -9.599  6.164   1.00 44.03 ? 1001 GDP A O3A   1 
HETATM 1323 P PA    . GDP B 2 .   ? -4.928  -9.361  7.477   1.00 43.19 ? 1001 GDP A PA    1 
HETATM 1324 O O1A   . GDP B 2 .   ? -6.143  -10.239 7.383   1.00 43.21 ? 1001 GDP A O1A   1 
HETATM 1325 O O2A   . GDP B 2 .   ? -5.179  -7.891  7.722   1.00 41.02 ? 1001 GDP A O2A   1 
HETATM 1326 O "O5'" . GDP B 2 .   ? -3.897  -9.934  8.554   1.00 45.34 ? 1001 GDP A "O5'" 1 
HETATM 1327 C "C5'" . GDP B 2 .   ? -3.702  -11.345 8.702   1.00 45.07 ? 1001 GDP A "C5'" 1 
HETATM 1328 C "C4'" . GDP B 2 .   ? -3.227  -11.581 10.126  1.00 45.61 ? 1001 GDP A "C4'" 1 
HETATM 1329 O "O4'" . GDP B 2 .   ? -2.095  -10.752 10.392  1.00 45.00 ? 1001 GDP A "O4'" 1 
HETATM 1330 C "C3'" . GDP B 2 .   ? -4.299  -11.167 11.130  1.00 45.71 ? 1001 GDP A "C3'" 1 
HETATM 1331 O "O3'" . GDP B 2 .   ? -4.335  -12.128 12.178  1.00 47.21 ? 1001 GDP A "O3'" 1 
HETATM 1332 C "C2'" . GDP B 2 .   ? -3.868  -9.805  11.623  1.00 44.18 ? 1001 GDP A "C2'" 1 
HETATM 1333 O "O2'" . GDP B 2 .   ? -4.236  -9.542  12.971  1.00 45.26 ? 1001 GDP A "O2'" 1 
HETATM 1334 C "C1'" . GDP B 2 .   ? -2.370  -9.904  11.514  1.00 42.73 ? 1001 GDP A "C1'" 1 
HETATM 1335 N N9    . GDP B 2 .   ? -1.704  -8.598  11.350  1.00 41.84 ? 1001 GDP A N9    1 
HETATM 1336 C C8    . GDP B 2 .   ? -1.920  -7.638  10.436  1.00 42.46 ? 1001 GDP A C8    1 
HETATM 1337 N N7    . GDP B 2 .   ? -1.076  -6.584  10.635  1.00 41.92 ? 1001 GDP A N7    1 
HETATM 1338 C C5    . GDP B 2 .   ? -0.307  -6.883  11.692  1.00 40.77 ? 1001 GDP A C5    1 
HETATM 1339 C C6    . GDP B 2 .   ? 0.792   -6.258  12.436  1.00 41.50 ? 1001 GDP A C6    1 
HETATM 1340 O O6    . GDP B 2 .   ? 1.246   -5.131  12.138  1.00 41.74 ? 1001 GDP A O6    1 
HETATM 1341 N N1    . GDP B 2 .   ? 1.298   -6.945  13.474  1.00 42.85 ? 1001 GDP A N1    1 
HETATM 1342 C C2    . GDP B 2 .   ? 0.845   -8.151  13.837  1.00 41.87 ? 1001 GDP A C2    1 
HETATM 1343 N N2    . GDP B 2 .   ? 1.378   -8.801  14.871  1.00 42.75 ? 1001 GDP A N2    1 
HETATM 1344 N N3    . GDP B 2 .   ? -0.144  -8.789  13.203  1.00 43.58 ? 1001 GDP A N3    1 
HETATM 1345 C C4    . GDP B 2 .   ? -0.735  -8.204  12.138  1.00 41.85 ? 1001 GDP A C4    1 
HETATM 1346 O O     . HOH C 3 .   ? 0.258   -10.942 -15.017 1.00 50.81 ? 1002 HOH A O     1 
HETATM 1347 O O     . HOH C 3 .   ? -5.590  -5.049  -8.683  1.00 37.48 ? 1003 HOH A O     1 
HETATM 1348 O O     . HOH C 3 .   ? -9.434  -8.155  -0.581  1.00 45.12 ? 1004 HOH A O     1 
HETATM 1349 O O     . HOH C 3 .   ? -5.801  -13.271 5.935   1.00 60.55 ? 1005 HOH A O     1 
HETATM 1350 O O     . HOH C 3 .   ? -2.305  -14.352 -2.261  1.00 55.28 ? 1006 HOH A O     1 
HETATM 1351 O O     . HOH C 3 .   ? 3.433   -9.813  -0.455  1.00 40.61 ? 1007 HOH A O     1 
HETATM 1352 O O     . HOH C 3 .   ? 2.870   -12.832 8.178   1.00 42.83 ? 1008 HOH A O     1 
HETATM 1353 O O     . HOH C 3 .   ? 0.072   -11.987 12.752  1.00 44.62 ? 1009 HOH A O     1 
HETATM 1354 O O     . HOH C 3 .   ? 6.947   -16.202 -3.130  1.00 52.58 ? 1010 HOH A O     1 
HETATM 1355 O O     . HOH C 3 .   ? 20.117  -1.362  1.331   1.00 61.01 ? 1011 HOH A O     1 
HETATM 1356 O O     . HOH C 3 .   ? -8.217  -9.979  5.320   1.00 50.24 ? 1012 HOH A O     1 
HETATM 1357 O O     . HOH C 3 .   ? -7.663  -8.744  -20.215 1.00 47.02 ? 1013 HOH A O     1 
HETATM 1358 O O     . HOH C 3 .   ? -6.937  -7.784  2.159   1.00 46.07 ? 1014 HOH A O     1 
HETATM 1359 O O     . HOH C 3 .   ? 11.997  -5.565  5.612   1.00 39.24 ? 1015 HOH A O     1 
HETATM 1360 O O     . HOH C 3 .   ? 2.812   -15.400 -10.746 1.00 63.04 ? 1016 HOH A O     1 
HETATM 1361 O O     . HOH C 3 .   ? -6.141  -6.697  -10.467 1.00 43.20 ? 1017 HOH A O     1 
HETATM 1362 O O     . HOH C 3 .   ? -7.819  7.873   12.768  1.00 48.06 ? 1018 HOH A O     1 
HETATM 1363 O O     . HOH C 3 .   ? -5.649  -5.870  -0.948  1.00 43.98 ? 1019 HOH A O     1 
HETATM 1364 O O     . HOH C 3 .   ? 8.165   4.770   -7.216  1.00 62.54 ? 1020 HOH A O     1 
HETATM 1365 O O     . HOH C 3 .   ? -14.346 17.639  -4.851  1.00 60.48 ? 1021 HOH A O     1 
HETATM 1366 O O     . HOH C 3 .   ? -6.676  3.326   13.945  1.00 29.56 ? 1022 HOH A O     1 
HETATM 1367 O O     . HOH C 3 .   ? -13.098 5.745   7.787   1.00 51.50 ? 1023 HOH A O     1 
HETATM 1368 O O     . HOH C 3 .   ? -0.004  -13.254 -7.391  1.00 47.96 ? 1024 HOH A O     1 
HETATM 1369 O O     . HOH C 3 .   ? -15.469 -4.321  3.597   1.00 65.59 ? 1025 HOH A O     1 
HETATM 1370 O O     . HOH C 3 .   ? -20.493 7.517   7.311   1.00 65.56 ? 1026 HOH A O     1 
HETATM 1371 O O     . HOH C 3 .   ? 21.057  -7.682  5.483   1.00 62.31 ? 1027 HOH A O     1 
HETATM 1372 O O     . HOH C 3 .   ? -10.755 -5.047  3.364   1.00 45.00 ? 1028 HOH A O     1 
HETATM 1373 O O     . HOH C 3 .   ? 8.112   0.205   11.952  1.00 49.63 ? 1029 HOH A O     1 
HETATM 1374 O O     . HOH C 3 .   ? 11.105  2.405   7.242   1.00 50.20 ? 1030 HOH A O     1 
HETATM 1375 O O     . HOH C 3 .   ? -14.651 -2.017  4.760   1.00 72.87 ? 1031 HOH A O     1 
HETATM 1376 O O     . HOH C 3 .   ? -6.657  -3.803  -4.150  1.00 39.29 ? 1032 HOH A O     1 
HETATM 1377 O O     . HOH C 3 .   ? -5.224  17.437  -1.919  1.00 58.91 ? 1033 HOH A O     1 
HETATM 1378 O O     . HOH C 3 .   ? 17.402  -5.190  9.708   1.00 62.31 ? 1034 HOH A O     1 
HETATM 1379 O O     . HOH C 3 .   ? -4.764  -15.182 -20.213 1.00 58.31 ? 1035 HOH A O     1 
HETATM 1380 O O     . HOH C 3 .   ? -13.772 4.012   5.512   1.00 42.08 ? 1036 HOH A O     1 
# 
loop_
_pdbx_poly_seq_scheme.asym_id 
_pdbx_poly_seq_scheme.entity_id 
_pdbx_poly_seq_scheme.seq_id 
_pdbx_poly_seq_scheme.mon_id 
_pdbx_poly_seq_scheme.ndb_seq_num 
_pdbx_poly_seq_scheme.pdb_seq_num 
_pdbx_poly_seq_scheme.auth_seq_num 
_pdbx_poly_seq_scheme.pdb_mon_id 
_pdbx_poly_seq_scheme.auth_mon_id 
_pdbx_poly_seq_scheme.pdb_strand_id 
_pdbx_poly_seq_scheme.pdb_ins_code 
_pdbx_poly_seq_scheme.hetero 
A 1 1   MET 1   -22 ?   ?   ?   A . n 
A 1 2   HIS 2   -21 ?   ?   ?   A . n 
A 1 3   HIS 3   -20 ?   ?   ?   A . n 
A 1 4   HIS 4   -19 ?   ?   ?   A . n 
A 1 5   HIS 5   -18 ?   ?   ?   A . n 
A 1 6   HIS 6   -17 ?   ?   ?   A . n 
A 1 7   HIS 7   -16 ?   ?   ?   A . n 
A 1 8   SER 8   -15 ?   ?   ?   A . n 
A 1 9   SER 9   -14 ?   ?   ?   A . n 
A 1 10  GLY 10  -13 ?   ?   ?   A . n 
A 1 11  VAL 11  -12 ?   ?   ?   A . n 
A 1 12  ASP 12  -11 ?   ?   ?   A . n 
A 1 13  LEU 13  -10 ?   ?   ?   A . n 
A 1 14  GLY 14  -9  ?   ?   ?   A . n 
A 1 15  THR 15  -8  ?   ?   ?   A . n 
A 1 16  GLU 16  -7  ?   ?   ?   A . n 
A 1 17  ASN 17  -6  ?   ?   ?   A . n 
A 1 18  LEU 18  -5  ?   ?   ?   A . n 
A 1 19  TYR 19  -4  ?   ?   ?   A . n 
A 1 20  PHE 20  -3  ?   ?   ?   A . n 
A 1 21  GLN 21  -2  ?   ?   ?   A . n 
A 1 22  SER 22  -1  ?   ?   ?   A . n 
A 1 23  MET 23  0   ?   ?   ?   A . n 
A 1 24  SER 24  62  ?   ?   ?   A . n 
A 1 25  THR 25  63  ?   ?   ?   A . n 
A 1 26  ASP 26  64  ?   ?   ?   A . n 
A 1 27  SER 27  65  ?   ?   ?   A . n 
A 1 28  VAL 28  66  ?   ?   ?   A . n 
A 1 29  ILE 29  67  ?   ?   ?   A . n 
A 1 30  SER 30  68  ?   ?   ?   A . n 
A 1 31  SER 31  69  ?   ?   ?   A . n 
A 1 32  GLU 32  70  ?   ?   ?   A . n 
A 1 33  SER 33  71  ?   ?   ?   A . n 
A 1 34  GLY 34  72  ?   ?   ?   A . n 
A 1 35  ASN 35  73  73  ASN ASN A . n 
A 1 36  THR 36  74  74  THR THR A . n 
A 1 37  TYR 37  75  75  TYR TYR A . n 
A 1 38  TYR 38  76  76  TYR TYR A . n 
A 1 39  ARG 39  77  77  ARG ARG A . n 
A 1 40  VAL 40  78  78  VAL VAL A . n 
A 1 41  VAL 41  79  79  VAL VAL A . n 
A 1 42  LEU 42  80  80  LEU LEU A . n 
A 1 43  ILE 43  81  81  ILE ILE A . n 
A 1 44  GLY 44  82  82  GLY GLY A . n 
A 1 45  GLU 45  83  83  GLU GLU A . n 
A 1 46  GLN 46  84  84  GLN GLN A . n 
A 1 47  GLY 47  85  85  GLY GLY A . n 
A 1 48  VAL 48  86  86  VAL VAL A . n 
A 1 49  GLY 49  87  87  GLY GLY A . n 
A 1 50  LYS 50  88  88  LYS LYS A . n 
A 1 51  SER 51  89  89  SER SER A . n 
A 1 52  THR 52  90  90  THR THR A . n 
A 1 53  LEU 53  91  91  LEU LEU A . n 
A 1 54  ALA 54  92  92  ALA ALA A . n 
A 1 55  ASN 55  93  93  ASN ASN A . n 
A 1 56  ILE 56  94  94  ILE ILE A . n 
A 1 57  PHE 57  95  95  PHE PHE A . n 
A 1 58  ALA 58  96  96  ALA ALA A . n 
A 1 59  GLY 59  97  97  GLY GLY A . n 
A 1 60  VAL 60  98  98  VAL VAL A . n 
A 1 61  HIS 61  99  99  HIS HIS A . n 
A 1 62  ASP 62  100 100 ASP ASP A . n 
A 1 63  SER 63  101 101 SER SER A . n 
A 1 64  MET 64  102 102 MET MET A . n 
A 1 65  ASP 65  103 103 ASP ASP A . n 
A 1 66  SER 66  104 104 SER SER A . n 
A 1 67  ASP 67  105 105 ASP ASP A . n 
A 1 68  CYS 68  106 ?   ?   ?   A . n 
A 1 69  GLU 69  107 ?   ?   ?   A . n 
A 1 70  VAL 70  108 ?   ?   ?   A . n 
A 1 71  LEU 71  109 109 LEU LEU A . n 
A 1 72  GLY 72  110 110 GLY GLY A . n 
A 1 73  GLU 73  111 111 GLU GLU A . n 
A 1 74  ASP 74  112 112 ASP ASP A . n 
A 1 75  THR 75  113 113 THR THR A . n 
A 1 76  TYR 76  114 114 TYR TYR A . n 
A 1 77  GLU 77  115 115 GLU GLU A . n 
A 1 78  ARG 78  116 116 ARG ARG A . n 
A 1 79  THR 79  117 117 THR THR A . n 
A 1 80  LEU 80  118 118 LEU LEU A . n 
A 1 81  MET 81  119 119 MET MET A . n 
A 1 82  VAL 82  120 120 VAL VAL A . n 
A 1 83  ASP 83  121 121 ASP ASP A . n 
A 1 84  GLY 84  122 122 GLY GLY A . n 
A 1 85  GLU 85  123 123 GLU GLU A . n 
A 1 86  SER 86  124 124 SER SER A . n 
A 1 87  ALA 87  125 125 ALA ALA A . n 
A 1 88  THR 88  126 126 THR THR A . n 
A 1 89  ILE 89  127 127 ILE ILE A . n 
A 1 90  ILE 90  128 128 ILE ILE A . n 
A 1 91  LEU 91  129 129 LEU LEU A . n 
A 1 92  LEU 92  130 130 LEU LEU A . n 
A 1 93  ASP 93  131 131 ASP ASP A . n 
A 1 94  MET 94  132 132 MET MET A . n 
A 1 95  TRP 95  133 133 TRP TRP A . n 
A 1 96  GLU 96  134 134 GLU GLU A . n 
A 1 97  ASN 97  135 135 ASN ASN A . n 
A 1 98  LYS 98  136 136 LYS LYS A . n 
A 1 99  GLY 99  137 137 GLY GLY A . n 
A 1 100 GLU 100 138 138 GLU GLU A . n 
A 1 101 ASN 101 139 139 ASN ASN A . n 
A 1 102 GLU 102 140 140 GLU GLU A . n 
A 1 103 TRP 103 141 141 TRP TRP A . n 
A 1 104 LEU 104 142 142 LEU LEU A . n 
A 1 105 HIS 105 143 143 HIS HIS A . n 
A 1 106 ASP 106 144 144 ASP ASP A . n 
A 1 107 HIS 107 145 145 HIS HIS A . n 
A 1 108 CYS 108 146 146 CYS CYS A . n 
A 1 109 MET 109 147 147 MET MET A . n 
A 1 110 GLN 110 148 148 GLN GLN A . n 
A 1 111 VAL 111 149 149 VAL VAL A . n 
A 1 112 GLY 112 150 150 GLY GLY A . n 
A 1 113 ASP 113 151 151 ASP ASP A . n 
A 1 114 ALA 114 152 152 ALA ALA A . n 
A 1 115 TYR 115 153 153 TYR TYR A . n 
A 1 116 LEU 116 154 154 LEU LEU A . n 
A 1 117 ILE 117 155 155 ILE ILE A . n 
A 1 118 VAL 118 156 156 VAL VAL A . n 
A 1 119 TYR 119 157 157 TYR TYR A . n 
A 1 120 SER 120 158 158 SER SER A . n 
A 1 121 ILE 121 159 159 ILE ILE A . n 
A 1 122 THR 122 160 160 THR THR A . n 
A 1 123 ASP 123 161 161 ASP ASP A . n 
A 1 124 ARG 124 162 162 ARG ARG A . n 
A 1 125 ALA 125 163 163 ALA ALA A . n 
A 1 126 SER 126 164 164 SER SER A . n 
A 1 127 PHE 127 165 165 PHE PHE A . n 
A 1 128 GLU 128 166 166 GLU GLU A . n 
A 1 129 LYS 129 167 167 LYS LYS A . n 
A 1 130 ALA 130 168 168 ALA ALA A . n 
A 1 131 SER 131 169 169 SER SER A . n 
A 1 132 GLU 132 170 170 GLU GLU A . n 
A 1 133 LEU 133 171 171 LEU LEU A . n 
A 1 134 ARG 134 172 172 ARG ARG A . n 
A 1 135 ILE 135 173 173 ILE ILE A . n 
A 1 136 GLN 136 174 174 GLN GLN A . n 
A 1 137 LEU 137 175 175 LEU LEU A . n 
A 1 138 ARG 138 176 176 ARG ARG A . n 
A 1 139 ARG 139 177 177 ARG ARG A . n 
A 1 140 ALA 140 178 178 ALA ALA A . n 
A 1 141 ARG 141 179 179 ARG ARG A . n 
A 1 142 GLN 142 180 180 GLN GLN A . n 
A 1 143 THR 143 181 181 THR THR A . n 
A 1 144 GLU 144 182 182 GLU GLU A . n 
A 1 145 ASP 145 183 183 ASP ASP A . n 
A 1 146 ILE 146 184 184 ILE ILE A . n 
A 1 147 PRO 147 185 185 PRO PRO A . n 
A 1 148 ILE 148 186 186 ILE ILE A . n 
A 1 149 ILE 149 187 187 ILE ILE A . n 
A 1 150 LEU 150 188 188 LEU LEU A . n 
A 1 151 VAL 151 189 189 VAL VAL A . n 
A 1 152 GLY 152 190 190 GLY GLY A . n 
A 1 153 ASN 153 191 191 ASN ASN A . n 
A 1 154 LYS 154 192 192 LYS LYS A . n 
A 1 155 SER 155 193 193 SER SER A . n 
A 1 156 ASP 156 194 194 ASP ASP A . n 
A 1 157 LEU 157 195 195 LEU LEU A . n 
A 1 158 VAL 158 196 196 VAL VAL A . n 
A 1 159 ARG 159 197 197 ARG ARG A . n 
A 1 160 CYS 160 198 198 CYS CYS A . n 
A 1 161 ARG 161 199 199 ARG ARG A . n 
A 1 162 GLU 162 200 200 GLU GLU A . n 
A 1 163 VAL 163 201 201 VAL VAL A . n 
A 1 164 SER 164 202 202 SER SER A . n 
A 1 165 VAL 165 203 203 VAL VAL A . n 
A 1 166 SER 166 204 204 SER SER A . n 
A 1 167 GLU 167 205 205 GLU GLU A . n 
A 1 168 GLY 168 206 206 GLY GLY A . n 
A 1 169 ARG 169 207 207 ARG ARG A . n 
A 1 170 ALA 170 208 208 ALA ALA A . n 
A 1 171 CYS 171 209 209 CYS CYS A . n 
A 1 172 ALA 172 210 210 ALA ALA A . n 
A 1 173 VAL 173 211 211 VAL VAL A . n 
A 1 174 VAL 174 212 212 VAL VAL A . n 
A 1 175 PHE 175 213 213 PHE PHE A . n 
A 1 176 ASP 176 214 214 ASP ASP A . n 
A 1 177 CYS 177 215 215 CYS CYS A . n 
A 1 178 LYS 178 216 216 LYS LYS A . n 
A 1 179 PHE 179 217 217 PHE PHE A . n 
A 1 180 ILE 180 218 218 ILE ILE A . n 
A 1 181 GLU 181 219 219 GLU GLU A . n 
A 1 182 THR 182 220 220 THR THR A . n 
A 1 183 SER 183 221 221 SER SER A . n 
A 1 184 ALA 184 222 222 ALA ALA A . n 
A 1 185 ALA 185 223 223 ALA ALA A . n 
A 1 186 VAL 186 224 224 VAL VAL A . n 
A 1 187 GLN 187 225 225 GLN GLN A . n 
A 1 188 HIS 188 226 226 HIS HIS A . n 
A 1 189 ASN 189 227 227 ASN ASN A . n 
A 1 190 VAL 190 228 228 VAL VAL A . n 
A 1 191 LYS 191 229 229 LYS LYS A . n 
A 1 192 GLU 192 230 230 GLU GLU A . n 
A 1 193 LEU 193 231 231 LEU LEU A . n 
A 1 194 PHE 194 232 232 PHE PHE A . n 
A 1 195 GLU 195 233 233 GLU GLU A . n 
A 1 196 GLY 196 234 234 GLY GLY A . n 
A 1 197 ILE 197 235 235 ILE ILE A . n 
A 1 198 VAL 198 236 236 VAL VAL A . n 
A 1 199 ARG 199 237 237 ARG ARG A . n 
A 1 200 GLN 200 238 238 GLN GLN A . n 
A 1 201 VAL 201 239 239 VAL VAL A . n 
A 1 202 ARG 202 240 240 ARG ARG A . n 
A 1 203 LEU 203 241 241 LEU LEU A . n 
A 1 204 ARG 204 242 242 ARG ARG A . n 
A 1 205 ARG 205 243 243 ARG ARG A . n 
A 1 206 ASP 206 244 244 ASP ASP A . n 
A 1 207 SER 207 245 ?   ?   ?   A . n 
A 1 208 LYS 208 246 ?   ?   ?   A . n 
A 1 209 GLU 209 247 ?   ?   ?   A . n 
A 1 210 LYS 210 248 ?   ?   ?   A . n 
A 1 211 ASN 211 249 ?   ?   ?   A . n 
# 
_pdbx_SG_project.id                    1 
_pdbx_SG_project.project_name          ? 
_pdbx_SG_project.full_name_of_center   'Structural Genomics Consortium' 
_pdbx_SG_project.initial_of_center     SGC 
# 
loop_
_pdbx_nonpoly_scheme.asym_id 
_pdbx_nonpoly_scheme.entity_id 
_pdbx_nonpoly_scheme.mon_id 
_pdbx_nonpoly_scheme.ndb_seq_num 
_pdbx_nonpoly_scheme.pdb_seq_num 
_pdbx_nonpoly_scheme.auth_seq_num 
_pdbx_nonpoly_scheme.pdb_mon_id 
_pdbx_nonpoly_scheme.auth_mon_id 
_pdbx_nonpoly_scheme.pdb_strand_id 
_pdbx_nonpoly_scheme.pdb_ins_code 
B 2 GDP 1  1001 1001 GDP GDP A . 
C 3 HOH 1  1002 1    HOH HOH A . 
C 3 HOH 2  1003 2    HOH HOH A . 
C 3 HOH 3  1004 3    HOH HOH A . 
C 3 HOH 4  1005 4    HOH HOH A . 
C 3 HOH 5  1006 6    HOH HOH A . 
C 3 HOH 6  1007 10   HOH HOH A . 
C 3 HOH 7  1008 12   HOH HOH A . 
C 3 HOH 8  1009 13   HOH HOH A . 
C 3 HOH 9  1010 15   HOH HOH A . 
C 3 HOH 10 1011 18   HOH HOH A . 
C 3 HOH 11 1012 19   HOH HOH A . 
C 3 HOH 12 1013 20   HOH HOH A . 
C 3 HOH 13 1014 21   HOH HOH A . 
C 3 HOH 14 1015 24   HOH HOH A . 
C 3 HOH 15 1016 26   HOH HOH A . 
C 3 HOH 16 1017 27   HOH HOH A . 
C 3 HOH 17 1018 28   HOH HOH A . 
C 3 HOH 18 1019 30   HOH HOH A . 
C 3 HOH 19 1020 32   HOH HOH A . 
C 3 HOH 20 1021 33   HOH HOH A . 
C 3 HOH 21 1022 35   HOH HOH A . 
C 3 HOH 22 1023 38   HOH HOH A . 
C 3 HOH 23 1024 41   HOH HOH A . 
C 3 HOH 24 1025 42   HOH HOH A . 
C 3 HOH 25 1026 43   HOH HOH A . 
C 3 HOH 26 1027 48   HOH HOH A . 
C 3 HOH 27 1028 49   HOH HOH A . 
C 3 HOH 28 1029 54   HOH HOH A . 
C 3 HOH 29 1030 56   HOH HOH A . 
C 3 HOH 30 1031 62   HOH HOH A . 
C 3 HOH 31 1032 64   HOH HOH A . 
C 3 HOH 32 1033 65   HOH HOH A . 
C 3 HOH 33 1034 69   HOH HOH A . 
C 3 HOH 34 1035 73   HOH HOH A . 
C 3 HOH 35 1036 79   HOH HOH A . 
# 
_pdbx_struct_assembly.id                   1 
_pdbx_struct_assembly.details              author_defined_assembly 
_pdbx_struct_assembly.method_details       ? 
_pdbx_struct_assembly.oligomeric_details   monomeric 
_pdbx_struct_assembly.oligomeric_count     1 
# 
_pdbx_struct_assembly_gen.assembly_id       1 
_pdbx_struct_assembly_gen.oper_expression   1 
_pdbx_struct_assembly_gen.asym_id_list      A,B,C 
# 
_pdbx_struct_oper_list.id                   1 
_pdbx_struct_oper_list.type                 'identity operation' 
_pdbx_struct_oper_list.name                 1_555 
_pdbx_struct_oper_list.symmetry_operation   x,y,z 
_pdbx_struct_oper_list.matrix[1][1]         1.0000000000 
_pdbx_struct_oper_list.matrix[1][2]         0.0000000000 
_pdbx_struct_oper_list.matrix[1][3]         0.0000000000 
_pdbx_struct_oper_list.vector[1]            0.0000000000 
_pdbx_struct_oper_list.matrix[2][1]         0.0000000000 
_pdbx_struct_oper_list.matrix[2][2]         1.0000000000 
_pdbx_struct_oper_list.matrix[2][3]         0.0000000000 
_pdbx_struct_oper_list.vector[2]            0.0000000000 
_pdbx_struct_oper_list.matrix[3][1]         0.0000000000 
_pdbx_struct_oper_list.matrix[3][2]         0.0000000000 
_pdbx_struct_oper_list.matrix[3][3]         1.0000000000 
_pdbx_struct_oper_list.vector[3]            0.0000000000 
# 
loop_
_pdbx_audit_revision_history.ordinal 
_pdbx_audit_revision_history.data_content_type 
_pdbx_audit_revision_history.major_revision 
_pdbx_audit_revision_history.minor_revision 
_pdbx_audit_revision_history.revision_date 
1 'Structure model' 1 0 2006-04-18 
2 'Structure model' 1 1 2008-05-01 
3 'Structure model' 1 2 2011-07-13 
4 'Structure model' 1 3 2023-08-30 
# 
_pdbx_audit_revision_details.ordinal             1 
_pdbx_audit_revision_details.revision_ordinal    1 
_pdbx_audit_revision_details.data_content_type   'Structure model' 
_pdbx_audit_revision_details.provider            repository 
_pdbx_audit_revision_details.type                'Initial release' 
_pdbx_audit_revision_details.description         ? 
_pdbx_audit_revision_details.details             ? 
# 
loop_
_pdbx_audit_revision_group.ordinal 
_pdbx_audit_revision_group.revision_ordinal 
_pdbx_audit_revision_group.data_content_type 
_pdbx_audit_revision_group.group 
1 2 'Structure model' 'Version format compliance' 
2 3 'Structure model' Advisory                    
3 3 'Structure model' 'Version format compliance' 
4 4 'Structure model' 'Data collection'           
5 4 'Structure model' 'Database references'       
6 4 'Structure model' 'Derived calculations'      
7 4 'Structure model' 'Refinement description'    
# 
loop_
_pdbx_audit_revision_category.ordinal 
_pdbx_audit_revision_category.revision_ordinal 
_pdbx_audit_revision_category.data_content_type 
_pdbx_audit_revision_category.category 
1 4 'Structure model' chem_comp_atom                
2 4 'Structure model' chem_comp_bond                
3 4 'Structure model' database_2                    
4 4 'Structure model' pdbx_initial_refinement_model 
5 4 'Structure model' struct_ref_seq_dif            
6 4 'Structure model' struct_site                   
# 
loop_
_pdbx_audit_revision_item.ordinal 
_pdbx_audit_revision_item.revision_ordinal 
_pdbx_audit_revision_item.data_content_type 
_pdbx_audit_revision_item.item 
1 4 'Structure model' '_database_2.pdbx_DOI'                
2 4 'Structure model' '_database_2.pdbx_database_accession' 
3 4 'Structure model' '_struct_ref_seq_dif.details'         
4 4 'Structure model' '_struct_site.pdbx_auth_asym_id'      
5 4 'Structure model' '_struct_site.pdbx_auth_comp_id'      
6 4 'Structure model' '_struct_site.pdbx_auth_seq_id'       
# 
_pdbx_refine_tls.id               1 
_pdbx_refine_tls.details          ? 
_pdbx_refine_tls.method           refined 
_pdbx_refine_tls.origin_x         0.3359 
_pdbx_refine_tls.origin_y         0.0904 
_pdbx_refine_tls.origin_z         -0.4553 
_pdbx_refine_tls.T[1][1]          -0.2334 
_pdbx_refine_tls.T[2][2]          -0.0073 
_pdbx_refine_tls.T[3][3]          -0.3581 
_pdbx_refine_tls.T[1][2]          0.1539 
_pdbx_refine_tls.T[1][3]          -0.0388 
_pdbx_refine_tls.T[2][3]          -0.0734 
_pdbx_refine_tls.L[1][1]          6.5904 
_pdbx_refine_tls.L[2][2]          4.6215 
_pdbx_refine_tls.L[3][3]          6.0880 
_pdbx_refine_tls.L[1][2]          -3.3784 
_pdbx_refine_tls.L[1][3]          -1.1522 
_pdbx_refine_tls.L[2][3]          1.4126 
_pdbx_refine_tls.S[1][1]          -0.3084 
_pdbx_refine_tls.S[1][2]          -0.2883 
_pdbx_refine_tls.S[1][3]          0.3792 
_pdbx_refine_tls.S[2][1]          0.0964 
_pdbx_refine_tls.S[2][2]          0.4217 
_pdbx_refine_tls.S[2][3]          -0.1741 
_pdbx_refine_tls.S[3][1]          -0.4467 
_pdbx_refine_tls.S[3][2]          -0.3262 
_pdbx_refine_tls.S[3][3]          -0.1134 
_pdbx_refine_tls.pdbx_refine_id   'X-RAY DIFFRACTION' 
# 
_pdbx_refine_tls_group.id                  1 
_pdbx_refine_tls_group.refine_tls_id       1 
_pdbx_refine_tls_group.beg_auth_asym_id    A 
_pdbx_refine_tls_group.beg_auth_seq_id     73 
_pdbx_refine_tls_group.beg_label_asym_id   A 
_pdbx_refine_tls_group.beg_label_seq_id    35 
_pdbx_refine_tls_group.end_auth_asym_id    A 
_pdbx_refine_tls_group.end_auth_seq_id     244 
_pdbx_refine_tls_group.end_label_asym_id   A 
_pdbx_refine_tls_group.end_label_seq_id    206 
_pdbx_refine_tls_group.selection           ? 
_pdbx_refine_tls_group.pdbx_refine_id      'X-RAY DIFFRACTION' 
_pdbx_refine_tls_group.selection_details   ? 
# 
loop_
_software.name 
_software.classification 
_software.version 
_software.citation_id 
_software.pdbx_ordinal 
REFMAC refinement       5.2.0019  ? 1 
MOSFLM 'data reduction' .         ? 2 
CCP4   'data scaling'   '(SCALA)' ? 3 
PHASER phasing          .         ? 4 
# 
_pdbx_validate_rmsd_bond.id                        1 
_pdbx_validate_rmsd_bond.PDB_model_num             1 
_pdbx_validate_rmsd_bond.auth_atom_id_1            CB 
_pdbx_validate_rmsd_bond.auth_asym_id_1            A 
_pdbx_validate_rmsd_bond.auth_comp_id_1            CYS 
_pdbx_validate_rmsd_bond.auth_seq_id_1             215 
_pdbx_validate_rmsd_bond.PDB_ins_code_1            ? 
_pdbx_validate_rmsd_bond.label_alt_id_1            ? 
_pdbx_validate_rmsd_bond.auth_atom_id_2            SG 
_pdbx_validate_rmsd_bond.auth_asym_id_2            A 
_pdbx_validate_rmsd_bond.auth_comp_id_2            CYS 
_pdbx_validate_rmsd_bond.auth_seq_id_2             215 
_pdbx_validate_rmsd_bond.PDB_ins_code_2            ? 
_pdbx_validate_rmsd_bond.label_alt_id_2            ? 
_pdbx_validate_rmsd_bond.bond_value                1.711 
_pdbx_validate_rmsd_bond.bond_target_value         1.812 
_pdbx_validate_rmsd_bond.bond_deviation            -0.101 
_pdbx_validate_rmsd_bond.bond_standard_deviation   0.016 
_pdbx_validate_rmsd_bond.linker_flag               N 
# 
loop_
_pdbx_validate_torsion.id 
_pdbx_validate_torsion.PDB_model_num 
_pdbx_validate_torsion.auth_comp_id 
_pdbx_validate_torsion.auth_asym_id 
_pdbx_validate_torsion.auth_seq_id 
_pdbx_validate_torsion.PDB_ins_code 
_pdbx_validate_torsion.label_alt_id 
_pdbx_validate_torsion.phi 
_pdbx_validate_torsion.psi 
1 1 THR A 74  ? ? -83.03  39.68  
2 1 ASP A 131 ? ? -119.26 58.59  
3 1 LYS A 136 ? ? 98.38   -29.35 
4 1 LYS A 192 ? ? 77.15   40.13  
5 1 ARG A 243 ? ? -79.02  33.01  
# 
loop_
_pdbx_unobs_or_zero_occ_atoms.id 
_pdbx_unobs_or_zero_occ_atoms.PDB_model_num 
_pdbx_unobs_or_zero_occ_atoms.polymer_flag 
_pdbx_unobs_or_zero_occ_atoms.occupancy_flag 
_pdbx_unobs_or_zero_occ_atoms.auth_asym_id 
_pdbx_unobs_or_zero_occ_atoms.auth_comp_id 
_pdbx_unobs_or_zero_occ_atoms.auth_seq_id 
_pdbx_unobs_or_zero_occ_atoms.PDB_ins_code 
_pdbx_unobs_or_zero_occ_atoms.auth_atom_id 
_pdbx_unobs_or_zero_occ_atoms.label_alt_id 
_pdbx_unobs_or_zero_occ_atoms.label_asym_id 
_pdbx_unobs_or_zero_occ_atoms.label_comp_id 
_pdbx_unobs_or_zero_occ_atoms.label_seq_id 
_pdbx_unobs_or_zero_occ_atoms.label_atom_id 
1  1 Y 1 A LEU 109 ? CB  ? A LEU 71  CB  
2  1 Y 1 A LEU 109 ? CG  ? A LEU 71  CG  
3  1 Y 1 A LEU 109 ? CD1 ? A LEU 71  CD1 
4  1 Y 1 A LEU 109 ? CD2 ? A LEU 71  CD2 
5  1 Y 1 A GLU 111 ? CG  ? A GLU 73  CG  
6  1 Y 1 A GLU 111 ? CD  ? A GLU 73  CD  
7  1 Y 1 A GLU 111 ? OE1 ? A GLU 73  OE1 
8  1 Y 1 A GLU 111 ? OE2 ? A GLU 73  OE2 
9  1 Y 1 A ASN 135 ? CG  ? A ASN 97  CG  
10 1 Y 1 A ASN 135 ? OD1 ? A ASN 97  OD1 
11 1 Y 1 A ASN 135 ? ND2 ? A ASN 97  ND2 
12 1 Y 1 A LYS 136 ? CG  ? A LYS 98  CG  
13 1 Y 1 A LYS 136 ? CD  ? A LYS 98  CD  
14 1 Y 1 A LYS 136 ? CE  ? A LYS 98  CE  
15 1 Y 1 A LYS 136 ? NZ  ? A LYS 98  NZ  
16 1 Y 1 A ARG 179 ? CG  ? A ARG 141 CG  
17 1 Y 1 A ARG 179 ? CD  ? A ARG 141 CD  
18 1 Y 1 A ARG 179 ? NE  ? A ARG 141 NE  
19 1 Y 1 A ARG 179 ? CZ  ? A ARG 141 CZ  
20 1 Y 1 A ARG 179 ? NH1 ? A ARG 141 NH1 
21 1 Y 1 A ARG 179 ? NH2 ? A ARG 141 NH2 
22 1 Y 1 A GLU 182 ? CG  ? A GLU 144 CG  
23 1 Y 1 A GLU 182 ? CD  ? A GLU 144 CD  
24 1 Y 1 A GLU 182 ? OE1 ? A GLU 144 OE1 
25 1 Y 1 A GLU 182 ? OE2 ? A GLU 144 OE2 
26 1 Y 1 A ASP 183 ? OD1 ? A ASP 145 OD1 
27 1 Y 1 A ASP 183 ? OD2 ? A ASP 145 OD2 
28 1 Y 1 A ARG 197 ? CG  ? A ARG 159 CG  
29 1 Y 1 A ARG 197 ? CD  ? A ARG 159 CD  
30 1 Y 1 A ARG 197 ? NE  ? A ARG 159 NE  
31 1 Y 1 A ARG 197 ? CZ  ? A ARG 159 CZ  
32 1 Y 1 A ARG 197 ? NH1 ? A ARG 159 NH1 
33 1 Y 1 A ARG 197 ? NH2 ? A ARG 159 NH2 
34 1 Y 1 A LYS 229 ? CG  ? A LYS 191 CG  
35 1 Y 1 A LYS 229 ? CD  ? A LYS 191 CD  
36 1 Y 1 A LYS 229 ? CE  ? A LYS 191 CE  
37 1 Y 1 A LYS 229 ? NZ  ? A LYS 191 NZ  
# 
loop_
_pdbx_unobs_or_zero_occ_residues.id 
_pdbx_unobs_or_zero_occ_residues.PDB_model_num 
_pdbx_unobs_or_zero_occ_residues.polymer_flag 
_pdbx_unobs_or_zero_occ_residues.occupancy_flag 
_pdbx_unobs_or_zero_occ_residues.auth_asym_id 
_pdbx_unobs_or_zero_occ_residues.auth_comp_id 
_pdbx_unobs_or_zero_occ_residues.auth_seq_id 
_pdbx_unobs_or_zero_occ_residues.PDB_ins_code 
_pdbx_unobs_or_zero_occ_residues.label_asym_id 
_pdbx_unobs_or_zero_occ_residues.label_comp_id 
_pdbx_unobs_or_zero_occ_residues.label_seq_id 
1  1 Y 1 A MET -22 ? A MET 1   
2  1 Y 1 A HIS -21 ? A HIS 2   
3  1 Y 1 A HIS -20 ? A HIS 3   
4  1 Y 1 A HIS -19 ? A HIS 4   
5  1 Y 1 A HIS -18 ? A HIS 5   
6  1 Y 1 A HIS -17 ? A HIS 6   
7  1 Y 1 A HIS -16 ? A HIS 7   
8  1 Y 1 A SER -15 ? A SER 8   
9  1 Y 1 A SER -14 ? A SER 9   
10 1 Y 1 A GLY -13 ? A GLY 10  
11 1 Y 1 A VAL -12 ? A VAL 11  
12 1 Y 1 A ASP -11 ? A ASP 12  
13 1 Y 1 A LEU -10 ? A LEU 13  
14 1 Y 1 A GLY -9  ? A GLY 14  
15 1 Y 1 A THR -8  ? A THR 15  
16 1 Y 1 A GLU -7  ? A GLU 16  
17 1 Y 1 A ASN -6  ? A ASN 17  
18 1 Y 1 A LEU -5  ? A LEU 18  
19 1 Y 1 A TYR -4  ? A TYR 19  
20 1 Y 1 A PHE -3  ? A PHE 20  
21 1 Y 1 A GLN -2  ? A GLN 21  
22 1 Y 1 A SER -1  ? A SER 22  
23 1 Y 1 A MET 0   ? A MET 23  
24 1 Y 1 A SER 62  ? A SER 24  
25 1 Y 1 A THR 63  ? A THR 25  
26 1 Y 1 A ASP 64  ? A ASP 26  
27 1 Y 1 A SER 65  ? A SER 27  
28 1 Y 1 A VAL 66  ? A VAL 28  
29 1 Y 1 A ILE 67  ? A ILE 29  
30 1 Y 1 A SER 68  ? A SER 30  
31 1 Y 1 A SER 69  ? A SER 31  
32 1 Y 1 A GLU 70  ? A GLU 32  
33 1 Y 1 A SER 71  ? A SER 33  
34 1 Y 1 A GLY 72  ? A GLY 34  
35 1 Y 1 A CYS 106 ? A CYS 68  
36 1 Y 1 A GLU 107 ? A GLU 69  
37 1 Y 1 A VAL 108 ? A VAL 70  
38 1 Y 1 A SER 245 ? A SER 207 
39 1 Y 1 A LYS 246 ? A LYS 208 
40 1 Y 1 A GLU 247 ? A GLU 209 
41 1 Y 1 A LYS 248 ? A LYS 210 
42 1 Y 1 A ASN 249 ? A ASN 211 
# 
loop_
_chem_comp_atom.comp_id 
_chem_comp_atom.atom_id 
_chem_comp_atom.type_symbol 
_chem_comp_atom.pdbx_aromatic_flag 
_chem_comp_atom.pdbx_stereo_config 
_chem_comp_atom.pdbx_ordinal 
ALA N      N N N 1   
ALA CA     C N S 2   
ALA C      C N N 3   
ALA O      O N N 4   
ALA CB     C N N 5   
ALA OXT    O N N 6   
ALA H      H N N 7   
ALA H2     H N N 8   
ALA HA     H N N 9   
ALA HB1    H N N 10  
ALA HB2    H N N 11  
ALA HB3    H N N 12  
ALA HXT    H N N 13  
ARG N      N N N 14  
ARG CA     C N S 15  
ARG C      C N N 16  
ARG O      O N N 17  
ARG CB     C N N 18  
ARG CG     C N N 19  
ARG CD     C N N 20  
ARG NE     N N N 21  
ARG CZ     C N N 22  
ARG NH1    N N N 23  
ARG NH2    N N N 24  
ARG OXT    O N N 25  
ARG H      H N N 26  
ARG H2     H N N 27  
ARG HA     H N N 28  
ARG HB2    H N N 29  
ARG HB3    H N N 30  
ARG HG2    H N N 31  
ARG HG3    H N N 32  
ARG HD2    H N N 33  
ARG HD3    H N N 34  
ARG HE     H N N 35  
ARG HH11   H N N 36  
ARG HH12   H N N 37  
ARG HH21   H N N 38  
ARG HH22   H N N 39  
ARG HXT    H N N 40  
ASN N      N N N 41  
ASN CA     C N S 42  
ASN C      C N N 43  
ASN O      O N N 44  
ASN CB     C N N 45  
ASN CG     C N N 46  
ASN OD1    O N N 47  
ASN ND2    N N N 48  
ASN OXT    O N N 49  
ASN H      H N N 50  
ASN H2     H N N 51  
ASN HA     H N N 52  
ASN HB2    H N N 53  
ASN HB3    H N N 54  
ASN HD21   H N N 55  
ASN HD22   H N N 56  
ASN HXT    H N N 57  
ASP N      N N N 58  
ASP CA     C N S 59  
ASP C      C N N 60  
ASP O      O N N 61  
ASP CB     C N N 62  
ASP CG     C N N 63  
ASP OD1    O N N 64  
ASP OD2    O N N 65  
ASP OXT    O N N 66  
ASP H      H N N 67  
ASP H2     H N N 68  
ASP HA     H N N 69  
ASP HB2    H N N 70  
ASP HB3    H N N 71  
ASP HD2    H N N 72  
ASP HXT    H N N 73  
CYS N      N N N 74  
CYS CA     C N R 75  
CYS C      C N N 76  
CYS O      O N N 77  
CYS CB     C N N 78  
CYS SG     S N N 79  
CYS OXT    O N N 80  
CYS H      H N N 81  
CYS H2     H N N 82  
CYS HA     H N N 83  
CYS HB2    H N N 84  
CYS HB3    H N N 85  
CYS HG     H N N 86  
CYS HXT    H N N 87  
GDP PB     P N N 88  
GDP O1B    O N N 89  
GDP O2B    O N N 90  
GDP O3B    O N N 91  
GDP O3A    O N N 92  
GDP PA     P N N 93  
GDP O1A    O N N 94  
GDP O2A    O N N 95  
GDP "O5'"  O N N 96  
GDP "C5'"  C N N 97  
GDP "C4'"  C N R 98  
GDP "O4'"  O N N 99  
GDP "C3'"  C N S 100 
GDP "O3'"  O N N 101 
GDP "C2'"  C N R 102 
GDP "O2'"  O N N 103 
GDP "C1'"  C N R 104 
GDP N9     N Y N 105 
GDP C8     C Y N 106 
GDP N7     N Y N 107 
GDP C5     C Y N 108 
GDP C6     C N N 109 
GDP O6     O N N 110 
GDP N1     N N N 111 
GDP C2     C N N 112 
GDP N2     N N N 113 
GDP N3     N N N 114 
GDP C4     C Y N 115 
GDP HOB2   H N N 116 
GDP HOB3   H N N 117 
GDP HOA2   H N N 118 
GDP "H5'"  H N N 119 
GDP "H5''" H N N 120 
GDP "H4'"  H N N 121 
GDP "H3'"  H N N 122 
GDP "HO3'" H N N 123 
GDP "H2'"  H N N 124 
GDP "HO2'" H N N 125 
GDP "H1'"  H N N 126 
GDP H8     H N N 127 
GDP HN1    H N N 128 
GDP HN21   H N N 129 
GDP HN22   H N N 130 
GLN N      N N N 131 
GLN CA     C N S 132 
GLN C      C N N 133 
GLN O      O N N 134 
GLN CB     C N N 135 
GLN CG     C N N 136 
GLN CD     C N N 137 
GLN OE1    O N N 138 
GLN NE2    N N N 139 
GLN OXT    O N N 140 
GLN H      H N N 141 
GLN H2     H N N 142 
GLN HA     H N N 143 
GLN HB2    H N N 144 
GLN HB3    H N N 145 
GLN HG2    H N N 146 
GLN HG3    H N N 147 
GLN HE21   H N N 148 
GLN HE22   H N N 149 
GLN HXT    H N N 150 
GLU N      N N N 151 
GLU CA     C N S 152 
GLU C      C N N 153 
GLU O      O N N 154 
GLU CB     C N N 155 
GLU CG     C N N 156 
GLU CD     C N N 157 
GLU OE1    O N N 158 
GLU OE2    O N N 159 
GLU OXT    O N N 160 
GLU H      H N N 161 
GLU H2     H N N 162 
GLU HA     H N N 163 
GLU HB2    H N N 164 
GLU HB3    H N N 165 
GLU HG2    H N N 166 
GLU HG3    H N N 167 
GLU HE2    H N N 168 
GLU HXT    H N N 169 
GLY N      N N N 170 
GLY CA     C N N 171 
GLY C      C N N 172 
GLY O      O N N 173 
GLY OXT    O N N 174 
GLY H      H N N 175 
GLY H2     H N N 176 
GLY HA2    H N N 177 
GLY HA3    H N N 178 
GLY HXT    H N N 179 
HIS N      N N N 180 
HIS CA     C N S 181 
HIS C      C N N 182 
HIS O      O N N 183 
HIS CB     C N N 184 
HIS CG     C Y N 185 
HIS ND1    N Y N 186 
HIS CD2    C Y N 187 
HIS CE1    C Y N 188 
HIS NE2    N Y N 189 
HIS OXT    O N N 190 
HIS H      H N N 191 
HIS H2     H N N 192 
HIS HA     H N N 193 
HIS HB2    H N N 194 
HIS HB3    H N N 195 
HIS HD1    H N N 196 
HIS HD2    H N N 197 
HIS HE1    H N N 198 
HIS HE2    H N N 199 
HIS HXT    H N N 200 
HOH O      O N N 201 
HOH H1     H N N 202 
HOH H2     H N N 203 
ILE N      N N N 204 
ILE CA     C N S 205 
ILE C      C N N 206 
ILE O      O N N 207 
ILE CB     C N S 208 
ILE CG1    C N N 209 
ILE CG2    C N N 210 
ILE CD1    C N N 211 
ILE OXT    O N N 212 
ILE H      H N N 213 
ILE H2     H N N 214 
ILE HA     H N N 215 
ILE HB     H N N 216 
ILE HG12   H N N 217 
ILE HG13   H N N 218 
ILE HG21   H N N 219 
ILE HG22   H N N 220 
ILE HG23   H N N 221 
ILE HD11   H N N 222 
ILE HD12   H N N 223 
ILE HD13   H N N 224 
ILE HXT    H N N 225 
LEU N      N N N 226 
LEU CA     C N S 227 
LEU C      C N N 228 
LEU O      O N N 229 
LEU CB     C N N 230 
LEU CG     C N N 231 
LEU CD1    C N N 232 
LEU CD2    C N N 233 
LEU OXT    O N N 234 
LEU H      H N N 235 
LEU H2     H N N 236 
LEU HA     H N N 237 
LEU HB2    H N N 238 
LEU HB3    H N N 239 
LEU HG     H N N 240 
LEU HD11   H N N 241 
LEU HD12   H N N 242 
LEU HD13   H N N 243 
LEU HD21   H N N 244 
LEU HD22   H N N 245 
LEU HD23   H N N 246 
LEU HXT    H N N 247 
LYS N      N N N 248 
LYS CA     C N S 249 
LYS C      C N N 250 
LYS O      O N N 251 
LYS CB     C N N 252 
LYS CG     C N N 253 
LYS CD     C N N 254 
LYS CE     C N N 255 
LYS NZ     N N N 256 
LYS OXT    O N N 257 
LYS H      H N N 258 
LYS H2     H N N 259 
LYS HA     H N N 260 
LYS HB2    H N N 261 
LYS HB3    H N N 262 
LYS HG2    H N N 263 
LYS HG3    H N N 264 
LYS HD2    H N N 265 
LYS HD3    H N N 266 
LYS HE2    H N N 267 
LYS HE3    H N N 268 
LYS HZ1    H N N 269 
LYS HZ2    H N N 270 
LYS HZ3    H N N 271 
LYS HXT    H N N 272 
MET N      N N N 273 
MET CA     C N S 274 
MET C      C N N 275 
MET O      O N N 276 
MET CB     C N N 277 
MET CG     C N N 278 
MET SD     S N N 279 
MET CE     C N N 280 
MET OXT    O N N 281 
MET H      H N N 282 
MET H2     H N N 283 
MET HA     H N N 284 
MET HB2    H N N 285 
MET HB3    H N N 286 
MET HG2    H N N 287 
MET HG3    H N N 288 
MET HE1    H N N 289 
MET HE2    H N N 290 
MET HE3    H N N 291 
MET HXT    H N N 292 
PHE N      N N N 293 
PHE CA     C N S 294 
PHE C      C N N 295 
PHE O      O N N 296 
PHE CB     C N N 297 
PHE CG     C Y N 298 
PHE CD1    C Y N 299 
PHE CD2    C Y N 300 
PHE CE1    C Y N 301 
PHE CE2    C Y N 302 
PHE CZ     C Y N 303 
PHE OXT    O N N 304 
PHE H      H N N 305 
PHE H2     H N N 306 
PHE HA     H N N 307 
PHE HB2    H N N 308 
PHE HB3    H N N 309 
PHE HD1    H N N 310 
PHE HD2    H N N 311 
PHE HE1    H N N 312 
PHE HE2    H N N 313 
PHE HZ     H N N 314 
PHE HXT    H N N 315 
PRO N      N N N 316 
PRO CA     C N S 317 
PRO C      C N N 318 
PRO O      O N N 319 
PRO CB     C N N 320 
PRO CG     C N N 321 
PRO CD     C N N 322 
PRO OXT    O N N 323 
PRO H      H N N 324 
PRO HA     H N N 325 
PRO HB2    H N N 326 
PRO HB3    H N N 327 
PRO HG2    H N N 328 
PRO HG3    H N N 329 
PRO HD2    H N N 330 
PRO HD3    H N N 331 
PRO HXT    H N N 332 
SER N      N N N 333 
SER CA     C N S 334 
SER C      C N N 335 
SER O      O N N 336 
SER CB     C N N 337 
SER OG     O N N 338 
SER OXT    O N N 339 
SER H      H N N 340 
SER H2     H N N 341 
SER HA     H N N 342 
SER HB2    H N N 343 
SER HB3    H N N 344 
SER HG     H N N 345 
SER HXT    H N N 346 
THR N      N N N 347 
THR CA     C N S 348 
THR C      C N N 349 
THR O      O N N 350 
THR CB     C N R 351 
THR OG1    O N N 352 
THR CG2    C N N 353 
THR OXT    O N N 354 
THR H      H N N 355 
THR H2     H N N 356 
THR HA     H N N 357 
THR HB     H N N 358 
THR HG1    H N N 359 
THR HG21   H N N 360 
THR HG22   H N N 361 
THR HG23   H N N 362 
THR HXT    H N N 363 
TRP N      N N N 364 
TRP CA     C N S 365 
TRP C      C N N 366 
TRP O      O N N 367 
TRP CB     C N N 368 
TRP CG     C Y N 369 
TRP CD1    C Y N 370 
TRP CD2    C Y N 371 
TRP NE1    N Y N 372 
TRP CE2    C Y N 373 
TRP CE3    C Y N 374 
TRP CZ2    C Y N 375 
TRP CZ3    C Y N 376 
TRP CH2    C Y N 377 
TRP OXT    O N N 378 
TRP H      H N N 379 
TRP H2     H N N 380 
TRP HA     H N N 381 
TRP HB2    H N N 382 
TRP HB3    H N N 383 
TRP HD1    H N N 384 
TRP HE1    H N N 385 
TRP HE3    H N N 386 
TRP HZ2    H N N 387 
TRP HZ3    H N N 388 
TRP HH2    H N N 389 
TRP HXT    H N N 390 
TYR N      N N N 391 
TYR CA     C N S 392 
TYR C      C N N 393 
TYR O      O N N 394 
TYR CB     C N N 395 
TYR CG     C Y N 396 
TYR CD1    C Y N 397 
TYR CD2    C Y N 398 
TYR CE1    C Y N 399 
TYR CE2    C Y N 400 
TYR CZ     C Y N 401 
TYR OH     O N N 402 
TYR OXT    O N N 403 
TYR H      H N N 404 
TYR H2     H N N 405 
TYR HA     H N N 406 
TYR HB2    H N N 407 
TYR HB3    H N N 408 
TYR HD1    H N N 409 
TYR HD2    H N N 410 
TYR HE1    H N N 411 
TYR HE2    H N N 412 
TYR HH     H N N 413 
TYR HXT    H N N 414 
VAL N      N N N 415 
VAL CA     C N S 416 
VAL C      C N N 417 
VAL O      O N N 418 
VAL CB     C N N 419 
VAL CG1    C N N 420 
VAL CG2    C N N 421 
VAL OXT    O N N 422 
VAL H      H N N 423 
VAL H2     H N N 424 
VAL HA     H N N 425 
VAL HB     H N N 426 
VAL HG11   H N N 427 
VAL HG12   H N N 428 
VAL HG13   H N N 429 
VAL HG21   H N N 430 
VAL HG22   H N N 431 
VAL HG23   H N N 432 
VAL HXT    H N N 433 
# 
loop_
_chem_comp_bond.comp_id 
_chem_comp_bond.atom_id_1 
_chem_comp_bond.atom_id_2 
_chem_comp_bond.value_order 
_chem_comp_bond.pdbx_aromatic_flag 
_chem_comp_bond.pdbx_stereo_config 
_chem_comp_bond.pdbx_ordinal 
ALA N     CA     sing N N 1   
ALA N     H      sing N N 2   
ALA N     H2     sing N N 3   
ALA CA    C      sing N N 4   
ALA CA    CB     sing N N 5   
ALA CA    HA     sing N N 6   
ALA C     O      doub N N 7   
ALA C     OXT    sing N N 8   
ALA CB    HB1    sing N N 9   
ALA CB    HB2    sing N N 10  
ALA CB    HB3    sing N N 11  
ALA OXT   HXT    sing N N 12  
ARG N     CA     sing N N 13  
ARG N     H      sing N N 14  
ARG N     H2     sing N N 15  
ARG CA    C      sing N N 16  
ARG CA    CB     sing N N 17  
ARG CA    HA     sing N N 18  
ARG C     O      doub N N 19  
ARG C     OXT    sing N N 20  
ARG CB    CG     sing N N 21  
ARG CB    HB2    sing N N 22  
ARG CB    HB3    sing N N 23  
ARG CG    CD     sing N N 24  
ARG CG    HG2    sing N N 25  
ARG CG    HG3    sing N N 26  
ARG CD    NE     sing N N 27  
ARG CD    HD2    sing N N 28  
ARG CD    HD3    sing N N 29  
ARG NE    CZ     sing N N 30  
ARG NE    HE     sing N N 31  
ARG CZ    NH1    sing N N 32  
ARG CZ    NH2    doub N N 33  
ARG NH1   HH11   sing N N 34  
ARG NH1   HH12   sing N N 35  
ARG NH2   HH21   sing N N 36  
ARG NH2   HH22   sing N N 37  
ARG OXT   HXT    sing N N 38  
ASN N     CA     sing N N 39  
ASN N     H      sing N N 40  
ASN N     H2     sing N N 41  
ASN CA    C      sing N N 42  
ASN CA    CB     sing N N 43  
ASN CA    HA     sing N N 44  
ASN C     O      doub N N 45  
ASN C     OXT    sing N N 46  
ASN CB    CG     sing N N 47  
ASN CB    HB2    sing N N 48  
ASN CB    HB3    sing N N 49  
ASN CG    OD1    doub N N 50  
ASN CG    ND2    sing N N 51  
ASN ND2   HD21   sing N N 52  
ASN ND2   HD22   sing N N 53  
ASN OXT   HXT    sing N N 54  
ASP N     CA     sing N N 55  
ASP N     H      sing N N 56  
ASP N     H2     sing N N 57  
ASP CA    C      sing N N 58  
ASP CA    CB     sing N N 59  
ASP CA    HA     sing N N 60  
ASP C     O      doub N N 61  
ASP C     OXT    sing N N 62  
ASP CB    CG     sing N N 63  
ASP CB    HB2    sing N N 64  
ASP CB    HB3    sing N N 65  
ASP CG    OD1    doub N N 66  
ASP CG    OD2    sing N N 67  
ASP OD2   HD2    sing N N 68  
ASP OXT   HXT    sing N N 69  
CYS N     CA     sing N N 70  
CYS N     H      sing N N 71  
CYS N     H2     sing N N 72  
CYS CA    C      sing N N 73  
CYS CA    CB     sing N N 74  
CYS CA    HA     sing N N 75  
CYS C     O      doub N N 76  
CYS C     OXT    sing N N 77  
CYS CB    SG     sing N N 78  
CYS CB    HB2    sing N N 79  
CYS CB    HB3    sing N N 80  
CYS SG    HG     sing N N 81  
CYS OXT   HXT    sing N N 82  
GDP PB    O1B    doub N N 83  
GDP PB    O2B    sing N N 84  
GDP PB    O3B    sing N N 85  
GDP PB    O3A    sing N N 86  
GDP O2B   HOB2   sing N N 87  
GDP O3B   HOB3   sing N N 88  
GDP O3A   PA     sing N N 89  
GDP PA    O1A    doub N N 90  
GDP PA    O2A    sing N N 91  
GDP PA    "O5'"  sing N N 92  
GDP O2A   HOA2   sing N N 93  
GDP "O5'" "C5'"  sing N N 94  
GDP "C5'" "C4'"  sing N N 95  
GDP "C5'" "H5'"  sing N N 96  
GDP "C5'" "H5''" sing N N 97  
GDP "C4'" "O4'"  sing N N 98  
GDP "C4'" "C3'"  sing N N 99  
GDP "C4'" "H4'"  sing N N 100 
GDP "O4'" "C1'"  sing N N 101 
GDP "C3'" "O3'"  sing N N 102 
GDP "C3'" "C2'"  sing N N 103 
GDP "C3'" "H3'"  sing N N 104 
GDP "O3'" "HO3'" sing N N 105 
GDP "C2'" "O2'"  sing N N 106 
GDP "C2'" "C1'"  sing N N 107 
GDP "C2'" "H2'"  sing N N 108 
GDP "O2'" "HO2'" sing N N 109 
GDP "C1'" N9     sing N N 110 
GDP "C1'" "H1'"  sing N N 111 
GDP N9    C8     sing Y N 112 
GDP N9    C4     sing Y N 113 
GDP C8    N7     doub Y N 114 
GDP C8    H8     sing N N 115 
GDP N7    C5     sing Y N 116 
GDP C5    C6     sing N N 117 
GDP C5    C4     doub Y N 118 
GDP C6    O6     doub N N 119 
GDP C6    N1     sing N N 120 
GDP N1    C2     sing N N 121 
GDP N1    HN1    sing N N 122 
GDP C2    N2     sing N N 123 
GDP C2    N3     doub N N 124 
GDP N2    HN21   sing N N 125 
GDP N2    HN22   sing N N 126 
GDP N3    C4     sing N N 127 
GLN N     CA     sing N N 128 
GLN N     H      sing N N 129 
GLN N     H2     sing N N 130 
GLN CA    C      sing N N 131 
GLN CA    CB     sing N N 132 
GLN CA    HA     sing N N 133 
GLN C     O      doub N N 134 
GLN C     OXT    sing N N 135 
GLN CB    CG     sing N N 136 
GLN CB    HB2    sing N N 137 
GLN CB    HB3    sing N N 138 
GLN CG    CD     sing N N 139 
GLN CG    HG2    sing N N 140 
GLN CG    HG3    sing N N 141 
GLN CD    OE1    doub N N 142 
GLN CD    NE2    sing N N 143 
GLN NE2   HE21   sing N N 144 
GLN NE2   HE22   sing N N 145 
GLN OXT   HXT    sing N N 146 
GLU N     CA     sing N N 147 
GLU N     H      sing N N 148 
GLU N     H2     sing N N 149 
GLU CA    C      sing N N 150 
GLU CA    CB     sing N N 151 
GLU CA    HA     sing N N 152 
GLU C     O      doub N N 153 
GLU C     OXT    sing N N 154 
GLU CB    CG     sing N N 155 
GLU CB    HB2    sing N N 156 
GLU CB    HB3    sing N N 157 
GLU CG    CD     sing N N 158 
GLU CG    HG2    sing N N 159 
GLU CG    HG3    sing N N 160 
GLU CD    OE1    doub N N 161 
GLU CD    OE2    sing N N 162 
GLU OE2   HE2    sing N N 163 
GLU OXT   HXT    sing N N 164 
GLY N     CA     sing N N 165 
GLY N     H      sing N N 166 
GLY N     H2     sing N N 167 
GLY CA    C      sing N N 168 
GLY CA    HA2    sing N N 169 
GLY CA    HA3    sing N N 170 
GLY C     O      doub N N 171 
GLY C     OXT    sing N N 172 
GLY OXT   HXT    sing N N 173 
HIS N     CA     sing N N 174 
HIS N     H      sing N N 175 
HIS N     H2     sing N N 176 
HIS CA    C      sing N N 177 
HIS CA    CB     sing N N 178 
HIS CA    HA     sing N N 179 
HIS C     O      doub N N 180 
HIS C     OXT    sing N N 181 
HIS CB    CG     sing N N 182 
HIS CB    HB2    sing N N 183 
HIS CB    HB3    sing N N 184 
HIS CG    ND1    sing Y N 185 
HIS CG    CD2    doub Y N 186 
HIS ND1   CE1    doub Y N 187 
HIS ND1   HD1    sing N N 188 
HIS CD2   NE2    sing Y N 189 
HIS CD2   HD2    sing N N 190 
HIS CE1   NE2    sing Y N 191 
HIS CE1   HE1    sing N N 192 
HIS NE2   HE2    sing N N 193 
HIS OXT   HXT    sing N N 194 
HOH O     H1     sing N N 195 
HOH O     H2     sing N N 196 
ILE N     CA     sing N N 197 
ILE N     H      sing N N 198 
ILE N     H2     sing N N 199 
ILE CA    C      sing N N 200 
ILE CA    CB     sing N N 201 
ILE CA    HA     sing N N 202 
ILE C     O      doub N N 203 
ILE C     OXT    sing N N 204 
ILE CB    CG1    sing N N 205 
ILE CB    CG2    sing N N 206 
ILE CB    HB     sing N N 207 
ILE CG1   CD1    sing N N 208 
ILE CG1   HG12   sing N N 209 
ILE CG1   HG13   sing N N 210 
ILE CG2   HG21   sing N N 211 
ILE CG2   HG22   sing N N 212 
ILE CG2   HG23   sing N N 213 
ILE CD1   HD11   sing N N 214 
ILE CD1   HD12   sing N N 215 
ILE CD1   HD13   sing N N 216 
ILE OXT   HXT    sing N N 217 
LEU N     CA     sing N N 218 
LEU N     H      sing N N 219 
LEU N     H2     sing N N 220 
LEU CA    C      sing N N 221 
LEU CA    CB     sing N N 222 
LEU CA    HA     sing N N 223 
LEU C     O      doub N N 224 
LEU C     OXT    sing N N 225 
LEU CB    CG     sing N N 226 
LEU CB    HB2    sing N N 227 
LEU CB    HB3    sing N N 228 
LEU CG    CD1    sing N N 229 
LEU CG    CD2    sing N N 230 
LEU CG    HG     sing N N 231 
LEU CD1   HD11   sing N N 232 
LEU CD1   HD12   sing N N 233 
LEU CD1   HD13   sing N N 234 
LEU CD2   HD21   sing N N 235 
LEU CD2   HD22   sing N N 236 
LEU CD2   HD23   sing N N 237 
LEU OXT   HXT    sing N N 238 
LYS N     CA     sing N N 239 
LYS N     H      sing N N 240 
LYS N     H2     sing N N 241 
LYS CA    C      sing N N 242 
LYS CA    CB     sing N N 243 
LYS CA    HA     sing N N 244 
LYS C     O      doub N N 245 
LYS C     OXT    sing N N 246 
LYS CB    CG     sing N N 247 
LYS CB    HB2    sing N N 248 
LYS CB    HB3    sing N N 249 
LYS CG    CD     sing N N 250 
LYS CG    HG2    sing N N 251 
LYS CG    HG3    sing N N 252 
LYS CD    CE     sing N N 253 
LYS CD    HD2    sing N N 254 
LYS CD    HD3    sing N N 255 
LYS CE    NZ     sing N N 256 
LYS CE    HE2    sing N N 257 
LYS CE    HE3    sing N N 258 
LYS NZ    HZ1    sing N N 259 
LYS NZ    HZ2    sing N N 260 
LYS NZ    HZ3    sing N N 261 
LYS OXT   HXT    sing N N 262 
MET N     CA     sing N N 263 
MET N     H      sing N N 264 
MET N     H2     sing N N 265 
MET CA    C      sing N N 266 
MET CA    CB     sing N N 267 
MET CA    HA     sing N N 268 
MET C     O      doub N N 269 
MET C     OXT    sing N N 270 
MET CB    CG     sing N N 271 
MET CB    HB2    sing N N 272 
MET CB    HB3    sing N N 273 
MET CG    SD     sing N N 274 
MET CG    HG2    sing N N 275 
MET CG    HG3    sing N N 276 
MET SD    CE     sing N N 277 
MET CE    HE1    sing N N 278 
MET CE    HE2    sing N N 279 
MET CE    HE3    sing N N 280 
MET OXT   HXT    sing N N 281 
PHE N     CA     sing N N 282 
PHE N     H      sing N N 283 
PHE N     H2     sing N N 284 
PHE CA    C      sing N N 285 
PHE CA    CB     sing N N 286 
PHE CA    HA     sing N N 287 
PHE C     O      doub N N 288 
PHE C     OXT    sing N N 289 
PHE CB    CG     sing N N 290 
PHE CB    HB2    sing N N 291 
PHE CB    HB3    sing N N 292 
PHE CG    CD1    doub Y N 293 
PHE CG    CD2    sing Y N 294 
PHE CD1   CE1    sing Y N 295 
PHE CD1   HD1    sing N N 296 
PHE CD2   CE2    doub Y N 297 
PHE CD2   HD2    sing N N 298 
PHE CE1   CZ     doub Y N 299 
PHE CE1   HE1    sing N N 300 
PHE CE2   CZ     sing Y N 301 
PHE CE2   HE2    sing N N 302 
PHE CZ    HZ     sing N N 303 
PHE OXT   HXT    sing N N 304 
PRO N     CA     sing N N 305 
PRO N     CD     sing N N 306 
PRO N     H      sing N N 307 
PRO CA    C      sing N N 308 
PRO CA    CB     sing N N 309 
PRO CA    HA     sing N N 310 
PRO C     O      doub N N 311 
PRO C     OXT    sing N N 312 
PRO CB    CG     sing N N 313 
PRO CB    HB2    sing N N 314 
PRO CB    HB3    sing N N 315 
PRO CG    CD     sing N N 316 
PRO CG    HG2    sing N N 317 
PRO CG    HG3    sing N N 318 
PRO CD    HD2    sing N N 319 
PRO CD    HD3    sing N N 320 
PRO OXT   HXT    sing N N 321 
SER N     CA     sing N N 322 
SER N     H      sing N N 323 
SER N     H2     sing N N 324 
SER CA    C      sing N N 325 
SER CA    CB     sing N N 326 
SER CA    HA     sing N N 327 
SER C     O      doub N N 328 
SER C     OXT    sing N N 329 
SER CB    OG     sing N N 330 
SER CB    HB2    sing N N 331 
SER CB    HB3    sing N N 332 
SER OG    HG     sing N N 333 
SER OXT   HXT    sing N N 334 
THR N     CA     sing N N 335 
THR N     H      sing N N 336 
THR N     H2     sing N N 337 
THR CA    C      sing N N 338 
THR CA    CB     sing N N 339 
THR CA    HA     sing N N 340 
THR C     O      doub N N 341 
THR C     OXT    sing N N 342 
THR CB    OG1    sing N N 343 
THR CB    CG2    sing N N 344 
THR CB    HB     sing N N 345 
THR OG1   HG1    sing N N 346 
THR CG2   HG21   sing N N 347 
THR CG2   HG22   sing N N 348 
THR CG2   HG23   sing N N 349 
THR OXT   HXT    sing N N 350 
TRP N     CA     sing N N 351 
TRP N     H      sing N N 352 
TRP N     H2     sing N N 353 
TRP CA    C      sing N N 354 
TRP CA    CB     sing N N 355 
TRP CA    HA     sing N N 356 
TRP C     O      doub N N 357 
TRP C     OXT    sing N N 358 
TRP CB    CG     sing N N 359 
TRP CB    HB2    sing N N 360 
TRP CB    HB3    sing N N 361 
TRP CG    CD1    doub Y N 362 
TRP CG    CD2    sing Y N 363 
TRP CD1   NE1    sing Y N 364 
TRP CD1   HD1    sing N N 365 
TRP CD2   CE2    doub Y N 366 
TRP CD2   CE3    sing Y N 367 
TRP NE1   CE2    sing Y N 368 
TRP NE1   HE1    sing N N 369 
TRP CE2   CZ2    sing Y N 370 
TRP CE3   CZ3    doub Y N 371 
TRP CE3   HE3    sing N N 372 
TRP CZ2   CH2    doub Y N 373 
TRP CZ2   HZ2    sing N N 374 
TRP CZ3   CH2    sing Y N 375 
TRP CZ3   HZ3    sing N N 376 
TRP CH2   HH2    sing N N 377 
TRP OXT   HXT    sing N N 378 
TYR N     CA     sing N N 379 
TYR N     H      sing N N 380 
TYR N     H2     sing N N 381 
TYR CA    C      sing N N 382 
TYR CA    CB     sing N N 383 
TYR CA    HA     sing N N 384 
TYR C     O      doub N N 385 
TYR C     OXT    sing N N 386 
TYR CB    CG     sing N N 387 
TYR CB    HB2    sing N N 388 
TYR CB    HB3    sing N N 389 
TYR CG    CD1    doub Y N 390 
TYR CG    CD2    sing Y N 391 
TYR CD1   CE1    sing Y N 392 
TYR CD1   HD1    sing N N 393 
TYR CD2   CE2    doub Y N 394 
TYR CD2   HD2    sing N N 395 
TYR CE1   CZ     doub Y N 396 
TYR CE1   HE1    sing N N 397 
TYR CE2   CZ     sing Y N 398 
TYR CE2   HE2    sing N N 399 
TYR CZ    OH     sing N N 400 
TYR OH    HH     sing N N 401 
TYR OXT   HXT    sing N N 402 
VAL N     CA     sing N N 403 
VAL N     H      sing N N 404 
VAL N     H2     sing N N 405 
VAL CA    C      sing N N 406 
VAL CA    CB     sing N N 407 
VAL CA    HA     sing N N 408 
VAL C     O      doub N N 409 
VAL C     OXT    sing N N 410 
VAL CB    CG1    sing N N 411 
VAL CB    CG2    sing N N 412 
VAL CB    HB     sing N N 413 
VAL CG1   HG11   sing N N 414 
VAL CG1   HG12   sing N N 415 
VAL CG1   HG13   sing N N 416 
VAL CG2   HG21   sing N N 417 
VAL CG2   HG22   sing N N 418 
VAL CG2   HG23   sing N N 419 
VAL OXT   HXT    sing N N 420 
# 
loop_
_pdbx_entity_nonpoly.entity_id 
_pdbx_entity_nonpoly.name 
_pdbx_entity_nonpoly.comp_id 
2 "GUANOSINE-5'-DIPHOSPHATE" GDP 
3 water                      HOH 
# 
loop_
_pdbx_initial_refinement_model.id 
_pdbx_initial_refinement_model.entity_id_list 
_pdbx_initial_refinement_model.type 
_pdbx_initial_refinement_model.source_name 
_pdbx_initial_refinement_model.accession_code 
_pdbx_initial_refinement_model.details 
1 ? 'experimental model' PDB 2RAP '2RAP, 1KAO' 
2 ? 'experimental model' PDB 1KAO '2RAP, 1KAO' 
# 
